data_7Y5Z
#
_entry.id   7Y5Z
#
_cell.length_a   1.00
_cell.length_b   1.00
_cell.length_c   1.00
_cell.angle_alpha   90.00
_cell.angle_beta   90.00
_cell.angle_gamma   90.00
#
_symmetry.space_group_name_H-M   'P 1'
#
loop_
_entity.id
_entity.type
_entity.pdbx_description
1 polymer Nicastrin
2 polymer Presenilin-2
3 polymer 'Gamma-secretase subunit APH-1A'
4 polymer 'Gamma-secretase subunit PEN-2'
5 branched 2-acetamido-2-deoxy-beta-D-glucopyranose-(1-4)-2-acetamido-2-deoxy-beta-D-glucopyranose
6 branched beta-D-mannopyranose-(1-3)-[beta-D-mannopyranose-(1-6)]beta-D-mannopyranose-(1-4)-2-acetamido-2-deoxy-beta-D-glucopyranose-(1-4)-2-acetamido-2-deoxy-beta-D-glucopyranose
7 non-polymer 2-acetamido-2-deoxy-beta-D-glucopyranose
8 non-polymer 1,2-DIACYL-SN-GLYCERO-3-PHOSPHOCHOLINE
9 non-polymer CHOLESTEROL
#
loop_
_entity_poly.entity_id
_entity_poly.type
_entity_poly.pdbx_seq_one_letter_code
_entity_poly.pdbx_strand_id
1 'polypeptide(L)'
;MATAGGGSGADPGSRGLLRLLSFCVLLAGLCRGNSVERKIYIPLNKTAPCVRLLNATHQIGCQSSISGDTGVIHVVEKEE
DLQWVLTDGPNPPYMVLLESKHFTRDLMEKLKGRTSRIAGLAVSLTKPSPASGFSPSVQCPNDGFGVYSNSYGPEFAHCR
EIQWNSLGNGLAYEDFSFPIFLLEDENETKVIKQCYQDHNLSQNGSAPTFPLCAMQLFSHMHAVISTATCMRRSSIQSTF
SINPEIVCDPLSDYNVWSMLKPINTTGTLKPDDRVVVAATRLDSRSFFWNVAPGAESAVASFVTQLAAAEALQKAPDVTT
LPRNVMFVFFQGETFDYIGSSRMVYDMEKGKFPVQLENVDSFVELGQVALRTSLELWMHTDPVSQKNESVRNQVEDLLAT
LEKSGAGVPAVILRRPNQSQPLPPSSLQRFLRARNISGVVLADHSGAFHNKYYQSIYDTAENINVSYPEWLSPEEDLNFV
TDTAKALADVATVLGRALYELAGGTNFSDTVQADPQTVTRLLYGFLIKANNSWFQSILRQDLRSYLGDGPLQHYIAVSSP
TNTTYVVQYALANLTGTVVNLTREQCQDPSKVPSENKDLYEYSWVQGPLHSNETDRLPRCVRSTARLARALSPAFELSQW
SSTEYSTWTESRWKDIRARIFLIASKELELITLTVGFGILIFSLIVTYCINAKADVLFIAPREPGAVSY
;
A
2 'polypeptide(L)'
;MLTFMASDSEEEVCDERTSLMSAESPTPRSCQEGRQGPEDGENTAQWRSQENEEDGEEDPDRYVCSGVPGRPPGLEEELT
LKYGAKHVIMLFVPVTLCMIVVVATIKSVRFYTEKNGQLIYTPFTEDTPSVGQRLLNSVLNTLIMISVIVVMTIFLVVLY
KYRCYKFIHGWLIMSSLMLLFLFTYIYLGEVLKTYNVAMDYPTLLLTVWNFGAVGMVCIHWKGPLVLQQAYLIMISALMA
LVFIKYLPEWSAWVILGAISVYDLVAVLCPKGPLRMLVETAQERNEPIFPALIYSSAMVWTVGMAKLDPSSQGALQLPYD
PEMEEDSYDSFGEPSYPEVFEPPLTGYPGEELEEEEERGVKLGLGDFIFYSVLVGKAAATGSGDWNTTLACFVAILIGLC
LTLLLLAVFKKALPALPISITFGLIFYFSTDNLVRPFMDTLASHQLYI
;
B
3 'polypeptide(L)'
;MGAAVFFGCTFVAFGPAFALFLITVAGDPLRVIILVAGAFFWLVSLLLASVVWFILVHVTDRSDARLQYGLLIFGAAVSV
LLQEVFRFAYYKLLKKADEGLASLSEDGRSPISIRQMAYVSGLSFGIISGVFSVINILADALGPGVVGIHGDSPYYFLTS
AFLTAAIILLHTFWGVVFFDACERRRYWALGLVVGSHLLTSGLTFLNPWYEASLLPIYAVTVSMGLWAFITAGGSLRSIQ
RSLLCRRQEDSRVMVYSALRIPPED
;
C
4 'polypeptide(L)'
;MNLERVSNEEKLNLCRKYYLGGFAFLPFLWLVNIFWFFREAFLVPAYTEQSQIKGYVWRSAVGFLFWVIVLTSWITIFQI
YRPRWGALGDYLSFTIPLGTP
;
D
#
loop_
_chem_comp.id
_chem_comp.type
_chem_comp.name
_chem_comp.formula
BMA D-saccharide, beta linking beta-D-mannopyranose 'C6 H12 O6'
CLR non-polymer CHOLESTEROL 'C27 H46 O'
NAG D-saccharide, beta linking 2-acetamido-2-deoxy-beta-D-glucopyranose 'C8 H15 N O6'
PC1 non-polymer 1,2-DIACYL-SN-GLYCERO-3-PHOSPHOCHOLINE 'C44 H88 N O8 P'
#
# COMPACT_ATOMS: atom_id res chain seq x y z
N ASN A 34 1.53 -0.95 -18.06
CA ASN A 34 0.61 -1.78 -18.81
C ASN A 34 -0.49 -0.90 -19.40
N SER A 35 -1.07 -1.35 -20.51
CA SER A 35 -2.16 -0.64 -21.15
C SER A 35 -3.47 -1.42 -21.11
N VAL A 36 -3.54 -2.49 -20.33
CA VAL A 36 -4.74 -3.31 -20.34
C VAL A 36 -5.53 -2.97 -19.08
N GLU A 37 -4.84 -2.70 -17.98
CA GLU A 37 -5.52 -2.24 -16.77
C GLU A 37 -6.05 -0.82 -16.94
N ARG A 38 -5.60 -0.08 -17.94
CA ARG A 38 -6.27 1.17 -18.29
C ARG A 38 -7.62 0.90 -18.94
N LYS A 39 -7.81 -0.29 -19.49
CA LYS A 39 -9.09 -0.65 -20.10
C LYS A 39 -10.02 -1.34 -19.13
N ILE A 40 -9.58 -1.61 -17.90
CA ILE A 40 -10.37 -2.35 -16.92
C ILE A 40 -10.79 -1.46 -15.77
N TYR A 41 -9.87 -0.66 -15.24
CA TYR A 41 -10.09 0.05 -13.99
C TYR A 41 -10.17 1.55 -14.22
N ILE A 42 -10.80 2.22 -13.25
CA ILE A 42 -10.80 3.69 -13.16
C ILE A 42 -10.51 4.03 -11.71
N PRO A 43 -9.43 4.77 -11.41
CA PRO A 43 -9.15 5.13 -10.02
C PRO A 43 -10.12 6.20 -9.55
N LEU A 44 -10.22 6.30 -8.22
CA LEU A 44 -10.99 7.35 -7.58
C LEU A 44 -10.01 8.17 -6.77
N ASN A 45 -9.97 9.48 -7.03
CA ASN A 45 -8.84 10.29 -6.62
C ASN A 45 -9.12 11.16 -5.40
N LYS A 46 -10.34 11.64 -5.23
CA LYS A 46 -10.70 12.47 -4.10
C LYS A 46 -11.56 11.64 -3.17
N THR A 47 -10.91 10.87 -2.29
CA THR A 47 -11.61 10.04 -1.33
C THR A 47 -11.08 10.29 0.06
N ALA A 48 -11.92 10.01 1.05
CA ALA A 48 -11.54 10.10 2.45
C ALA A 48 -12.05 8.85 3.16
N PRO A 49 -11.17 8.03 3.70
CA PRO A 49 -11.59 6.75 4.26
C PRO A 49 -12.16 6.88 5.68
N CYS A 50 -12.63 5.75 6.17
CA CYS A 50 -13.04 5.60 7.57
C CYS A 50 -11.97 4.79 8.28
N VAL A 51 -11.12 5.47 9.03
CA VAL A 51 -9.94 4.89 9.64
C VAL A 51 -10.27 4.40 11.05
N ARG A 52 -9.78 3.21 11.38
CA ARG A 52 -9.93 2.67 12.72
C ARG A 52 -9.01 3.35 13.73
N LEU A 53 -9.56 3.77 14.85
CA LEU A 53 -8.81 4.15 16.03
C LEU A 53 -9.14 3.18 17.15
N LEU A 54 -8.39 3.25 18.25
CA LEU A 54 -8.53 2.26 19.30
C LEU A 54 -8.54 2.93 20.67
N ASN A 55 -9.29 2.36 21.59
CA ASN A 55 -9.35 2.80 22.97
C ASN A 55 -8.75 1.71 23.85
N ALA A 56 -8.83 1.87 25.17
CA ALA A 56 -8.33 0.85 26.07
C ALA A 56 -9.24 -0.37 26.10
N THR A 57 -10.54 -0.16 25.99
CA THR A 57 -11.48 -1.25 26.11
C THR A 57 -12.25 -1.54 24.83
N HIS A 58 -12.18 -0.67 23.83
CA HIS A 58 -12.97 -0.84 22.63
C HIS A 58 -12.15 -0.40 21.44
N GLN A 59 -12.74 -0.55 20.27
CA GLN A 59 -12.21 0.02 19.05
C GLN A 59 -13.33 0.74 18.33
N ILE A 60 -12.95 1.75 17.55
CA ILE A 60 -13.89 2.51 16.75
C ILE A 60 -13.38 2.48 15.31
N GLY A 61 -14.30 2.65 14.37
CA GLY A 61 -13.85 2.79 13.00
C GLY A 61 -14.36 1.77 12.01
N CYS A 62 -13.61 1.58 10.92
CA CYS A 62 -14.03 0.75 9.80
C CYS A 62 -12.83 -0.06 9.34
N GLN A 63 -13.08 -1.21 8.72
CA GLN A 63 -11.99 -1.99 8.16
C GLN A 63 -12.50 -2.89 7.04
N SER A 64 -11.74 -2.93 5.95
CA SER A 64 -11.97 -3.90 4.88
C SER A 64 -11.35 -5.22 5.26
N SER A 65 -11.24 -6.12 4.29
CA SER A 65 -10.33 -7.24 4.41
C SER A 65 -9.00 -6.85 3.75
N ILE A 66 -8.04 -7.77 3.79
CA ILE A 66 -6.89 -7.62 2.91
C ILE A 66 -7.36 -7.84 1.49
N SER A 67 -6.78 -7.07 0.55
CA SER A 67 -7.12 -7.08 -0.88
C SER A 67 -8.57 -6.66 -1.13
N GLY A 68 -9.02 -5.66 -0.39
CA GLY A 68 -10.24 -4.94 -0.72
C GLY A 68 -11.55 -5.68 -0.53
N ASP A 69 -12.65 -4.95 -0.69
CA ASP A 69 -13.99 -5.53 -0.72
C ASP A 69 -14.66 -5.15 -2.03
N THR A 70 -14.99 -6.15 -2.83
CA THR A 70 -15.57 -5.95 -4.15
C THR A 70 -17.09 -6.11 -4.05
N GLY A 71 -17.83 -5.20 -4.66
CA GLY A 71 -19.28 -5.33 -4.68
C GLY A 71 -19.90 -4.56 -5.81
N VAL A 72 -21.09 -5.00 -6.20
CA VAL A 72 -21.87 -4.32 -7.23
C VAL A 72 -22.38 -2.99 -6.69
N ILE A 73 -22.25 -1.94 -7.51
CA ILE A 73 -22.73 -0.62 -7.12
C ILE A 73 -24.24 -0.60 -7.16
N HIS A 74 -24.85 -0.08 -6.09
CA HIS A 74 -26.29 0.19 -6.07
C HIS A 74 -26.51 1.53 -5.39
N VAL A 75 -26.94 2.53 -6.15
CA VAL A 75 -27.19 3.83 -5.57
C VAL A 75 -28.48 3.80 -4.75
N VAL A 76 -28.57 4.70 -3.78
CA VAL A 76 -29.74 4.81 -2.92
C VAL A 76 -30.19 6.26 -2.97
N GLU A 77 -31.39 6.49 -3.49
CA GLU A 77 -31.98 7.83 -3.48
C GLU A 77 -33.34 7.85 -2.81
N LYS A 78 -33.72 6.77 -2.14
CA LYS A 78 -34.85 6.74 -1.24
C LYS A 78 -34.66 5.57 -0.30
N GLU A 79 -35.37 5.62 0.83
CA GLU A 79 -35.28 4.55 1.82
C GLU A 79 -36.03 3.30 1.40
N GLU A 80 -36.75 3.34 0.29
CA GLU A 80 -37.38 2.16 -0.27
C GLU A 80 -36.40 1.33 -1.07
N ASP A 81 -35.30 1.92 -1.53
CA ASP A 81 -34.32 1.23 -2.34
C ASP A 81 -33.53 0.18 -1.57
N LEU A 82 -33.57 0.20 -0.24
CA LEU A 82 -32.86 -0.81 0.53
C LEU A 82 -33.56 -2.16 0.56
N GLN A 83 -34.74 -2.26 -0.03
CA GLN A 83 -35.30 -3.56 -0.34
C GLN A 83 -34.37 -4.33 -1.28
N TRP A 84 -33.80 -3.63 -2.26
CA TRP A 84 -32.96 -4.29 -3.26
C TRP A 84 -31.65 -4.77 -2.68
N VAL A 85 -31.15 -4.12 -1.65
CA VAL A 85 -29.89 -4.54 -1.05
C VAL A 85 -30.13 -5.53 0.07
N LEU A 86 -31.11 -5.28 0.92
CA LEU A 86 -31.27 -6.12 2.08
C LEU A 86 -32.05 -7.40 1.78
N THR A 87 -32.96 -7.35 0.83
CA THR A 87 -33.85 -8.50 0.65
C THR A 87 -33.89 -9.02 -0.78
N ASP A 88 -33.91 -8.15 -1.78
CA ASP A 88 -34.24 -8.54 -3.14
C ASP A 88 -33.06 -8.41 -4.09
N GLY A 89 -31.87 -8.79 -3.65
CA GLY A 89 -30.69 -8.70 -4.48
C GLY A 89 -30.26 -10.03 -5.04
N PRO A 90 -30.22 -10.14 -6.36
CA PRO A 90 -29.70 -11.37 -6.97
C PRO A 90 -28.22 -11.56 -6.74
N ASN A 91 -27.47 -10.47 -6.58
CA ASN A 91 -26.01 -10.51 -6.53
C ASN A 91 -25.58 -9.96 -5.17
N PRO A 92 -25.42 -10.83 -4.18
CA PRO A 92 -25.66 -10.45 -2.78
C PRO A 92 -24.67 -9.43 -2.21
N PRO A 93 -23.31 -9.58 -2.31
CA PRO A 93 -22.48 -8.60 -1.60
C PRO A 93 -22.42 -7.25 -2.29
N TYR A 94 -23.43 -6.41 -2.06
CA TYR A 94 -23.55 -5.15 -2.79
C TYR A 94 -22.61 -4.09 -2.22
N MET A 95 -22.74 -2.88 -2.77
CA MET A 95 -21.96 -1.74 -2.32
C MET A 95 -22.80 -0.49 -2.55
N VAL A 96 -23.42 -0.01 -1.48
CA VAL A 96 -24.39 1.08 -1.57
C VAL A 96 -23.69 2.41 -1.74
N LEU A 97 -24.35 3.33 -2.45
CA LEU A 97 -23.88 4.68 -2.67
C LEU A 97 -24.92 5.66 -2.14
N LEU A 98 -24.59 6.35 -1.06
CA LEU A 98 -25.52 7.24 -0.39
C LEU A 98 -25.18 8.70 -0.64
N GLU A 99 -26.20 9.50 -0.88
CA GLU A 99 -26.10 10.92 -0.57
C GLU A 99 -25.94 11.08 0.93
N SER A 100 -25.16 12.08 1.33
CA SER A 100 -24.80 12.19 2.73
C SER A 100 -25.95 12.71 3.60
N LYS A 101 -27.05 13.16 3.00
CA LYS A 101 -28.21 13.50 3.80
C LYS A 101 -29.02 12.28 4.22
N HIS A 102 -28.70 11.09 3.71
CA HIS A 102 -29.33 9.86 4.15
C HIS A 102 -28.46 9.05 5.09
N PHE A 103 -27.23 9.51 5.35
CA PHE A 103 -26.29 8.82 6.22
C PHE A 103 -26.71 9.04 7.66
N THR A 104 -27.72 8.29 8.08
CA THR A 104 -28.44 8.51 9.32
C THR A 104 -27.95 7.49 10.36
N ARG A 105 -28.59 7.42 11.52
CA ARG A 105 -28.30 6.39 12.50
C ARG A 105 -29.07 5.12 12.22
N ASP A 106 -30.35 5.22 11.88
CA ASP A 106 -31.19 4.04 11.71
C ASP A 106 -30.78 3.26 10.48
N LEU A 107 -30.36 3.96 9.43
CA LEU A 107 -29.85 3.29 8.24
C LEU A 107 -28.56 2.54 8.54
N MET A 108 -27.70 3.13 9.37
CA MET A 108 -26.50 2.41 9.78
C MET A 108 -26.79 1.24 10.67
N GLU A 109 -27.86 1.31 11.47
CA GLU A 109 -28.25 0.15 12.27
C GLU A 109 -28.74 -0.98 11.37
N LYS A 110 -29.51 -0.63 10.35
CA LYS A 110 -29.99 -1.66 9.43
C LYS A 110 -28.87 -2.23 8.57
N LEU A 111 -27.82 -1.47 8.31
CA LEU A 111 -26.71 -2.05 7.56
C LEU A 111 -25.77 -2.85 8.46
N LYS A 112 -25.57 -2.42 9.70
CA LYS A 112 -24.69 -3.16 10.59
C LYS A 112 -25.35 -4.44 11.07
N GLY A 113 -26.68 -4.47 11.11
CA GLY A 113 -27.38 -5.70 11.42
C GLY A 113 -27.55 -6.68 10.28
N ARG A 114 -26.95 -6.39 9.12
CA ARG A 114 -27.00 -7.27 7.95
C ARG A 114 -25.70 -7.05 7.19
N THR A 115 -24.70 -7.88 7.47
CA THR A 115 -23.36 -7.61 6.94
C THR A 115 -22.90 -8.67 5.95
N SER A 116 -23.60 -9.80 5.86
CA SER A 116 -23.31 -10.78 4.82
C SER A 116 -23.80 -10.34 3.44
N ARG A 117 -24.54 -9.24 3.35
CA ARG A 117 -25.03 -8.73 2.07
C ARG A 117 -24.53 -7.34 1.75
N ILE A 118 -23.72 -6.73 2.61
CA ILE A 118 -23.13 -5.42 2.34
C ILE A 118 -21.65 -5.53 2.61
N ALA A 119 -20.84 -5.24 1.61
CA ALA A 119 -19.39 -5.13 1.79
C ALA A 119 -19.02 -3.81 1.15
N GLY A 120 -19.14 -2.73 1.90
CA GLY A 120 -18.75 -1.41 1.44
C GLY A 120 -19.89 -0.42 1.50
N LEU A 121 -19.50 0.84 1.32
CA LEU A 121 -20.38 2.01 1.28
C LEU A 121 -19.55 3.19 0.80
N ALA A 122 -20.13 4.00 -0.08
CA ALA A 122 -19.51 5.25 -0.48
C ALA A 122 -20.52 6.36 -0.27
N VAL A 123 -20.04 7.48 0.25
CA VAL A 123 -20.90 8.57 0.69
C VAL A 123 -20.53 9.81 -0.10
N SER A 124 -21.48 10.38 -0.81
CA SER A 124 -21.28 11.57 -1.61
C SER A 124 -21.75 12.80 -0.86
N LEU A 125 -20.92 13.83 -0.82
CA LEU A 125 -21.19 15.02 -0.03
C LEU A 125 -22.32 15.85 -0.65
N THR A 126 -23.07 16.54 0.20
CA THR A 126 -24.24 17.31 -0.20
C THR A 126 -23.96 18.79 -0.02
N LYS A 127 -24.22 19.59 -1.06
CA LYS A 127 -23.96 21.02 -0.99
C LYS A 127 -25.07 21.80 -0.26
N PRO A 128 -26.38 21.54 -0.47
CA PRO A 128 -27.34 22.08 0.50
C PRO A 128 -27.30 21.25 1.76
N SER A 129 -26.40 21.60 2.69
CA SER A 129 -26.09 20.92 3.95
C SER A 129 -27.35 20.59 4.76
N PRO A 130 -27.36 19.50 5.53
CA PRO A 130 -28.58 19.07 6.21
C PRO A 130 -29.05 20.08 7.25
N ALA A 131 -30.23 20.65 7.00
CA ALA A 131 -30.80 21.64 7.90
C ALA A 131 -31.33 21.01 9.18
N SER A 132 -31.44 19.69 9.25
CA SER A 132 -31.71 19.04 10.51
C SER A 132 -30.50 19.02 11.42
N GLY A 133 -29.32 19.25 10.88
CA GLY A 133 -28.10 19.15 11.66
C GLY A 133 -27.57 17.73 11.70
N PHE A 134 -26.26 17.61 11.88
CA PHE A 134 -25.61 16.31 11.84
C PHE A 134 -24.36 16.38 12.70
N SER A 135 -24.29 15.56 13.73
CA SER A 135 -23.09 15.51 14.54
C SER A 135 -22.77 14.06 14.90
N PRO A 136 -21.69 13.49 14.37
CA PRO A 136 -21.42 12.07 14.61
C PRO A 136 -20.82 11.78 15.97
N SER A 137 -20.49 12.78 16.77
CA SER A 137 -19.96 12.50 18.10
C SER A 137 -21.07 12.06 19.04
N VAL A 138 -20.67 11.73 20.26
CA VAL A 138 -21.58 11.19 21.25
C VAL A 138 -22.45 12.31 21.79
N GLN A 139 -23.48 11.92 22.56
CA GLN A 139 -24.42 12.84 23.16
C GLN A 139 -23.80 13.73 24.23
N CYS A 140 -22.59 13.41 24.69
CA CYS A 140 -21.95 14.11 25.80
C CYS A 140 -20.44 13.89 25.77
N PRO A 141 -19.67 14.73 25.08
CA PRO A 141 -18.28 14.38 24.77
C PRO A 141 -17.36 14.47 25.96
N ASN A 142 -16.32 13.65 25.92
CA ASN A 142 -15.27 13.52 26.94
C ASN A 142 -15.86 13.25 28.32
N ASP A 143 -16.65 12.19 28.41
CA ASP A 143 -17.49 12.02 29.58
C ASP A 143 -16.70 11.52 30.77
N GLY A 144 -15.89 10.49 30.58
CA GLY A 144 -15.23 9.88 31.71
C GLY A 144 -13.85 10.44 31.99
N PHE A 145 -13.59 11.67 31.56
CA PHE A 145 -12.27 12.25 31.75
C PHE A 145 -12.31 13.67 32.28
N GLY A 146 -13.50 14.16 32.64
CA GLY A 146 -13.65 15.46 33.24
C GLY A 146 -13.41 15.42 34.73
N VAL A 147 -13.99 16.38 35.43
CA VAL A 147 -13.87 16.40 36.88
C VAL A 147 -15.02 15.63 37.52
N TYR A 148 -16.19 15.68 36.89
CA TYR A 148 -17.42 15.19 37.53
C TYR A 148 -17.43 13.68 37.58
N SER A 149 -17.45 13.15 38.81
CA SER A 149 -17.50 11.72 39.02
C SER A 149 -18.65 11.37 39.95
N ASN A 150 -18.70 10.13 40.40
CA ASN A 150 -19.59 9.77 41.49
C ASN A 150 -18.99 10.09 42.85
N SER A 151 -17.74 10.56 42.87
CA SER A 151 -17.08 10.97 44.09
C SER A 151 -17.01 12.48 44.24
N TYR A 152 -17.16 13.23 43.15
CA TYR A 152 -17.00 14.68 43.16
C TYR A 152 -18.31 15.41 42.90
N GLY A 153 -18.93 15.15 41.77
CA GLY A 153 -20.02 15.96 41.27
C GLY A 153 -21.28 15.19 40.95
N PRO A 154 -21.74 14.32 41.87
CA PRO A 154 -22.57 13.16 41.48
C PRO A 154 -23.87 13.50 40.80
N GLU A 155 -24.43 14.68 41.05
CA GLU A 155 -25.65 15.08 40.38
C GLU A 155 -25.38 15.64 38.99
N PHE A 156 -24.15 16.04 38.70
CA PHE A 156 -23.81 16.56 37.37
C PHE A 156 -23.03 15.55 36.54
N ALA A 157 -22.92 14.30 37.00
CA ALA A 157 -21.85 13.39 36.61
C ALA A 157 -21.81 13.01 35.13
N HIS A 158 -22.80 12.27 34.66
CA HIS A 158 -22.83 11.93 33.24
C HIS A 158 -23.74 12.88 32.48
N CYS A 159 -23.50 14.17 32.73
CA CYS A 159 -24.25 15.32 32.21
C CYS A 159 -25.76 15.10 32.23
N ARG A 160 -26.26 14.64 33.37
CA ARG A 160 -27.70 14.40 33.56
C ARG A 160 -28.50 15.70 33.45
N GLU A 161 -27.92 16.82 33.89
CA GLU A 161 -28.65 18.08 33.85
C GLU A 161 -28.81 18.59 32.44
N ILE A 162 -27.71 18.67 31.69
CA ILE A 162 -27.70 19.21 30.34
C ILE A 162 -27.02 18.23 29.42
N GLN A 163 -27.70 17.83 28.36
CA GLN A 163 -27.02 17.12 27.28
C GLN A 163 -26.38 18.18 26.40
N TRP A 164 -25.06 18.17 26.28
CA TRP A 164 -24.39 19.27 25.57
C TRP A 164 -24.56 19.15 24.06
N ASN A 165 -24.00 18.09 23.47
CA ASN A 165 -24.17 17.86 22.05
C ASN A 165 -25.53 17.21 21.88
N SER A 166 -26.55 18.05 21.72
CA SER A 166 -27.92 17.55 21.74
C SER A 166 -28.27 16.78 20.48
N LEU A 167 -27.64 17.10 19.35
CA LEU A 167 -27.90 16.42 18.10
C LEU A 167 -27.01 15.20 17.87
N GLY A 168 -26.11 14.90 18.80
CA GLY A 168 -25.09 13.90 18.54
C GLY A 168 -25.67 12.50 18.54
N ASN A 169 -25.46 11.78 17.44
CA ASN A 169 -26.04 10.46 17.26
C ASN A 169 -25.07 9.33 17.56
N GLY A 170 -23.88 9.65 18.06
CA GLY A 170 -22.94 8.63 18.49
C GLY A 170 -22.32 7.81 17.40
N LEU A 171 -22.41 8.26 16.16
CA LEU A 171 -22.12 7.39 15.02
C LEU A 171 -20.63 7.25 14.79
N ALA A 172 -19.83 8.21 15.21
CA ALA A 172 -18.39 8.16 15.01
C ALA A 172 -17.66 7.38 16.08
N TYR A 173 -18.39 6.66 16.92
CA TYR A 173 -17.78 5.81 17.93
C TYR A 173 -18.33 4.39 17.87
N GLU A 174 -18.78 3.98 16.69
CA GLU A 174 -19.24 2.63 16.43
C GLU A 174 -18.18 1.91 15.63
N ASP A 175 -17.97 0.63 15.93
CA ASP A 175 -17.11 -0.20 15.11
C ASP A 175 -17.89 -0.71 13.91
N PHE A 176 -17.20 -0.85 12.78
CA PHE A 176 -17.83 -1.27 11.54
C PHE A 176 -16.96 -2.29 10.83
N SER A 177 -17.61 -3.18 10.08
CA SER A 177 -16.96 -4.33 9.48
C SER A 177 -16.81 -4.20 7.97
N PHE A 178 -16.95 -2.99 7.42
CA PHE A 178 -16.93 -2.80 5.98
C PHE A 178 -16.50 -1.37 5.71
N PRO A 179 -15.92 -1.09 4.54
CA PRO A 179 -15.40 0.25 4.28
C PRO A 179 -16.49 1.27 4.05
N ILE A 180 -16.23 2.50 4.48
CA ILE A 180 -17.09 3.64 4.25
C ILE A 180 -16.17 4.76 3.76
N PHE A 181 -16.24 5.07 2.48
CA PHE A 181 -15.42 6.16 1.95
C PHE A 181 -16.30 7.36 1.64
N LEU A 182 -15.67 8.53 1.65
CA LEU A 182 -16.35 9.78 1.32
C LEU A 182 -15.92 10.25 -0.05
N LEU A 183 -16.87 10.68 -0.85
CA LEU A 183 -16.58 11.20 -2.18
C LEU A 183 -16.61 12.72 -2.10
N GLU A 184 -15.43 13.32 -2.05
CA GLU A 184 -15.33 14.77 -1.91
C GLU A 184 -15.68 15.51 -3.20
N ASP A 185 -15.65 14.85 -4.34
CA ASP A 185 -15.89 15.50 -5.62
C ASP A 185 -17.27 15.12 -6.13
N GLU A 186 -17.83 15.99 -6.96
CA GLU A 186 -19.10 15.74 -7.62
C GLU A 186 -18.93 15.01 -8.95
N ASN A 187 -17.81 15.26 -9.65
CA ASN A 187 -17.63 14.63 -10.95
C ASN A 187 -17.34 13.14 -10.83
N GLU A 188 -16.61 12.73 -9.78
CA GLU A 188 -16.44 11.31 -9.52
C GLU A 188 -17.77 10.63 -9.22
N THR A 189 -18.64 11.33 -8.49
CA THR A 189 -19.97 10.81 -8.20
C THR A 189 -20.79 10.69 -9.48
N LYS A 190 -20.64 11.63 -10.40
CA LYS A 190 -21.34 11.55 -11.68
C LYS A 190 -20.81 10.39 -12.53
N VAL A 191 -19.50 10.13 -12.47
CA VAL A 191 -18.92 8.99 -13.17
C VAL A 191 -19.50 7.68 -12.66
N ILE A 192 -19.54 7.52 -11.33
CA ILE A 192 -20.01 6.28 -10.74
C ILE A 192 -21.51 6.09 -10.99
N LYS A 193 -22.29 7.16 -10.89
CA LYS A 193 -23.72 7.04 -11.13
C LYS A 193 -24.01 6.81 -12.61
N GLN A 194 -23.16 7.35 -13.50
CA GLN A 194 -23.35 7.11 -14.92
C GLN A 194 -23.04 5.67 -15.29
N CYS A 195 -22.01 5.10 -14.68
CA CYS A 195 -21.72 3.68 -14.92
C CYS A 195 -22.83 2.79 -14.36
N TYR A 196 -23.40 3.18 -13.21
CA TYR A 196 -24.58 2.49 -12.69
C TYR A 196 -25.74 2.55 -13.67
N GLN A 197 -25.99 3.71 -14.26
CA GLN A 197 -27.07 3.83 -15.22
C GLN A 197 -26.79 3.06 -16.50
N ASP A 198 -25.51 2.91 -16.85
CA ASP A 198 -25.17 2.19 -18.06
C ASP A 198 -25.33 0.70 -17.91
N HIS A 199 -25.01 0.15 -16.74
CA HIS A 199 -24.92 -1.30 -16.65
C HIS A 199 -25.93 -1.92 -15.69
N ASN A 200 -26.00 -1.44 -14.45
CA ASN A 200 -26.59 -2.22 -13.37
C ASN A 200 -28.10 -2.15 -13.29
N LEU A 201 -28.78 -1.57 -14.29
CA LEU A 201 -30.22 -1.38 -14.18
C LEU A 201 -30.97 -2.69 -14.38
N SER A 202 -32.16 -2.76 -13.79
CA SER A 202 -33.03 -3.91 -13.92
C SER A 202 -34.32 -3.49 -14.60
N GLN A 203 -34.61 -4.09 -15.75
CA GLN A 203 -35.72 -3.65 -16.60
C GLN A 203 -36.89 -4.62 -16.46
N ASN A 204 -38.09 -4.04 -16.35
CA ASN A 204 -39.37 -4.74 -16.47
C ASN A 204 -39.54 -5.81 -15.39
N GLY A 205 -38.96 -5.57 -14.22
CA GLY A 205 -39.03 -6.54 -13.14
C GLY A 205 -38.23 -7.79 -13.38
N SER A 206 -37.09 -7.69 -14.06
CA SER A 206 -36.30 -8.86 -14.40
C SER A 206 -34.87 -8.73 -13.90
N ALA A 207 -34.03 -9.65 -14.29
CA ALA A 207 -32.68 -9.66 -13.76
C ALA A 207 -31.81 -8.63 -14.48
N PRO A 208 -30.81 -8.09 -13.80
CA PRO A 208 -29.80 -7.29 -14.50
C PRO A 208 -28.93 -8.16 -15.38
N THR A 209 -28.49 -7.59 -16.49
CA THR A 209 -27.63 -8.32 -17.42
C THR A 209 -26.23 -8.44 -16.84
N PHE A 210 -25.75 -9.66 -16.74
CA PHE A 210 -24.60 -10.07 -15.93
C PHE A 210 -23.25 -9.38 -16.15
N PRO A 211 -22.94 -8.73 -17.30
CA PRO A 211 -21.83 -7.78 -17.24
C PRO A 211 -22.25 -6.55 -16.44
N LEU A 212 -21.81 -6.49 -15.20
CA LEU A 212 -22.23 -5.48 -14.25
C LEU A 212 -21.03 -4.71 -13.76
N CYS A 213 -21.28 -3.49 -13.30
CA CYS A 213 -20.22 -2.64 -12.78
C CYS A 213 -20.05 -2.89 -11.30
N ALA A 214 -18.84 -2.69 -10.81
CA ALA A 214 -18.51 -2.96 -9.43
C ALA A 214 -17.50 -1.93 -8.95
N MET A 215 -17.22 -1.97 -7.65
CA MET A 215 -16.31 -1.01 -7.06
C MET A 215 -15.57 -1.69 -5.93
N GLN A 216 -14.31 -1.31 -5.73
CA GLN A 216 -13.46 -2.02 -4.79
C GLN A 216 -12.80 -1.01 -3.86
N LEU A 217 -12.84 -1.29 -2.57
CA LEU A 217 -12.44 -0.33 -1.54
C LEU A 217 -11.37 -0.97 -0.67
N PHE A 218 -10.20 -0.33 -0.62
CA PHE A 218 -9.04 -0.85 0.12
C PHE A 218 -8.81 0.00 1.36
N SER A 219 -9.17 -0.53 2.52
CA SER A 219 -8.68 0.03 3.79
C SER A 219 -8.56 -1.11 4.78
N HIS A 220 -7.39 -1.72 4.82
CA HIS A 220 -7.10 -2.82 5.73
C HIS A 220 -6.28 -2.26 6.87
N MET A 221 -6.93 -2.06 8.02
CA MET A 221 -6.28 -1.49 9.18
C MET A 221 -5.53 -2.59 9.93
N HIS A 222 -4.27 -2.33 10.26
CA HIS A 222 -3.41 -3.34 10.86
C HIS A 222 -3.65 -3.54 12.35
N ALA A 223 -4.72 -3.03 12.93
CA ALA A 223 -4.91 -3.08 14.37
C ALA A 223 -6.12 -3.91 14.74
N VAL A 224 -6.18 -4.23 16.02
CA VAL A 224 -7.15 -5.15 16.61
C VAL A 224 -7.70 -4.55 17.90
N ILE A 225 -8.36 -5.40 18.69
CA ILE A 225 -9.40 -5.12 19.68
C ILE A 225 -9.24 -3.84 20.50
N SER A 226 -8.04 -3.54 20.96
CA SER A 226 -7.87 -2.38 21.84
C SER A 226 -6.45 -1.86 21.71
N THR A 227 -6.17 -0.78 22.43
CA THR A 227 -4.83 -0.22 22.42
C THR A 227 -3.88 -0.95 23.35
N ALA A 228 -4.40 -1.72 24.31
CA ALA A 228 -3.51 -2.54 25.12
C ALA A 228 -2.96 -3.69 24.30
N THR A 229 -3.85 -4.41 23.62
CA THR A 229 -3.48 -5.47 22.69
C THR A 229 -2.56 -4.95 21.60
N CYS A 230 -2.90 -3.81 21.01
CA CYS A 230 -2.12 -3.33 19.88
C CYS A 230 -0.76 -2.78 20.32
N MET A 231 -0.70 -2.09 21.45
CA MET A 231 0.58 -1.59 21.94
C MET A 231 1.49 -2.71 22.39
N ARG A 232 0.94 -3.76 23.02
CA ARG A 232 1.77 -4.91 23.40
C ARG A 232 2.27 -5.65 22.16
N ARG A 233 1.36 -5.91 21.23
CA ARG A 233 1.68 -6.65 20.01
C ARG A 233 2.66 -5.88 19.13
N SER A 234 2.63 -4.56 19.18
CA SER A 234 3.63 -3.77 18.49
C SER A 234 4.89 -3.53 19.31
N SER A 235 4.85 -3.80 20.61
CA SER A 235 6.07 -3.73 21.40
C SER A 235 6.91 -4.98 21.28
N ILE A 236 6.27 -6.14 21.10
CA ILE A 236 7.02 -7.39 20.91
C ILE A 236 7.73 -7.38 19.57
N GLN A 237 7.03 -6.98 18.51
CA GLN A 237 7.62 -6.92 17.17
C GLN A 237 8.72 -5.86 17.07
N SER A 238 8.65 -4.82 17.90
CA SER A 238 9.68 -3.80 17.90
C SER A 238 10.89 -4.18 18.75
N THR A 239 10.80 -5.24 19.55
CA THR A 239 11.89 -5.60 20.44
C THR A 239 12.51 -6.95 20.09
N PHE A 240 11.71 -8.00 20.02
CA PHE A 240 12.22 -9.36 19.96
C PHE A 240 12.56 -9.82 18.55
N SER A 241 12.49 -8.94 17.56
CA SER A 241 12.77 -9.36 16.20
C SER A 241 13.39 -8.22 15.41
N ILE A 242 13.97 -8.57 14.27
CA ILE A 242 14.40 -7.59 13.27
C ILE A 242 13.16 -7.25 12.45
N ASN A 243 13.22 -6.17 11.67
CA ASN A 243 12.12 -5.60 10.87
C ASN A 243 10.91 -5.32 11.75
N PRO A 244 10.94 -4.26 12.57
CA PRO A 244 9.85 -4.00 13.53
C PRO A 244 8.54 -3.68 12.82
N GLU A 245 7.56 -4.57 13.00
CA GLU A 245 6.27 -4.44 12.33
C GLU A 245 5.32 -3.75 13.30
N ILE A 246 5.45 -2.43 13.36
CA ILE A 246 4.60 -1.60 14.20
C ILE A 246 3.23 -1.48 13.56
N VAL A 247 2.18 -1.63 14.36
CA VAL A 247 0.82 -1.58 13.86
C VAL A 247 0.02 -0.39 14.39
N CYS A 248 0.33 0.12 15.57
CA CYS A 248 -0.40 1.25 16.11
C CYS A 248 0.50 2.46 16.32
N ASP A 249 -0.14 3.55 16.66
CA ASP A 249 0.47 4.86 16.71
C ASP A 249 -0.27 5.77 17.67
N PRO A 250 0.40 6.29 18.70
CA PRO A 250 -0.21 7.29 19.56
C PRO A 250 -0.53 8.56 18.81
N LEU A 251 -1.72 9.10 19.05
CA LEU A 251 -2.03 10.45 18.61
C LEU A 251 -1.27 11.41 19.49
N SER A 252 -0.33 12.15 18.89
CA SER A 252 0.50 13.07 19.65
C SER A 252 0.75 14.31 18.82
N ASP A 253 0.95 15.43 19.49
CA ASP A 253 1.28 16.67 18.83
C ASP A 253 1.96 17.58 19.84
N TYR A 254 1.98 18.88 19.57
CA TYR A 254 2.63 19.85 20.44
C TYR A 254 1.66 20.92 20.91
N ASN A 255 1.83 21.37 22.15
CA ASN A 255 1.06 22.50 22.65
C ASN A 255 1.85 23.78 22.47
N VAL A 256 1.34 24.69 21.65
CA VAL A 256 1.99 25.98 21.45
C VAL A 256 1.54 26.91 22.57
N TRP A 257 2.49 27.59 23.18
CA TRP A 257 2.20 28.46 24.29
C TRP A 257 3.20 29.60 24.30
N SER A 258 2.79 30.72 24.87
CA SER A 258 3.66 31.87 24.95
C SER A 258 3.39 32.60 26.25
N MET A 259 4.05 33.74 26.42
CA MET A 259 3.88 34.57 27.59
C MET A 259 3.59 35.98 27.14
N LEU A 260 3.12 36.80 28.06
CA LEU A 260 3.05 38.23 27.80
C LEU A 260 4.37 38.90 28.16
N LYS A 261 4.97 38.46 29.26
CA LYS A 261 6.27 38.91 29.70
C LYS A 261 7.20 37.71 29.82
N PRO A 262 8.45 37.83 29.38
CA PRO A 262 9.30 36.64 29.21
C PRO A 262 9.78 36.08 30.55
N ILE A 263 9.97 34.76 30.57
CA ILE A 263 10.37 34.02 31.75
C ILE A 263 11.53 33.10 31.38
N ASN A 264 12.02 32.35 32.37
CA ASN A 264 13.39 31.86 32.29
C ASN A 264 13.51 30.57 31.49
N THR A 265 12.52 29.67 31.59
CA THR A 265 12.32 28.47 30.77
C THR A 265 13.35 27.37 31.10
N THR A 266 14.35 27.68 31.92
CA THR A 266 15.37 26.72 32.31
C THR A 266 15.29 26.34 33.78
N GLY A 267 14.51 27.06 34.57
CA GLY A 267 14.11 26.67 35.90
C GLY A 267 12.60 26.72 36.01
N THR A 268 12.11 27.04 37.19
CA THR A 268 10.69 27.30 37.40
C THR A 268 10.52 28.73 37.88
N LEU A 269 9.29 29.09 38.23
CA LEU A 269 9.04 30.39 38.79
C LEU A 269 9.12 30.34 40.32
N LYS A 270 9.09 31.52 40.92
CA LYS A 270 9.06 31.62 42.36
C LYS A 270 7.67 31.25 42.87
N PRO A 271 7.56 30.80 44.13
CA PRO A 271 6.23 30.42 44.65
C PRO A 271 5.29 31.58 44.92
N ASP A 272 5.67 32.82 44.68
CA ASP A 272 4.76 33.95 44.86
C ASP A 272 4.47 34.67 43.54
N ASP A 273 4.90 34.10 42.42
CA ASP A 273 4.58 34.67 41.11
C ASP A 273 3.20 34.21 40.70
N ARG A 274 2.47 35.09 40.01
CA ARG A 274 1.10 34.81 39.63
C ARG A 274 0.92 35.06 38.15
N VAL A 275 0.47 34.04 37.43
CA VAL A 275 0.13 34.18 36.03
C VAL A 275 -1.37 34.00 35.87
N VAL A 276 -1.87 34.47 34.73
CA VAL A 276 -3.28 34.37 34.38
C VAL A 276 -3.34 33.59 33.08
N VAL A 277 -3.79 32.35 33.15
CA VAL A 277 -3.77 31.48 31.99
C VAL A 277 -4.99 31.78 31.13
N ALA A 278 -4.79 31.98 29.84
CA ALA A 278 -5.87 32.02 28.87
C ALA A 278 -5.70 30.83 27.94
N ALA A 279 -6.78 30.11 27.67
CA ALA A 279 -6.64 28.79 27.05
C ALA A 279 -7.74 28.53 26.04
N THR A 280 -7.44 27.67 25.07
CA THR A 280 -8.27 27.40 23.90
C THR A 280 -7.82 26.12 23.21
N ARG A 281 -8.73 25.23 22.85
CA ARG A 281 -8.40 24.04 22.08
C ARG A 281 -8.01 24.40 20.66
N LEU A 282 -7.38 23.45 19.98
CA LEU A 282 -6.75 23.76 18.70
C LEU A 282 -7.07 22.74 17.60
N ASP A 283 -7.97 21.78 17.85
CA ASP A 283 -8.19 20.71 16.88
C ASP A 283 -9.65 20.32 16.82
N SER A 284 -9.96 19.41 15.90
CA SER A 284 -11.29 18.85 15.72
C SER A 284 -11.15 17.50 15.01
N ARG A 285 -12.29 16.90 14.68
CA ARG A 285 -12.31 15.68 13.89
C ARG A 285 -13.63 15.58 13.15
N SER A 286 -13.87 14.44 12.52
CA SER A 286 -15.18 14.11 11.97
C SER A 286 -15.30 12.60 11.88
N PHE A 287 -16.31 12.15 11.15
CA PHE A 287 -16.51 10.71 10.98
C PHE A 287 -15.44 10.12 10.09
N PHE A 288 -14.93 10.90 9.15
CA PHE A 288 -13.97 10.42 8.17
C PHE A 288 -12.57 10.89 8.56
N TRP A 289 -11.57 10.31 7.91
CA TRP A 289 -10.21 10.31 8.46
C TRP A 289 -9.55 11.66 8.62
N ASN A 290 -9.26 12.37 7.53
CA ASN A 290 -8.50 13.59 7.65
C ASN A 290 -9.34 14.82 7.35
N VAL A 291 -10.63 14.63 7.09
CA VAL A 291 -11.53 15.77 6.92
C VAL A 291 -11.91 16.22 8.31
N ALA A 292 -11.25 17.27 8.81
CA ALA A 292 -11.56 17.87 10.11
C ALA A 292 -11.63 19.37 9.93
N PRO A 293 -12.76 19.88 9.45
CA PRO A 293 -12.83 21.30 9.09
C PRO A 293 -12.85 22.24 10.29
N GLY A 294 -13.61 21.87 11.31
CA GLY A 294 -13.54 22.46 12.64
C GLY A 294 -13.72 23.96 12.74
N ALA A 295 -14.64 24.53 11.99
CA ALA A 295 -14.74 25.99 11.93
C ALA A 295 -15.31 26.55 13.22
N GLU A 296 -16.50 26.12 13.61
CA GLU A 296 -17.12 26.73 14.77
C GLU A 296 -16.53 26.18 16.06
N SER A 297 -16.10 24.92 16.06
CA SER A 297 -15.63 24.31 17.29
C SER A 297 -14.19 24.64 17.60
N ALA A 298 -13.35 24.79 16.58
CA ALA A 298 -11.93 25.03 16.81
C ALA A 298 -11.48 26.40 16.34
N VAL A 299 -11.72 26.75 15.07
CA VAL A 299 -10.99 27.82 14.41
C VAL A 299 -11.33 29.18 14.98
N ALA A 300 -12.63 29.45 15.18
CA ALA A 300 -13.05 30.77 15.66
C ALA A 300 -12.52 31.07 17.05
N SER A 301 -12.35 30.05 17.89
CA SER A 301 -11.91 30.26 19.25
C SER A 301 -10.44 30.65 19.32
N PHE A 302 -9.55 29.92 18.65
CA PHE A 302 -8.17 30.37 18.74
C PHE A 302 -7.89 31.54 17.81
N VAL A 303 -8.72 31.81 16.81
CA VAL A 303 -8.57 33.05 16.07
C VAL A 303 -8.88 34.26 16.95
N THR A 304 -9.97 34.19 17.73
CA THR A 304 -10.22 35.31 18.63
C THR A 304 -9.24 35.34 19.79
N GLN A 305 -8.60 34.22 20.14
CA GLN A 305 -7.57 34.34 21.18
C GLN A 305 -6.27 34.92 20.64
N LEU A 306 -5.91 34.60 19.39
CA LEU A 306 -4.73 35.22 18.79
C LEU A 306 -4.95 36.72 18.60
N ALA A 307 -6.17 37.11 18.25
CA ALA A 307 -6.50 38.52 18.19
C ALA A 307 -6.42 39.16 19.57
N ALA A 308 -6.86 38.45 20.61
CA ALA A 308 -6.75 38.94 21.97
C ALA A 308 -5.29 39.10 22.38
N ALA A 309 -4.43 38.19 21.92
CA ALA A 309 -3.00 38.24 22.22
C ALA A 309 -2.37 39.48 21.61
N GLU A 310 -2.62 39.71 20.32
CA GLU A 310 -2.01 40.88 19.70
C GLU A 310 -2.64 42.18 20.16
N ALA A 311 -3.87 42.14 20.67
CA ALA A 311 -4.44 43.34 21.24
C ALA A 311 -3.81 43.65 22.60
N LEU A 312 -3.58 42.63 23.40
CA LEU A 312 -2.99 42.85 24.72
C LEU A 312 -1.53 43.25 24.63
N GLN A 313 -0.81 42.72 23.63
CA GLN A 313 0.61 43.00 23.49
C GLN A 313 0.89 44.46 23.16
N LYS A 314 -0.07 45.17 22.57
CA LYS A 314 0.09 46.57 22.21
C LYS A 314 -0.22 47.52 23.36
N ALA A 315 -0.19 47.07 24.59
CA ALA A 315 -0.44 47.98 25.69
C ALA A 315 0.80 48.81 25.97
N PRO A 316 0.65 50.10 26.26
CA PRO A 316 1.82 50.95 26.48
C PRO A 316 2.53 50.69 27.78
N ASP A 317 1.85 50.10 28.76
CA ASP A 317 2.46 49.71 30.03
C ASP A 317 2.26 48.21 30.16
N VAL A 318 3.16 47.44 29.55
CA VAL A 318 3.07 45.99 29.60
C VAL A 318 4.29 45.36 30.26
N THR A 319 5.39 46.10 30.43
CA THR A 319 6.55 45.54 31.11
C THR A 319 6.34 45.52 32.61
N THR A 320 5.75 46.58 33.16
CA THR A 320 5.55 46.68 34.60
C THR A 320 4.17 46.20 35.02
N LEU A 321 3.79 45.00 34.57
CA LEU A 321 2.55 44.53 35.16
C LEU A 321 2.84 43.72 36.41
N PRO A 322 2.02 43.85 37.46
CA PRO A 322 2.27 43.09 38.69
C PRO A 322 2.04 41.60 38.57
N ARG A 323 1.43 41.13 37.48
CA ARG A 323 1.28 39.71 37.21
C ARG A 323 1.67 39.46 35.76
N ASN A 324 1.66 38.19 35.38
CA ASN A 324 2.06 37.77 34.04
C ASN A 324 0.85 37.10 33.40
N VAL A 325 0.89 36.92 32.08
CA VAL A 325 -0.22 36.33 31.34
C VAL A 325 0.34 35.27 30.42
N MET A 326 -0.17 34.06 30.52
CA MET A 326 0.25 32.96 29.66
C MET A 326 -0.87 32.57 28.72
N PHE A 327 -0.57 32.54 27.42
CA PHE A 327 -1.48 32.04 26.42
C PHE A 327 -1.09 30.61 26.11
N VAL A 328 -2.09 29.76 25.94
CA VAL A 328 -1.82 28.35 25.67
C VAL A 328 -2.91 27.82 24.75
N PHE A 329 -2.51 26.98 23.80
CA PHE A 329 -3.38 26.50 22.74
C PHE A 329 -3.29 24.98 22.78
N PHE A 330 -4.13 24.34 23.59
CA PHE A 330 -4.01 22.91 23.79
C PHE A 330 -4.44 22.15 22.55
N GLN A 331 -3.78 21.04 22.27
CA GLN A 331 -4.10 20.24 21.10
C GLN A 331 -4.22 18.79 21.51
N GLY A 332 -5.24 18.12 21.00
CA GLY A 332 -5.63 16.82 21.47
C GLY A 332 -6.88 16.81 22.29
N GLU A 333 -7.65 17.89 22.29
CA GLU A 333 -8.71 18.08 23.26
C GLU A 333 -9.94 17.27 22.95
N THR A 334 -10.11 16.84 21.70
CA THR A 334 -11.23 15.99 21.37
C THR A 334 -11.05 14.60 21.95
N PHE A 335 -9.86 14.02 21.76
CA PHE A 335 -9.58 12.66 22.21
C PHE A 335 -9.18 12.65 23.69
N ASP A 336 -10.15 13.07 24.51
CA ASP A 336 -10.14 12.93 25.96
C ASP A 336 -8.98 13.69 26.61
N TYR A 337 -8.77 14.92 26.14
CA TYR A 337 -7.87 15.91 26.73
C TYR A 337 -6.43 15.42 26.75
N ILE A 338 -5.85 15.29 25.55
CA ILE A 338 -4.47 14.86 25.47
C ILE A 338 -3.54 15.95 25.99
N GLY A 339 -3.55 17.11 25.33
CA GLY A 339 -2.61 18.15 25.67
C GLY A 339 -2.89 18.80 27.01
N SER A 340 -4.15 18.82 27.43
CA SER A 340 -4.49 19.45 28.69
C SER A 340 -4.05 18.61 29.87
N SER A 341 -4.34 17.31 29.83
CA SER A 341 -3.87 16.39 30.87
C SER A 341 -2.37 16.31 30.89
N ARG A 342 -1.73 16.39 29.72
CA ARG A 342 -0.28 16.39 29.66
C ARG A 342 0.30 17.65 30.28
N MET A 343 -0.30 18.80 30.02
CA MET A 343 0.16 20.05 30.61
C MET A 343 -0.01 20.03 32.13
N VAL A 344 -1.12 19.45 32.61
CA VAL A 344 -1.33 19.34 34.06
C VAL A 344 -0.29 18.40 34.67
N TYR A 345 -0.04 17.26 34.03
CA TYR A 345 0.86 16.26 34.57
C TYR A 345 2.30 16.76 34.59
N ASP A 346 2.73 17.42 33.53
CA ASP A 346 4.05 18.04 33.55
C ASP A 346 4.10 19.25 34.46
N MET A 347 2.97 19.88 34.74
CA MET A 347 2.97 21.02 35.63
C MET A 347 3.05 20.59 37.07
N GLU A 348 2.65 19.36 37.39
CA GLU A 348 2.79 18.87 38.76
C GLU A 348 3.99 17.95 38.95
N LYS A 349 4.60 17.43 37.89
CA LYS A 349 5.85 16.71 38.00
C LYS A 349 7.08 17.61 37.81
N GLY A 350 6.92 18.92 38.01
CA GLY A 350 8.03 19.84 38.06
C GLY A 350 8.82 20.02 36.78
N LYS A 351 8.24 19.68 35.62
CA LYS A 351 8.97 19.76 34.36
C LYS A 351 8.48 20.89 33.48
N PHE A 352 7.80 21.88 34.05
CA PHE A 352 7.28 22.99 33.30
C PHE A 352 7.62 24.26 34.08
N PRO A 353 8.02 25.34 33.40
CA PRO A 353 8.48 26.53 34.14
C PRO A 353 7.40 27.29 34.85
N VAL A 354 6.12 26.98 34.63
CA VAL A 354 5.02 27.65 35.33
C VAL A 354 4.32 26.59 36.15
N GLN A 355 4.54 26.62 37.46
CA GLN A 355 3.99 25.59 38.32
C GLN A 355 2.52 25.89 38.63
N LEU A 356 1.84 24.88 39.14
CA LEU A 356 0.42 24.97 39.43
C LEU A 356 0.14 25.83 40.67
N GLU A 357 1.15 26.15 41.47
CA GLU A 357 0.97 27.14 42.52
C GLU A 357 0.77 28.52 41.92
N ASN A 358 1.34 28.78 40.75
CA ASN A 358 1.41 30.12 40.21
C ASN A 358 0.13 30.57 39.52
N VAL A 359 -0.82 29.67 39.27
CA VAL A 359 -1.97 30.00 38.42
C VAL A 359 -2.99 30.76 39.26
N ASP A 360 -3.14 32.05 38.96
CA ASP A 360 -4.13 32.86 39.66
C ASP A 360 -5.53 32.58 39.14
N SER A 361 -5.75 32.82 37.86
CA SER A 361 -7.08 32.71 37.27
C SER A 361 -6.96 32.01 35.94
N PHE A 362 -8.09 31.53 35.44
CA PHE A 362 -8.10 30.70 34.23
C PHE A 362 -9.28 31.15 33.39
N VAL A 363 -9.02 31.71 32.22
CA VAL A 363 -10.08 32.13 31.34
C VAL A 363 -10.02 31.24 30.11
N GLU A 364 -10.81 30.17 30.13
CA GLU A 364 -11.00 29.31 28.98
C GLU A 364 -11.87 30.04 27.97
N LEU A 365 -11.77 29.64 26.71
CA LEU A 365 -12.53 30.25 25.64
C LEU A 365 -13.16 29.14 24.82
N GLY A 366 -14.48 28.97 24.95
CA GLY A 366 -15.13 27.85 24.33
C GLY A 366 -15.54 28.14 22.92
N GLN A 367 -16.81 27.94 22.58
CA GLN A 367 -17.31 28.24 21.26
C GLN A 367 -17.93 29.63 21.28
N VAL A 368 -17.43 30.53 20.44
CA VAL A 368 -17.81 31.93 20.52
C VAL A 368 -18.24 32.48 19.16
N ALA A 369 -18.49 31.60 18.20
CA ALA A 369 -18.67 32.09 16.84
C ALA A 369 -20.09 32.55 16.56
N LEU A 370 -21.10 31.99 17.22
CA LEU A 370 -22.46 32.21 16.77
C LEU A 370 -23.15 33.39 17.47
N ARG A 371 -23.28 33.33 18.80
CA ARG A 371 -23.70 34.45 19.65
C ARG A 371 -25.07 35.00 19.24
N THR A 372 -26.10 34.18 19.50
CA THR A 372 -27.40 34.31 18.86
C THR A 372 -28.12 35.63 19.13
N SER A 373 -27.84 36.31 20.23
CA SER A 373 -28.44 37.62 20.48
C SER A 373 -27.42 38.56 21.10
N LEU A 374 -26.20 38.54 20.56
CA LEU A 374 -25.02 39.26 21.08
C LEU A 374 -24.67 38.86 22.51
N GLU A 375 -25.13 37.70 22.97
CA GLU A 375 -24.92 37.27 24.34
C GLU A 375 -23.69 36.38 24.40
N LEU A 376 -22.99 36.47 25.53
CA LEU A 376 -21.78 35.68 25.76
C LEU A 376 -21.85 35.13 27.18
N TRP A 377 -22.02 33.82 27.30
CA TRP A 377 -22.31 33.21 28.59
C TRP A 377 -21.03 32.89 29.35
N MET A 378 -21.10 32.97 30.67
CA MET A 378 -19.95 32.83 31.55
C MET A 378 -20.15 31.59 32.42
N HIS A 379 -19.49 30.50 32.06
CA HIS A 379 -19.68 29.22 32.73
C HIS A 379 -18.64 29.02 33.82
N THR A 380 -19.09 28.76 35.03
CA THR A 380 -18.20 28.45 36.14
C THR A 380 -18.51 27.07 36.69
N ASP A 381 -17.69 26.62 37.60
CA ASP A 381 -17.97 25.33 38.22
C ASP A 381 -18.72 25.52 39.52
N PRO A 382 -19.83 24.83 39.72
CA PRO A 382 -20.59 25.03 40.97
C PRO A 382 -20.08 24.22 42.14
N VAL A 383 -19.43 23.08 41.87
CA VAL A 383 -19.05 22.17 42.94
C VAL A 383 -17.86 22.71 43.71
N SER A 384 -16.88 23.28 43.02
CA SER A 384 -15.74 23.83 43.74
C SER A 384 -16.04 25.17 44.40
N GLN A 385 -17.21 25.75 44.16
CA GLN A 385 -17.61 26.95 44.85
C GLN A 385 -18.28 26.68 46.19
N LYS A 386 -18.28 25.43 46.64
CA LYS A 386 -18.69 25.19 48.02
C LYS A 386 -17.63 25.69 48.99
N ASN A 387 -16.36 25.70 48.57
CA ASN A 387 -15.34 26.43 49.28
C ASN A 387 -15.61 27.92 49.10
N GLU A 388 -15.59 28.65 50.21
CA GLU A 388 -16.11 30.01 50.22
C GLU A 388 -15.15 31.01 49.60
N SER A 389 -13.85 30.86 49.87
CA SER A 389 -12.86 31.81 49.36
C SER A 389 -12.70 31.68 47.85
N VAL A 390 -12.76 30.45 47.34
CA VAL A 390 -12.73 30.23 45.90
C VAL A 390 -13.96 30.83 45.24
N ARG A 391 -15.11 30.75 45.93
CA ARG A 391 -16.33 31.35 45.42
C ARG A 391 -16.22 32.87 45.36
N ASN A 392 -15.59 33.48 46.36
CA ASN A 392 -15.39 34.93 46.30
C ASN A 392 -14.40 35.32 45.21
N GLN A 393 -13.37 34.51 44.98
CA GLN A 393 -12.45 34.82 43.89
C GLN A 393 -13.12 34.71 42.53
N VAL A 394 -14.02 33.74 42.37
CA VAL A 394 -14.74 33.60 41.11
C VAL A 394 -15.74 34.74 40.93
N GLU A 395 -16.36 35.20 42.02
CA GLU A 395 -17.26 36.35 41.91
C GLU A 395 -16.50 37.61 41.56
N ASP A 396 -15.29 37.77 42.10
CA ASP A 396 -14.45 38.89 41.70
C ASP A 396 -14.00 38.77 40.25
N LEU A 397 -13.78 37.54 39.78
CA LEU A 397 -13.45 37.30 38.38
C LEU A 397 -14.59 37.70 37.45
N LEU A 398 -15.82 37.34 37.81
CA LEU A 398 -16.95 37.69 36.96
C LEU A 398 -17.26 39.19 37.02
N ALA A 399 -17.01 39.82 38.16
CA ALA A 399 -17.13 41.28 38.23
C ALA A 399 -16.09 41.96 37.34
N THR A 400 -14.87 41.40 37.30
CA THR A 400 -13.83 41.93 36.42
C THR A 400 -14.19 41.77 34.96
N LEU A 401 -14.73 40.60 34.60
CA LEU A 401 -15.19 40.35 33.23
C LEU A 401 -16.29 41.31 32.82
N GLU A 402 -17.28 41.52 33.69
CA GLU A 402 -18.37 42.40 33.31
C GLU A 402 -17.94 43.87 33.28
N LYS A 403 -17.00 44.26 34.15
CA LYS A 403 -16.46 45.61 34.09
C LYS A 403 -15.68 45.85 32.82
N SER A 404 -14.87 44.87 32.40
CA SER A 404 -14.12 45.04 31.16
C SER A 404 -14.99 44.88 29.93
N GLY A 405 -16.13 44.22 30.04
CA GLY A 405 -17.01 44.04 28.91
C GLY A 405 -18.10 45.07 28.78
N ALA A 406 -18.31 45.89 29.81
CA ALA A 406 -19.29 46.97 29.72
C ALA A 406 -18.88 48.05 28.72
N GLY A 407 -17.58 48.18 28.44
CA GLY A 407 -17.12 49.18 27.49
C GLY A 407 -17.38 48.85 26.04
N VAL A 408 -17.83 47.64 25.74
CA VAL A 408 -18.11 47.20 24.38
C VAL A 408 -19.62 47.08 24.22
N PRO A 409 -20.23 47.75 23.24
CA PRO A 409 -21.69 47.67 23.07
C PRO A 409 -22.18 46.52 22.22
N ALA A 410 -21.30 45.65 21.74
CA ALA A 410 -21.70 44.53 20.90
C ALA A 410 -21.65 43.19 21.60
N VAL A 411 -21.15 43.13 22.83
CA VAL A 411 -21.08 41.89 23.60
C VAL A 411 -21.90 42.08 24.86
N ILE A 412 -22.80 41.16 25.12
CA ILE A 412 -23.65 41.20 26.31
C ILE A 412 -23.25 40.01 27.16
N LEU A 413 -22.63 40.27 28.31
CA LEU A 413 -22.21 39.18 29.17
C LEU A 413 -23.37 38.73 30.05
N ARG A 414 -23.63 37.44 30.03
CA ARG A 414 -24.67 36.83 30.84
C ARG A 414 -24.09 35.69 31.64
N ARG A 415 -24.69 35.41 32.77
CA ARG A 415 -24.34 34.20 33.48
C ARG A 415 -25.56 33.29 33.58
N PRO A 416 -25.37 31.97 33.60
CA PRO A 416 -26.51 31.06 33.64
C PRO A 416 -27.24 31.12 34.98
N ASN A 417 -28.55 31.34 34.90
CA ASN A 417 -29.38 31.45 36.11
C ASN A 417 -29.43 30.14 36.85
N GLN A 418 -29.78 29.07 36.16
CA GLN A 418 -29.76 27.75 36.77
C GLN A 418 -28.31 27.35 37.03
N SER A 419 -28.01 27.01 38.28
CA SER A 419 -26.66 26.62 38.66
C SER A 419 -26.40 25.24 38.06
N GLN A 420 -25.74 25.24 36.92
CA GLN A 420 -25.60 24.11 36.03
C GLN A 420 -24.11 23.85 35.83
N PRO A 421 -23.70 22.67 35.34
CA PRO A 421 -22.25 22.39 35.29
C PRO A 421 -21.53 23.11 34.18
N LEU A 422 -20.27 22.77 34.04
CA LEU A 422 -19.27 23.35 33.16
C LEU A 422 -19.23 22.57 31.86
N PRO A 423 -19.09 23.24 30.73
CA PRO A 423 -19.04 22.56 29.44
C PRO A 423 -17.74 21.79 29.28
N PRO A 424 -17.65 20.86 28.32
CA PRO A 424 -16.40 20.12 28.14
C PRO A 424 -15.27 20.99 27.62
N SER A 425 -14.32 21.29 28.50
CA SER A 425 -13.25 22.21 28.17
C SER A 425 -12.03 21.88 29.01
N SER A 426 -10.96 22.64 28.78
CA SER A 426 -9.66 22.31 29.34
C SER A 426 -9.55 22.65 30.81
N LEU A 427 -10.48 23.45 31.34
CA LEU A 427 -10.50 23.70 32.78
C LEU A 427 -10.90 22.47 33.55
N GLN A 428 -11.57 21.52 32.90
CA GLN A 428 -11.91 20.26 33.55
C GLN A 428 -10.75 19.30 33.68
N ARG A 429 -9.53 19.71 33.38
CA ARG A 429 -8.36 18.94 33.77
C ARG A 429 -7.58 19.61 34.88
N PHE A 430 -7.49 20.94 34.83
CA PHE A 430 -6.90 21.70 35.93
C PHE A 430 -7.73 21.58 37.20
N LEU A 431 -9.05 21.48 37.08
CA LEU A 431 -9.86 21.31 38.28
C LEU A 431 -9.80 19.90 38.83
N ARG A 432 -9.17 18.96 38.13
CA ARG A 432 -8.86 17.68 38.76
C ARG A 432 -7.66 17.77 39.69
N ALA A 433 -6.98 18.91 39.77
CA ALA A 433 -5.77 19.03 40.57
C ALA A 433 -5.85 20.09 41.66
N ARG A 434 -6.30 21.31 41.36
CA ARG A 434 -5.95 22.43 42.20
C ARG A 434 -7.12 23.25 42.75
N ASN A 435 -8.29 23.27 42.08
CA ASN A 435 -9.38 24.24 42.32
C ASN A 435 -8.89 25.67 42.13
N ILE A 436 -8.52 25.97 40.89
CA ILE A 436 -8.22 27.34 40.50
C ILE A 436 -9.52 28.06 40.16
N SER A 437 -9.52 29.37 40.36
CA SER A 437 -10.70 30.18 40.06
C SER A 437 -10.78 30.38 38.56
N GLY A 438 -11.70 29.68 37.91
CA GLY A 438 -11.75 29.66 36.46
C GLY A 438 -13.14 29.88 35.92
N VAL A 439 -13.19 30.29 34.66
CA VAL A 439 -14.45 30.56 33.96
C VAL A 439 -14.26 30.12 32.50
N VAL A 440 -15.34 29.68 31.89
CA VAL A 440 -15.34 29.26 30.49
C VAL A 440 -16.30 30.17 29.75
N LEU A 441 -15.79 30.95 28.81
CA LEU A 441 -16.62 31.80 27.99
C LEU A 441 -17.14 30.98 26.81
N ALA A 442 -18.42 31.14 26.51
CA ALA A 442 -19.04 30.44 25.40
C ALA A 442 -20.27 31.20 24.98
N ASP A 443 -20.85 30.81 23.84
CA ASP A 443 -22.03 31.50 23.33
C ASP A 443 -23.32 30.74 23.57
N HIS A 444 -23.28 29.67 24.37
CA HIS A 444 -24.47 28.87 24.62
C HIS A 444 -24.69 28.70 26.11
N SER A 445 -25.96 28.81 26.53
CA SER A 445 -26.29 28.55 27.92
C SER A 445 -26.55 27.07 28.14
N GLY A 446 -27.38 26.47 27.29
CA GLY A 446 -27.67 25.05 27.39
C GLY A 446 -26.87 24.25 26.39
N ALA A 447 -27.55 23.58 25.47
CA ALA A 447 -26.86 22.77 24.48
C ALA A 447 -26.12 23.65 23.48
N PHE A 448 -25.26 23.00 22.69
CA PHE A 448 -24.46 23.70 21.69
C PHE A 448 -25.35 24.31 20.62
N HIS A 449 -25.03 25.53 20.19
CA HIS A 449 -25.68 26.09 19.02
C HIS A 449 -25.14 25.50 17.73
N ASN A 450 -24.00 24.83 17.79
CA ASN A 450 -23.36 24.27 16.61
C ASN A 450 -24.17 23.07 16.13
N LYS A 451 -24.78 23.18 14.96
CA LYS A 451 -25.52 22.04 14.43
C LYS A 451 -24.60 20.94 13.90
N TYR A 452 -23.31 21.21 13.74
CA TYR A 452 -22.42 20.26 13.09
C TYR A 452 -21.16 20.06 13.92
N TYR A 453 -21.33 19.82 15.21
CA TYR A 453 -20.20 19.62 16.11
C TYR A 453 -19.47 18.34 15.74
N GLN A 454 -18.18 18.48 15.44
CA GLN A 454 -17.28 17.41 14.99
C GLN A 454 -17.82 16.73 13.74
N SER A 455 -18.21 17.52 12.75
CA SER A 455 -18.78 17.00 11.52
C SER A 455 -18.01 17.51 10.31
N ILE A 456 -18.31 16.92 9.15
CA ILE A 456 -17.73 17.38 7.89
C ILE A 456 -18.34 18.69 7.43
N TYR A 457 -19.50 19.06 7.94
CA TYR A 457 -20.21 20.23 7.48
C TYR A 457 -19.79 21.49 8.21
N ASP A 458 -18.90 21.37 9.18
CA ASP A 458 -18.52 22.50 10.02
C ASP A 458 -17.46 23.34 9.32
N THR A 459 -17.86 23.92 8.19
CA THR A 459 -16.98 24.68 7.33
C THR A 459 -17.21 26.17 7.51
N ALA A 460 -16.61 26.96 6.62
CA ALA A 460 -16.73 28.41 6.69
C ALA A 460 -18.15 28.91 6.45
N GLU A 461 -18.99 28.12 5.78
CA GLU A 461 -20.36 28.52 5.57
C GLU A 461 -21.22 28.35 6.82
N ASN A 462 -20.73 27.62 7.82
CA ASN A 462 -21.48 27.45 9.06
C ASN A 462 -21.53 28.77 9.84
N ILE A 463 -20.40 29.48 9.86
CA ILE A 463 -20.28 30.74 10.64
C ILE A 463 -20.49 31.97 9.76
N ASN A 464 -21.19 31.80 8.63
CA ASN A 464 -21.50 32.91 7.69
C ASN A 464 -20.22 33.60 7.22
N VAL A 465 -19.17 32.83 6.92
CA VAL A 465 -17.89 33.41 6.40
C VAL A 465 -17.88 33.17 4.88
N SER A 466 -18.18 34.21 4.11
CA SER A 466 -18.30 34.05 2.67
C SER A 466 -18.01 35.38 2.02
N TYR A 467 -17.21 35.36 1.05
CA TYR A 467 -16.69 36.53 0.38
C TYR A 467 -17.43 36.78 -0.92
N PRO A 468 -17.47 38.03 -1.39
CA PRO A 468 -18.10 38.31 -2.68
C PRO A 468 -17.29 37.74 -3.83
N GLU A 469 -17.97 37.51 -4.95
CA GLU A 469 -17.43 36.71 -6.03
C GLU A 469 -16.66 37.50 -7.07
N TRP A 470 -16.64 38.83 -7.00
CA TRP A 470 -15.95 39.62 -8.00
C TRP A 470 -14.59 40.12 -7.53
N LEU A 471 -13.99 39.46 -6.54
CA LEU A 471 -12.76 39.94 -5.96
C LEU A 471 -11.61 38.99 -6.26
N SER A 472 -10.41 39.55 -6.34
CA SER A 472 -9.20 38.76 -6.44
C SER A 472 -8.96 38.03 -5.11
N PRO A 473 -8.33 36.85 -5.16
CA PRO A 473 -8.02 36.14 -3.90
C PRO A 473 -6.87 36.73 -3.12
N GLU A 474 -6.30 37.87 -3.54
CA GLU A 474 -5.44 38.65 -2.67
C GLU A 474 -6.23 39.67 -1.87
N GLU A 475 -7.30 40.22 -2.44
CA GLU A 475 -8.16 41.10 -1.68
C GLU A 475 -9.11 40.32 -0.77
N ASP A 476 -9.34 39.03 -1.08
CA ASP A 476 -10.09 38.17 -0.17
C ASP A 476 -9.35 37.96 1.14
N LEU A 477 -8.02 38.05 1.12
CA LEU A 477 -7.27 38.05 2.36
C LEU A 477 -7.60 39.26 3.21
N ASN A 478 -7.82 40.41 2.58
CA ASN A 478 -7.95 41.66 3.33
C ASN A 478 -9.38 42.19 3.34
N PHE A 479 -10.36 41.38 2.94
CA PHE A 479 -11.75 41.80 3.00
C PHE A 479 -12.33 41.47 4.37
N VAL A 480 -13.20 42.34 4.87
CA VAL A 480 -13.71 42.25 6.23
C VAL A 480 -15.12 41.70 6.21
N THR A 481 -15.36 40.66 6.99
CA THR A 481 -16.65 40.00 7.10
C THR A 481 -17.30 40.44 8.42
N ASP A 482 -18.61 40.14 8.56
CA ASP A 482 -19.28 40.43 9.81
C ASP A 482 -18.83 39.50 10.94
N THR A 483 -18.44 38.27 10.60
CA THR A 483 -17.95 37.35 11.61
C THR A 483 -16.63 37.83 12.17
N ALA A 484 -15.78 38.43 11.33
CA ALA A 484 -14.54 39.02 11.79
C ALA A 484 -14.80 40.19 12.72
N LYS A 485 -15.82 40.97 12.44
CA LYS A 485 -16.14 42.10 13.30
C LYS A 485 -16.83 41.67 14.59
N ALA A 486 -17.47 40.51 14.62
CA ALA A 486 -18.01 40.00 15.88
C ALA A 486 -16.91 39.43 16.76
N LEU A 487 -16.03 38.63 16.16
CA LEU A 487 -14.93 38.04 16.92
C LEU A 487 -13.93 39.10 17.36
N ALA A 488 -13.85 40.22 16.64
CA ALA A 488 -13.00 41.33 17.10
C ALA A 488 -13.55 41.94 18.39
N ASP A 489 -14.88 42.00 18.52
CA ASP A 489 -15.45 42.54 19.74
C ASP A 489 -15.31 41.56 20.90
N VAL A 490 -15.44 40.26 20.60
CA VAL A 490 -15.18 39.22 21.60
C VAL A 490 -13.73 39.29 22.08
N ALA A 491 -12.80 39.47 21.14
CA ALA A 491 -11.39 39.57 21.49
C ALA A 491 -11.08 40.85 22.25
N THR A 492 -11.79 41.94 21.96
CA THR A 492 -11.60 43.17 22.71
C THR A 492 -12.01 42.99 24.16
N VAL A 493 -13.16 42.34 24.39
CA VAL A 493 -13.61 42.03 25.73
C VAL A 493 -12.62 41.13 26.45
N LEU A 494 -12.11 40.11 25.75
CA LEU A 494 -11.17 39.17 26.37
C LEU A 494 -9.84 39.83 26.70
N GLY A 495 -9.34 40.68 25.81
CA GLY A 495 -8.07 41.34 26.06
C GLY A 495 -8.13 42.34 27.19
N ARG A 496 -9.21 43.11 27.25
CA ARG A 496 -9.36 44.04 28.38
C ARG A 496 -9.58 43.29 29.68
N ALA A 497 -10.25 42.14 29.62
CA ALA A 497 -10.39 41.30 30.80
C ALA A 497 -9.05 40.80 31.29
N LEU A 498 -8.19 40.34 30.39
CA LEU A 498 -6.87 39.86 30.81
C LEU A 498 -5.99 41.00 31.31
N TYR A 499 -6.13 42.17 30.71
CA TYR A 499 -5.39 43.34 31.17
C TYR A 499 -5.81 43.73 32.59
N GLU A 500 -7.10 43.62 32.91
CA GLU A 500 -7.51 43.93 34.27
C GLU A 500 -7.16 42.81 35.23
N LEU A 501 -7.14 41.56 34.76
CA LEU A 501 -6.78 40.45 35.63
C LEU A 501 -5.30 40.46 35.97
N ALA A 502 -4.47 41.01 35.10
CA ALA A 502 -3.07 41.19 35.45
C ALA A 502 -2.82 42.47 36.23
N GLY A 503 -3.86 43.19 36.63
CA GLY A 503 -3.70 44.41 37.38
C GLY A 503 -3.18 45.56 36.56
N GLY A 504 -3.71 45.76 35.36
CA GLY A 504 -3.21 46.78 34.46
C GLY A 504 -3.65 48.19 34.83
N THR A 505 -4.96 48.36 35.03
CA THR A 505 -5.67 49.42 35.73
C THR A 505 -5.40 50.85 35.21
N ASN A 506 -4.66 51.04 34.13
CA ASN A 506 -4.61 52.42 33.68
C ASN A 506 -4.88 52.58 32.20
N PHE A 507 -4.40 51.65 31.37
CA PHE A 507 -4.57 51.77 29.92
C PHE A 507 -5.47 50.64 29.45
N SER A 508 -6.77 50.85 29.58
CA SER A 508 -7.73 49.83 29.19
C SER A 508 -8.36 50.09 27.83
N ASP A 509 -8.56 51.35 27.46
CA ASP A 509 -9.11 51.67 26.16
C ASP A 509 -8.12 51.45 25.04
N THR A 510 -6.82 51.45 25.33
CA THR A 510 -5.81 51.18 24.33
C THR A 510 -5.89 49.73 23.85
N VAL A 511 -6.26 48.82 24.74
CA VAL A 511 -6.37 47.41 24.40
C VAL A 511 -7.59 47.23 23.51
N GLN A 512 -7.37 46.96 22.22
CA GLN A 512 -8.45 46.71 21.29
C GLN A 512 -7.91 45.93 20.09
N ALA A 513 -8.58 44.86 19.72
CA ALA A 513 -8.18 44.10 18.55
C ALA A 513 -8.62 44.82 17.28
N ASP A 514 -8.14 44.30 16.14
CA ASP A 514 -8.58 44.88 14.89
C ASP A 514 -9.16 43.80 13.98
N PRO A 515 -10.18 44.14 13.18
CA PRO A 515 -10.76 43.15 12.27
C PRO A 515 -9.84 42.72 11.15
N GLN A 516 -8.75 43.45 10.88
CA GLN A 516 -7.85 43.08 9.80
C GLN A 516 -7.13 41.77 10.09
N THR A 517 -6.53 41.66 11.27
CA THR A 517 -5.85 40.42 11.64
C THR A 517 -6.82 39.26 11.77
N VAL A 518 -8.04 39.55 12.24
CA VAL A 518 -9.04 38.50 12.38
C VAL A 518 -9.46 37.97 11.02
N THR A 519 -9.71 38.86 10.05
CA THR A 519 -10.15 38.36 8.75
C THR A 519 -9.01 37.73 7.98
N ARG A 520 -7.76 38.12 8.24
CA ARG A 520 -6.65 37.45 7.60
C ARG A 520 -6.46 36.06 8.17
N LEU A 521 -6.63 35.90 9.48
CA LEU A 521 -6.54 34.57 10.08
C LEU A 521 -7.71 33.68 9.66
N LEU A 522 -8.91 34.26 9.55
CA LEU A 522 -10.06 33.48 9.12
C LEU A 522 -9.92 33.02 7.67
N TYR A 523 -9.45 33.90 6.80
CA TYR A 523 -9.20 33.49 5.42
C TYR A 523 -8.05 32.49 5.35
N GLY A 524 -7.10 32.58 6.27
CA GLY A 524 -5.97 31.69 6.22
C GLY A 524 -6.34 30.28 6.64
N PHE A 525 -7.08 30.15 7.73
CA PHE A 525 -7.41 28.81 8.19
C PHE A 525 -8.59 28.23 7.43
N LEU A 526 -9.64 29.02 7.17
CA LEU A 526 -10.88 28.43 6.70
C LEU A 526 -11.04 28.40 5.19
N ILE A 527 -10.31 29.21 4.43
CA ILE A 527 -10.58 29.21 2.99
C ILE A 527 -9.38 28.71 2.21
N LYS A 528 -8.27 29.44 2.28
CA LYS A 528 -7.07 29.09 1.54
C LYS A 528 -5.88 29.25 2.47
N ALA A 529 -5.07 28.21 2.59
CA ALA A 529 -3.95 28.25 3.50
C ALA A 529 -2.70 28.84 2.87
N ASN A 530 -2.59 28.80 1.55
CA ASN A 530 -1.42 29.30 0.84
C ASN A 530 -1.60 30.78 0.57
N ASN A 531 -1.47 31.58 1.63
CA ASN A 531 -1.74 33.00 1.52
C ASN A 531 -0.55 33.73 0.92
N SER A 532 -0.64 35.05 0.90
CA SER A 532 0.52 35.91 0.85
C SER A 532 0.95 36.37 2.22
N TRP A 533 0.14 36.09 3.24
CA TRP A 533 0.48 36.45 4.61
C TRP A 533 0.97 35.27 5.43
N PHE A 534 0.47 34.07 5.17
CA PHE A 534 1.03 32.91 5.86
C PHE A 534 2.40 32.56 5.32
N GLN A 535 2.76 32.99 4.13
CA GLN A 535 4.10 32.69 3.62
C GLN A 535 5.14 33.60 4.23
N SER A 536 4.77 34.81 4.62
CA SER A 536 5.72 35.78 5.13
C SER A 536 5.90 35.72 6.64
N ILE A 537 5.55 34.60 7.26
CA ILE A 537 5.68 34.45 8.70
C ILE A 537 6.36 33.14 9.02
N LEU A 538 6.47 32.26 8.04
CA LEU A 538 7.09 30.96 8.26
C LEU A 538 8.55 30.97 7.82
N ARG A 539 9.27 29.95 8.29
CA ARG A 539 10.61 29.70 7.81
C ARG A 539 10.58 29.19 6.38
N GLN A 540 11.76 29.16 5.75
CA GLN A 540 11.86 28.67 4.38
C GLN A 540 11.57 27.17 4.30
N ASP A 541 11.83 26.45 5.38
CA ASP A 541 11.72 24.99 5.36
C ASP A 541 10.28 24.52 5.30
N LEU A 542 9.36 25.33 5.82
CA LEU A 542 8.04 24.86 6.18
C LEU A 542 6.97 25.22 5.16
N ARG A 543 7.34 25.79 4.02
CA ARG A 543 6.34 26.24 3.07
C ARG A 543 5.63 25.11 2.35
N SER A 544 6.08 23.87 2.53
CA SER A 544 5.34 22.71 2.04
C SER A 544 4.07 22.48 2.83
N TYR A 545 4.00 22.97 4.07
CA TYR A 545 2.83 22.76 4.92
C TYR A 545 1.62 23.55 4.46
N LEU A 546 1.79 24.58 3.66
CA LEU A 546 0.68 25.44 3.24
C LEU A 546 0.17 24.94 1.89
N GLY A 547 -0.86 24.11 1.93
CA GLY A 547 -1.44 23.58 0.71
C GLY A 547 -2.42 24.54 0.10
N ASP A 548 -3.18 24.03 -0.87
CA ASP A 548 -4.08 24.88 -1.64
C ASP A 548 -5.33 25.22 -0.84
N GLY A 549 -5.99 24.23 -0.27
CA GLY A 549 -7.27 24.44 0.37
C GLY A 549 -7.15 25.01 1.77
N PRO A 550 -8.17 24.79 2.58
CA PRO A 550 -8.09 25.18 3.98
C PRO A 550 -7.39 24.12 4.81
N LEU A 551 -6.90 24.55 5.97
CA LEU A 551 -6.21 23.63 6.86
C LEU A 551 -7.22 22.75 7.56
N GLN A 552 -6.94 21.45 7.61
CA GLN A 552 -7.75 20.50 8.35
C GLN A 552 -7.13 20.33 9.73
N HIS A 553 -7.97 20.13 10.72
CA HIS A 553 -7.53 20.33 12.10
C HIS A 553 -7.57 19.04 12.91
N TYR A 554 -7.08 17.96 12.33
CA TYR A 554 -7.03 16.66 12.99
C TYR A 554 -5.66 16.48 13.63
N ILE A 555 -5.64 16.09 14.89
CA ILE A 555 -4.37 15.75 15.53
C ILE A 555 -3.89 14.42 14.96
N ALA A 556 -2.88 14.49 14.11
CA ALA A 556 -2.36 13.29 13.48
C ALA A 556 -1.14 12.80 14.24
N VAL A 557 -0.68 11.62 13.86
CA VAL A 557 0.51 11.05 14.49
C VAL A 557 1.76 11.79 14.05
N SER A 558 1.74 12.42 12.87
CA SER A 558 2.83 13.28 12.40
C SER A 558 2.99 14.43 13.37
N SER A 559 4.07 14.40 14.14
CA SER A 559 4.05 15.00 15.47
C SER A 559 4.02 16.53 15.49
N PRO A 560 4.65 17.27 14.58
CA PRO A 560 4.14 18.63 14.35
C PRO A 560 3.20 18.65 13.16
N THR A 561 2.09 19.36 13.27
CA THR A 561 1.07 19.35 12.22
C THR A 561 1.21 20.65 11.45
N ASN A 562 0.45 20.76 10.34
CA ASN A 562 0.30 22.02 9.64
C ASN A 562 -0.13 23.13 10.58
N THR A 563 -1.22 22.87 11.31
CA THR A 563 -1.91 23.87 12.11
C THR A 563 -1.06 24.31 13.29
N THR A 564 -0.28 23.40 13.86
CA THR A 564 0.58 23.74 14.99
C THR A 564 1.65 24.75 14.58
N TYR A 565 2.29 24.52 13.43
CA TYR A 565 3.28 25.47 12.95
C TYR A 565 2.65 26.79 12.56
N VAL A 566 1.49 26.76 11.93
CA VAL A 566 0.85 28.00 11.49
C VAL A 566 0.45 28.85 12.69
N VAL A 567 -0.09 28.22 13.73
CA VAL A 567 -0.47 28.96 14.94
C VAL A 567 0.76 29.45 15.68
N GLN A 568 1.85 28.66 15.66
CA GLN A 568 3.08 29.08 16.34
C GLN A 568 3.68 30.32 15.69
N TYR A 569 3.84 30.29 14.38
CA TYR A 569 4.45 31.45 13.73
C TYR A 569 3.50 32.63 13.62
N ALA A 570 2.19 32.40 13.61
CA ALA A 570 1.27 33.52 13.62
C ALA A 570 1.28 34.21 14.98
N LEU A 571 1.32 33.43 16.06
CA LEU A 571 1.51 34.02 17.38
C LEU A 571 2.87 34.69 17.51
N ALA A 572 3.89 34.15 16.84
CA ALA A 572 5.21 34.75 16.88
C ALA A 572 5.25 36.09 16.16
N ASN A 573 4.48 36.24 15.08
CA ASN A 573 4.34 37.58 14.51
C ASN A 573 3.52 38.47 15.43
N LEU A 574 2.36 38.01 15.88
CA LEU A 574 1.43 38.89 16.58
C LEU A 574 1.96 39.35 17.94
N THR A 575 2.93 38.65 18.52
CA THR A 575 3.56 39.10 19.75
C THR A 575 4.99 39.58 19.56
N GLY A 576 5.77 38.97 18.67
CA GLY A 576 7.18 39.28 18.61
C GLY A 576 7.50 40.55 17.87
N THR A 577 8.77 40.93 17.93
CA THR A 577 9.32 42.06 17.19
C THR A 577 10.47 41.57 16.32
N VAL A 578 10.80 42.38 15.31
CA VAL A 578 11.91 42.09 14.42
C VAL A 578 13.16 42.76 14.95
N VAL A 579 14.31 42.18 14.64
CA VAL A 579 15.61 42.71 15.04
C VAL A 579 16.54 42.68 13.85
N ASN A 580 17.58 43.51 13.89
CA ASN A 580 18.66 43.41 12.92
C ASN A 580 19.62 42.32 13.38
N LEU A 581 19.51 41.15 12.77
CA LEU A 581 20.50 40.12 12.98
C LEU A 581 20.77 39.45 11.65
N THR A 582 22.03 39.10 11.42
CA THR A 582 22.34 38.22 10.31
C THR A 582 21.80 36.83 10.62
N ARG A 583 21.65 36.02 9.56
CA ARG A 583 21.05 34.71 9.71
C ARG A 583 21.91 33.79 10.58
N GLU A 584 23.22 33.92 10.49
CA GLU A 584 24.10 33.14 11.36
C GLU A 584 24.02 33.62 12.81
N GLN A 585 23.81 34.92 13.01
CA GLN A 585 23.49 35.40 14.36
C GLN A 585 22.12 34.93 14.79
N CYS A 586 21.21 34.71 13.84
CA CYS A 586 19.85 34.34 14.19
C CYS A 586 19.77 32.87 14.56
N GLN A 587 20.67 32.05 14.00
CA GLN A 587 20.74 30.65 14.39
C GLN A 587 21.22 30.50 15.83
N ASP A 588 22.09 31.38 16.28
CA ASP A 588 22.60 31.35 17.65
C ASP A 588 22.96 32.76 18.07
N PRO A 589 22.17 33.37 18.96
CA PRO A 589 22.46 34.75 19.37
C PRO A 589 23.42 34.85 20.55
N SER A 590 24.18 33.78 20.80
CA SER A 590 25.07 33.71 21.96
C SER A 590 26.14 34.78 21.94
N LYS A 591 26.58 35.19 20.75
CA LYS A 591 27.66 36.16 20.63
C LYS A 591 27.21 37.57 20.93
N VAL A 592 25.91 37.83 20.91
CA VAL A 592 25.38 39.17 21.13
C VAL A 592 25.27 39.41 22.64
N PRO A 593 25.70 40.57 23.14
CA PRO A 593 25.54 40.84 24.58
C PRO A 593 24.09 40.99 24.99
N SER A 594 23.26 41.59 24.14
CA SER A 594 21.82 41.57 24.32
C SER A 594 21.27 40.30 23.68
N GLU A 595 19.95 40.27 23.49
CA GLU A 595 19.23 39.21 22.78
C GLU A 595 19.44 37.85 23.42
N ASN A 596 18.90 37.72 24.63
CA ASN A 596 19.10 36.52 25.43
C ASN A 596 18.45 35.31 24.77
N LYS A 597 19.08 34.16 24.98
CA LYS A 597 18.62 32.88 24.46
C LYS A 597 17.71 32.18 25.44
N ASP A 598 17.85 32.49 26.73
CA ASP A 598 17.04 31.85 27.77
C ASP A 598 15.61 32.34 27.72
N LEU A 599 15.41 33.65 27.70
CA LEU A 599 14.09 34.23 27.85
C LEU A 599 13.27 34.09 26.57
N TYR A 600 13.80 34.56 25.45
CA TYR A 600 13.03 34.63 24.23
C TYR A 600 13.30 33.39 23.37
N GLU A 601 12.79 33.39 22.15
CA GLU A 601 13.16 32.38 21.17
C GLU A 601 13.09 33.03 19.79
N TYR A 602 13.91 32.54 18.87
CA TYR A 602 14.20 33.22 17.63
C TYR A 602 13.88 32.35 16.44
N SER A 603 13.61 33.00 15.31
CA SER A 603 13.33 32.25 14.09
C SER A 603 13.68 33.12 12.90
N TRP A 604 14.33 32.51 11.91
CA TRP A 604 14.62 33.16 10.65
C TRP A 604 13.48 32.87 9.70
N VAL A 605 12.54 33.81 9.59
CA VAL A 605 11.36 33.60 8.78
C VAL A 605 11.59 34.24 7.42
N GLN A 606 10.75 33.86 6.46
CA GLN A 606 10.74 34.53 5.17
C GLN A 606 10.24 35.96 5.31
N GLY A 607 10.45 36.75 4.27
CA GLY A 607 9.94 38.10 4.27
C GLY A 607 8.73 38.21 3.38
N PRO A 608 8.31 39.43 3.09
CA PRO A 608 7.32 39.64 2.02
C PRO A 608 8.00 39.58 0.67
N LEU A 609 7.17 39.51 -0.37
CA LEU A 609 7.67 39.51 -1.74
C LEU A 609 7.97 40.94 -2.16
N HIS A 610 9.24 41.24 -2.41
CA HIS A 610 9.58 42.44 -3.15
C HIS A 610 9.18 42.26 -4.61
N SER A 611 8.51 43.27 -5.15
CA SER A 611 7.80 43.11 -6.41
C SER A 611 8.75 43.01 -7.59
N ASN A 612 8.20 42.49 -8.70
CA ASN A 612 8.79 42.34 -10.04
C ASN A 612 9.85 41.24 -10.12
N GLU A 613 10.23 40.67 -8.97
CA GLU A 613 11.17 39.56 -8.92
C GLU A 613 10.70 38.59 -7.84
N THR A 614 11.57 37.66 -7.47
CA THR A 614 11.35 36.77 -6.33
C THR A 614 12.37 37.13 -5.26
N ASP A 615 12.03 38.14 -4.46
CA ASP A 615 12.91 38.65 -3.41
C ASP A 615 12.13 38.65 -2.10
N ARG A 616 12.16 37.54 -1.39
CA ARG A 616 11.81 37.57 0.02
C ARG A 616 12.85 38.40 0.76
N LEU A 617 12.41 39.10 1.80
CA LEU A 617 13.28 39.96 2.61
C LEU A 617 13.31 39.40 4.03
N PRO A 618 14.06 38.33 4.27
CA PRO A 618 13.93 37.58 5.52
C PRO A 618 14.49 38.33 6.71
N ARG A 619 13.99 37.98 7.88
CA ARG A 619 14.31 38.71 9.11
C ARG A 619 14.07 37.80 10.30
N CYS A 620 14.65 38.17 11.43
CA CYS A 620 14.43 37.45 12.67
C CYS A 620 13.19 37.97 13.37
N VAL A 621 12.63 37.15 14.25
CA VAL A 621 11.53 37.55 15.11
C VAL A 621 11.90 37.21 16.54
N ARG A 622 11.75 38.18 17.44
CA ARG A 622 12.14 38.03 18.82
C ARG A 622 10.85 37.77 19.60
N SER A 623 10.43 36.52 19.60
CA SER A 623 9.11 36.14 20.08
C SER A 623 9.24 35.18 21.24
N THR A 624 8.09 34.63 21.66
CA THR A 624 8.03 33.71 22.77
C THR A 624 7.17 32.50 22.44
N ALA A 625 6.88 32.27 21.17
CA ALA A 625 5.98 31.18 20.78
C ALA A 625 6.70 29.84 20.86
N ARG A 626 6.84 29.31 22.06
CA ARG A 626 7.47 28.03 22.25
C ARG A 626 6.48 26.90 21.97
N LEU A 627 6.98 25.68 22.04
CA LEU A 627 6.16 24.49 21.90
C LEU A 627 6.41 23.60 23.11
N ALA A 628 5.41 22.82 23.48
CA ALA A 628 5.54 21.86 24.55
C ALA A 628 5.01 20.53 24.06
N ARG A 629 5.46 19.44 24.66
CA ARG A 629 5.07 18.13 24.18
C ARG A 629 3.65 17.81 24.60
N ALA A 630 2.86 17.28 23.68
CA ALA A 630 1.47 16.89 23.95
C ALA A 630 1.30 15.44 23.55
N LEU A 631 1.46 14.57 24.54
CA LEU A 631 1.36 13.12 24.39
C LEU A 631 1.01 12.59 25.77
N SER A 632 -0.12 11.91 25.87
CA SER A 632 -0.77 11.68 27.16
C SER A 632 0.07 10.82 28.08
N PRO A 633 0.02 11.06 29.39
CA PRO A 633 0.91 10.35 30.31
C PRO A 633 0.65 8.86 30.45
N ALA A 634 -0.42 8.33 29.88
CA ALA A 634 -0.56 6.88 29.78
C ALA A 634 0.47 6.28 28.83
N PHE A 635 1.01 7.07 27.92
CA PHE A 635 2.05 6.63 27.01
C PHE A 635 3.43 7.01 27.49
N GLU A 636 3.53 7.68 28.63
CA GLU A 636 4.79 7.95 29.28
C GLU A 636 5.00 7.06 30.49
N LEU A 637 3.94 6.79 31.23
CA LEU A 637 3.98 5.79 32.29
C LEU A 637 3.77 4.39 31.75
N SER A 638 3.44 4.27 30.45
CA SER A 638 3.31 3.01 29.71
C SER A 638 2.28 2.07 30.32
N GLN A 639 1.28 2.62 30.98
CA GLN A 639 0.19 1.82 31.52
C GLN A 639 -0.97 1.90 30.55
N TRP A 640 -0.86 1.15 29.44
CA TRP A 640 -1.73 1.30 28.29
C TRP A 640 -3.16 0.85 28.53
N SER A 641 -3.52 0.35 29.70
CA SER A 641 -4.93 0.19 30.07
C SER A 641 -5.14 1.08 31.28
N SER A 642 -5.38 2.36 31.02
CA SER A 642 -5.55 3.35 32.05
C SER A 642 -6.91 4.00 31.89
N THR A 643 -7.47 4.48 33.00
CA THR A 643 -8.83 4.99 33.00
C THR A 643 -8.88 6.48 33.31
N GLU A 644 -7.75 7.18 33.21
CA GLU A 644 -7.81 8.63 33.33
C GLU A 644 -6.82 9.36 32.43
N TYR A 645 -6.27 8.73 31.40
CA TYR A 645 -5.26 9.43 30.61
C TYR A 645 -5.35 9.18 29.11
N SER A 646 -6.54 8.95 28.57
CA SER A 646 -6.86 9.10 27.13
C SER A 646 -6.02 8.17 26.25
N THR A 647 -6.26 6.88 26.39
CA THR A 647 -5.51 5.87 25.65
C THR A 647 -6.08 5.72 24.24
N TRP A 648 -5.79 6.70 23.40
CA TRP A 648 -6.25 6.71 22.02
C TRP A 648 -5.07 6.51 21.10
N THR A 649 -5.16 5.52 20.23
CA THR A 649 -4.16 5.28 19.20
C THR A 649 -4.84 5.12 17.86
N GLU A 650 -4.03 5.16 16.81
CA GLU A 650 -4.50 5.05 15.45
C GLU A 650 -3.83 3.84 14.82
N SER A 651 -4.62 3.04 14.10
CA SER A 651 -4.08 1.96 13.31
C SER A 651 -3.14 2.49 12.23
N ARG A 652 -2.19 1.68 11.84
CA ARG A 652 -1.34 1.99 10.71
C ARG A 652 -1.85 1.17 9.54
N TRP A 653 -1.67 1.69 8.32
CA TRP A 653 -2.17 0.97 7.15
C TRP A 653 -1.16 1.09 6.02
N LYS A 654 -1.61 0.74 4.82
CA LYS A 654 -0.76 0.77 3.64
C LYS A 654 -1.66 0.83 2.41
N ASP A 655 -1.51 1.90 1.61
CA ASP A 655 -2.14 2.06 0.30
C ASP A 655 -3.67 2.04 0.37
N ILE A 656 -4.22 3.09 0.99
CA ILE A 656 -5.64 3.39 0.85
C ILE A 656 -5.89 3.74 -0.62
N ARG A 657 -6.65 2.92 -1.33
CA ARG A 657 -7.02 3.26 -2.69
C ARG A 657 -8.36 2.64 -3.01
N ALA A 658 -8.99 3.14 -4.08
CA ALA A 658 -10.28 2.64 -4.51
C ALA A 658 -10.36 2.74 -6.03
N ARG A 659 -11.16 1.88 -6.64
CA ARG A 659 -11.25 1.79 -8.08
C ARG A 659 -12.56 1.10 -8.46
N ILE A 660 -13.00 1.34 -9.69
CA ILE A 660 -14.19 0.70 -10.21
C ILE A 660 -13.84 -0.04 -11.49
N PHE A 661 -14.70 -1.00 -11.83
CA PHE A 661 -14.49 -1.89 -12.96
C PHE A 661 -15.80 -2.60 -13.28
N LEU A 662 -15.76 -3.44 -14.29
CA LEU A 662 -16.86 -4.36 -14.58
C LEU A 662 -16.57 -5.73 -14.02
N ILE A 663 -17.62 -6.50 -13.80
CA ILE A 663 -17.44 -7.90 -13.44
C ILE A 663 -18.19 -8.76 -14.47
N ALA A 664 -17.77 -10.01 -14.57
CA ALA A 664 -18.36 -10.98 -15.46
C ALA A 664 -19.08 -12.05 -14.65
N SER A 665 -19.99 -12.74 -15.32
CA SER A 665 -20.80 -13.78 -14.69
C SER A 665 -19.95 -14.95 -14.23
N LYS A 666 -20.50 -15.72 -13.30
CA LYS A 666 -19.86 -16.99 -12.97
C LYS A 666 -20.05 -18.00 -14.09
N GLU A 667 -21.06 -17.83 -14.93
CA GLU A 667 -21.22 -18.65 -16.12
C GLU A 667 -20.02 -18.51 -17.04
N LEU A 668 -19.53 -17.29 -17.22
CA LEU A 668 -18.41 -17.09 -18.12
C LEU A 668 -17.11 -17.60 -17.51
N GLU A 669 -16.98 -17.56 -16.19
CA GLU A 669 -15.79 -18.12 -15.55
C GLU A 669 -15.78 -19.64 -15.64
N LEU A 670 -16.94 -20.28 -15.43
CA LEU A 670 -17.01 -21.72 -15.58
C LEU A 670 -16.81 -22.14 -17.03
N ILE A 671 -17.30 -21.36 -17.98
CA ILE A 671 -17.09 -21.68 -19.39
C ILE A 671 -15.62 -21.52 -19.77
N THR A 672 -14.96 -20.47 -19.30
CA THR A 672 -13.56 -20.31 -19.70
C THR A 672 -12.66 -21.35 -19.02
N LEU A 673 -13.03 -21.83 -17.82
CA LEU A 673 -12.24 -22.88 -17.22
C LEU A 673 -12.51 -24.24 -17.88
N THR A 674 -13.75 -24.47 -18.30
CA THR A 674 -14.08 -25.70 -19.02
C THR A 674 -13.39 -25.73 -20.38
N VAL A 675 -13.31 -24.58 -21.06
CA VAL A 675 -12.60 -24.54 -22.34
C VAL A 675 -11.10 -24.70 -22.14
N GLY A 676 -10.55 -24.19 -21.03
CA GLY A 676 -9.15 -24.44 -20.73
C GLY A 676 -8.84 -25.91 -20.51
N PHE A 677 -9.66 -26.58 -19.68
CA PHE A 677 -9.46 -28.02 -19.46
C PHE A 677 -9.68 -28.83 -20.73
N GLY A 678 -10.69 -28.45 -21.53
CA GLY A 678 -10.97 -29.19 -22.74
C GLY A 678 -9.86 -29.11 -23.76
N ILE A 679 -9.29 -27.91 -23.94
CA ILE A 679 -8.19 -27.75 -24.90
C ILE A 679 -6.93 -28.44 -24.38
N LEU A 680 -6.68 -28.39 -23.07
CA LEU A 680 -5.49 -29.06 -22.52
C LEU A 680 -5.57 -30.57 -22.68
N ILE A 681 -6.70 -31.16 -22.32
CA ILE A 681 -6.87 -32.61 -22.42
C ILE A 681 -6.88 -33.05 -23.88
N PHE A 682 -7.50 -32.26 -24.76
CA PHE A 682 -7.50 -32.59 -26.18
C PHE A 682 -6.11 -32.54 -26.78
N SER A 683 -5.31 -31.54 -26.40
CA SER A 683 -3.96 -31.43 -26.95
C SER A 683 -3.06 -32.56 -26.44
N LEU A 684 -3.21 -32.94 -25.17
CA LEU A 684 -2.41 -34.05 -24.66
C LEU A 684 -2.80 -35.37 -25.31
N ILE A 685 -4.10 -35.60 -25.53
CA ILE A 685 -4.53 -36.85 -26.16
C ILE A 685 -4.08 -36.91 -27.62
N VAL A 686 -4.19 -35.80 -28.35
CA VAL A 686 -3.81 -35.83 -29.76
C VAL A 686 -2.30 -35.96 -29.91
N THR A 687 -1.53 -35.32 -29.04
CA THR A 687 -0.07 -35.45 -29.11
C THR A 687 0.37 -36.86 -28.73
N TYR A 688 -0.24 -37.45 -27.71
CA TYR A 688 0.12 -38.81 -27.32
C TYR A 688 -0.31 -39.84 -28.35
N CYS A 689 -1.40 -39.57 -29.09
CA CYS A 689 -1.79 -40.48 -30.15
C CYS A 689 -0.90 -40.36 -31.37
N ILE A 690 -0.50 -39.13 -31.71
CA ILE A 690 0.34 -38.95 -32.90
C ILE A 690 1.74 -39.46 -32.65
N ASN A 691 2.30 -39.20 -31.46
CA ASN A 691 3.67 -39.61 -31.17
C ASN A 691 3.79 -41.12 -31.09
N ALA A 692 2.76 -41.80 -30.59
CA ALA A 692 2.78 -43.25 -30.52
C ALA A 692 2.68 -43.90 -31.90
N LYS A 693 2.09 -43.21 -32.88
CA LYS A 693 2.04 -43.71 -34.24
C LYS A 693 2.94 -42.89 -35.17
N ALA A 694 4.08 -42.42 -34.65
CA ALA A 694 5.04 -41.70 -35.46
C ALA A 694 5.75 -42.59 -36.47
N ASP A 695 5.70 -43.91 -36.29
CA ASP A 695 6.28 -44.82 -37.26
C ASP A 695 5.44 -44.88 -38.53
N VAL A 696 4.15 -45.17 -38.39
CA VAL A 696 3.33 -45.52 -39.54
C VAL A 696 2.97 -44.28 -40.35
N LEU A 697 2.71 -43.17 -39.66
CA LEU A 697 2.16 -41.99 -40.31
C LEU A 697 3.18 -41.23 -41.14
N PHE A 698 4.47 -41.48 -40.95
CA PHE A 698 5.51 -40.72 -41.62
C PHE A 698 6.47 -41.67 -42.31
N ILE A 699 6.57 -41.57 -43.63
CA ILE A 699 7.40 -42.45 -44.43
C ILE A 699 8.42 -41.57 -45.16
N ALA A 700 9.68 -41.65 -44.71
CA ALA A 700 10.82 -40.87 -45.22
C ALA A 700 10.58 -39.37 -45.22
N ALA B 85 25.10 -33.09 -24.80
CA ALA B 85 24.11 -34.14 -24.93
C ALA B 85 23.27 -34.25 -23.66
N LYS B 86 23.51 -35.32 -22.90
CA LYS B 86 22.86 -35.47 -21.59
C LYS B 86 23.39 -34.44 -20.59
N HIS B 87 24.67 -34.08 -20.70
CA HIS B 87 25.33 -33.31 -19.66
C HIS B 87 24.98 -31.83 -19.70
N VAL B 88 24.59 -31.31 -20.87
CA VAL B 88 24.16 -29.91 -20.93
C VAL B 88 22.79 -29.78 -20.26
N ILE B 89 21.96 -30.80 -20.38
CA ILE B 89 20.67 -30.83 -19.69
C ILE B 89 20.88 -30.96 -18.19
N MET B 90 21.97 -31.62 -17.79
CA MET B 90 22.40 -31.60 -16.39
C MET B 90 22.92 -30.25 -15.95
N LEU B 91 23.05 -29.29 -16.85
CA LEU B 91 23.36 -27.91 -16.48
C LEU B 91 22.20 -26.97 -16.75
N PHE B 92 21.07 -27.46 -17.26
CA PHE B 92 19.88 -26.62 -17.41
C PHE B 92 18.97 -26.70 -16.19
N VAL B 93 18.58 -27.90 -15.81
CA VAL B 93 17.66 -28.17 -14.70
C VAL B 93 18.18 -27.64 -13.36
N PRO B 94 19.52 -27.64 -13.06
CA PRO B 94 19.99 -26.79 -11.95
C PRO B 94 19.70 -25.31 -12.12
N VAL B 95 20.16 -24.69 -13.21
CA VAL B 95 20.06 -23.24 -13.31
C VAL B 95 18.66 -22.77 -13.71
N THR B 96 17.74 -23.66 -14.03
CA THR B 96 16.37 -23.23 -14.30
C THR B 96 15.54 -23.20 -13.03
N LEU B 97 15.59 -24.30 -12.27
CA LEU B 97 14.86 -24.38 -11.00
C LEU B 97 15.40 -23.40 -9.97
N CYS B 98 16.66 -22.98 -10.10
CA CYS B 98 17.16 -21.88 -9.29
C CYS B 98 16.45 -20.58 -9.64
N MET B 99 16.15 -20.36 -10.91
CA MET B 99 15.53 -19.11 -11.31
C MET B 99 14.04 -19.08 -11.00
N ILE B 100 13.37 -20.23 -11.05
CA ILE B 100 11.95 -20.26 -10.77
C ILE B 100 11.69 -20.01 -9.30
N VAL B 101 12.60 -20.44 -8.42
CA VAL B 101 12.48 -20.13 -7.00
C VAL B 101 12.76 -18.66 -6.74
N VAL B 102 13.70 -18.06 -7.48
CA VAL B 102 14.00 -16.65 -7.28
C VAL B 102 12.87 -15.76 -7.79
N VAL B 103 12.40 -16.03 -9.02
CA VAL B 103 11.40 -15.16 -9.65
C VAL B 103 10.05 -15.26 -8.94
N ALA B 104 9.67 -16.46 -8.52
CA ALA B 104 8.45 -16.60 -7.73
C ALA B 104 8.58 -16.02 -6.33
N THR B 105 9.80 -15.76 -5.88
CA THR B 105 9.97 -15.01 -4.64
C THR B 105 9.88 -13.51 -4.88
N ILE B 106 10.50 -13.02 -5.96
CA ILE B 106 10.51 -11.59 -6.26
C ILE B 106 9.11 -11.09 -6.59
N LYS B 107 8.34 -11.88 -7.33
CA LYS B 107 7.02 -11.44 -7.76
C LYS B 107 5.93 -11.76 -6.73
N SER B 108 6.27 -12.33 -5.60
CA SER B 108 5.25 -12.62 -4.60
C SER B 108 5.53 -12.00 -3.24
N VAL B 109 6.79 -11.99 -2.80
CA VAL B 109 7.09 -11.54 -1.44
C VAL B 109 7.02 -10.03 -1.33
N ARG B 110 7.61 -9.31 -2.31
CA ARG B 110 7.60 -7.85 -2.41
C ARG B 110 8.24 -7.21 -1.18
N PHE B 111 9.30 -7.86 -0.67
CA PHE B 111 10.12 -7.32 0.40
C PHE B 111 11.51 -6.92 -0.06
N TYR B 112 12.00 -7.53 -1.14
CA TYR B 112 13.36 -7.29 -1.62
C TYR B 112 13.36 -6.17 -2.66
N THR B 113 12.41 -5.24 -2.54
CA THR B 113 12.30 -4.09 -3.40
C THR B 113 13.31 -3.01 -3.03
N HIS B 169 36.91 -27.97 7.57
CA HIS B 169 36.20 -27.63 8.79
C HIS B 169 36.57 -26.24 9.29
N GLY B 170 36.93 -25.37 8.35
CA GLY B 170 37.29 -24.01 8.68
C GLY B 170 36.21 -22.99 8.35
N TRP B 171 36.41 -22.26 7.25
CA TRP B 171 35.45 -21.23 6.86
C TRP B 171 34.15 -21.83 6.33
N LEU B 172 34.22 -23.04 5.77
CA LEU B 172 33.04 -23.62 5.13
C LEU B 172 31.98 -24.07 6.13
N ILE B 173 32.34 -24.31 7.38
CA ILE B 173 31.35 -24.63 8.39
C ILE B 173 30.66 -23.36 8.88
N MET B 174 31.46 -22.36 9.25
CA MET B 174 30.92 -21.15 9.89
C MET B 174 30.12 -20.30 8.90
N SER B 175 30.53 -20.26 7.63
CA SER B 175 29.82 -19.46 6.65
C SER B 175 28.56 -20.14 6.15
N SER B 176 28.35 -21.41 6.49
CA SER B 176 27.15 -22.13 6.10
C SER B 176 26.13 -22.25 7.21
N LEU B 177 26.58 -22.26 8.47
CA LEU B 177 25.67 -22.26 9.60
C LEU B 177 24.88 -20.96 9.68
N MET B 178 25.52 -19.84 9.33
CA MET B 178 24.86 -18.55 9.25
C MET B 178 24.19 -18.34 7.90
N LEU B 179 24.18 -19.36 7.05
CA LEU B 179 23.46 -19.37 5.78
C LEU B 179 22.34 -20.39 5.75
N LEU B 180 22.51 -21.52 6.42
CA LEU B 180 21.44 -22.51 6.51
C LEU B 180 20.48 -22.23 7.65
N PHE B 181 20.90 -21.54 8.70
CA PHE B 181 20.04 -21.28 9.84
C PHE B 181 19.60 -19.84 9.95
N LEU B 182 20.37 -18.89 9.42
CA LEU B 182 20.00 -17.50 9.55
C LEU B 182 19.24 -16.99 8.34
N PHE B 183 19.59 -17.44 7.15
CA PHE B 183 18.86 -17.03 5.96
C PHE B 183 17.56 -17.80 5.82
N THR B 184 17.50 -19.01 6.38
CA THR B 184 16.23 -19.74 6.40
C THR B 184 15.27 -19.09 7.38
N TYR B 185 15.79 -18.61 8.51
CA TYR B 185 14.98 -17.92 9.51
C TYR B 185 14.43 -16.60 8.98
N ILE B 186 15.11 -15.99 8.01
CA ILE B 186 14.61 -14.78 7.38
C ILE B 186 13.67 -15.10 6.23
N TYR B 187 14.05 -16.05 5.37
CA TYR B 187 13.24 -16.34 4.19
C TYR B 187 11.92 -17.01 4.57
N LEU B 188 11.94 -17.92 5.53
CA LEU B 188 10.68 -18.47 6.01
C LEU B 188 9.92 -17.46 6.83
N GLY B 189 10.62 -16.55 7.51
CA GLY B 189 9.93 -15.51 8.26
C GLY B 189 9.25 -14.51 7.37
N GLU B 190 9.89 -14.15 6.26
CA GLU B 190 9.34 -13.14 5.39
C GLU B 190 8.25 -13.70 4.48
N VAL B 191 8.33 -14.98 4.12
CA VAL B 191 7.33 -15.54 3.23
C VAL B 191 6.01 -15.78 3.96
N LEU B 192 6.02 -15.83 5.29
CA LEU B 192 4.80 -15.94 6.04
C LEU B 192 4.17 -14.59 6.34
N LYS B 193 4.98 -13.53 6.36
CA LYS B 193 4.44 -12.18 6.49
C LYS B 193 3.63 -11.79 5.28
N THR B 194 3.95 -12.35 4.11
CA THR B 194 3.18 -12.05 2.92
C THR B 194 1.78 -12.65 3.01
N TYR B 195 1.69 -13.94 3.32
CA TYR B 195 0.40 -14.60 3.31
C TYR B 195 -0.40 -14.38 4.58
N ASN B 196 0.21 -13.75 5.60
CA ASN B 196 -0.43 -13.37 6.86
C ASN B 196 -1.04 -14.58 7.57
N VAL B 197 -0.20 -15.57 7.84
CA VAL B 197 -0.57 -16.67 8.69
C VAL B 197 0.27 -16.60 9.95
N ALA B 198 -0.11 -17.37 10.96
CA ALA B 198 0.51 -17.31 12.27
C ALA B 198 1.20 -18.64 12.54
N MET B 199 2.53 -18.64 12.47
CA MET B 199 3.31 -19.81 12.85
C MET B 199 4.01 -19.50 14.16
N ASP B 200 4.18 -20.51 14.99
CA ASP B 200 4.70 -20.29 16.32
C ASP B 200 6.15 -20.69 16.43
N TYR B 201 6.76 -20.35 17.54
CA TYR B 201 8.11 -20.75 17.87
C TYR B 201 8.31 -22.25 18.13
N PRO B 202 7.34 -23.04 18.64
CA PRO B 202 7.56 -24.49 18.63
C PRO B 202 7.49 -25.15 17.25
N THR B 203 7.34 -24.42 16.16
CA THR B 203 7.35 -25.04 14.84
C THR B 203 8.45 -24.50 13.96
N LEU B 204 8.61 -23.18 13.87
CA LEU B 204 9.62 -22.65 12.97
C LEU B 204 11.02 -22.85 13.52
N LEU B 205 11.18 -22.95 14.83
CA LEU B 205 12.46 -23.39 15.37
C LEU B 205 12.69 -24.85 15.05
N LEU B 206 11.64 -25.64 14.99
CA LEU B 206 11.79 -27.04 14.60
C LEU B 206 12.05 -27.15 13.09
N THR B 207 11.43 -26.27 12.30
CA THR B 207 11.50 -26.40 10.85
C THR B 207 12.85 -25.93 10.32
N VAL B 208 13.40 -24.87 10.90
CA VAL B 208 14.75 -24.44 10.55
C VAL B 208 15.78 -25.48 10.99
N TRP B 209 15.55 -26.08 12.16
CA TRP B 209 16.43 -27.15 12.63
C TRP B 209 16.32 -28.40 11.78
N ASN B 210 15.15 -28.68 11.23
CA ASN B 210 15.02 -29.82 10.33
C ASN B 210 15.45 -29.51 8.91
N PHE B 211 15.80 -28.27 8.62
CA PHE B 211 16.25 -27.91 7.29
C PHE B 211 17.74 -27.64 7.23
N GLY B 212 18.24 -26.80 8.13
CA GLY B 212 19.65 -26.45 8.08
C GLY B 212 20.55 -27.58 8.50
N ALA B 213 20.15 -28.34 9.53
CA ALA B 213 20.99 -29.43 10.02
C ALA B 213 20.97 -30.63 9.08
N VAL B 214 19.83 -30.91 8.45
CA VAL B 214 19.82 -31.94 7.41
C VAL B 214 20.59 -31.46 6.19
N GLY B 215 20.51 -30.16 5.89
CA GLY B 215 21.32 -29.58 4.83
C GLY B 215 22.80 -29.59 5.14
N MET B 216 23.16 -29.52 6.42
CA MET B 216 24.56 -29.57 6.81
C MET B 216 25.09 -30.99 6.74
N VAL B 217 24.28 -31.96 7.16
CA VAL B 217 24.72 -33.36 7.17
C VAL B 217 24.57 -34.00 5.80
N CYS B 218 23.89 -33.34 4.85
CA CYS B 218 23.84 -33.88 3.50
C CYS B 218 25.09 -33.54 2.71
N ILE B 219 25.60 -32.33 2.84
CA ILE B 219 26.76 -31.88 2.06
C ILE B 219 28.07 -32.34 2.69
N HIS B 220 28.24 -32.11 3.98
CA HIS B 220 29.47 -32.42 4.68
C HIS B 220 29.52 -33.85 5.20
N TRP B 221 28.58 -34.69 4.79
CA TRP B 221 28.61 -36.12 5.08
C TRP B 221 27.91 -36.81 3.90
N LYS B 222 27.62 -38.09 4.04
CA LYS B 222 27.11 -38.87 2.93
C LYS B 222 25.59 -38.81 2.86
N GLY B 223 25.09 -38.40 1.70
CA GLY B 223 23.67 -38.39 1.46
C GLY B 223 23.35 -38.83 0.05
N PRO B 224 22.07 -38.80 -0.32
CA PRO B 224 21.68 -39.11 -1.69
C PRO B 224 22.16 -37.99 -2.61
N LEU B 225 22.37 -38.33 -3.87
CA LEU B 225 22.74 -37.31 -4.82
C LEU B 225 21.61 -36.36 -5.15
N VAL B 226 20.37 -36.86 -5.15
CA VAL B 226 19.19 -36.03 -5.43
C VAL B 226 19.05 -34.95 -4.38
N LEU B 227 19.12 -35.34 -3.10
CA LEU B 227 19.04 -34.36 -2.02
C LEU B 227 20.31 -33.52 -1.94
N GLN B 228 21.44 -34.05 -2.39
CA GLN B 228 22.63 -33.23 -2.55
C GLN B 228 22.44 -32.18 -3.64
N GLN B 229 21.81 -32.59 -4.74
CA GLN B 229 21.51 -31.64 -5.82
C GLN B 229 20.45 -30.64 -5.41
N ALA B 230 19.43 -31.07 -4.66
CA ALA B 230 18.32 -30.18 -4.34
C ALA B 230 18.71 -29.13 -3.30
N TYR B 231 19.76 -29.37 -2.54
CA TYR B 231 20.17 -28.38 -1.55
C TYR B 231 21.06 -27.29 -2.13
N LEU B 232 21.79 -27.58 -3.21
CA LEU B 232 22.60 -26.54 -3.82
C LEU B 232 21.74 -25.53 -4.56
N ILE B 233 20.55 -25.94 -4.98
CA ILE B 233 19.61 -25.00 -5.59
C ILE B 233 19.10 -24.03 -4.53
N MET B 234 18.81 -24.54 -3.33
CA MET B 234 18.20 -23.69 -2.32
C MET B 234 19.20 -22.73 -1.71
N ILE B 235 20.45 -23.15 -1.54
CA ILE B 235 21.41 -22.26 -0.90
C ILE B 235 21.87 -21.16 -1.85
N SER B 236 21.80 -21.41 -3.17
CA SER B 236 22.16 -20.38 -4.12
C SER B 236 21.10 -19.30 -4.19
N ALA B 237 19.82 -19.69 -4.10
CA ALA B 237 18.74 -18.72 -4.12
C ALA B 237 18.74 -17.86 -2.86
N LEU B 238 19.06 -18.47 -1.71
CA LEU B 238 19.15 -17.70 -0.47
C LEU B 238 20.31 -16.72 -0.53
N MET B 239 21.42 -17.11 -1.14
CA MET B 239 22.51 -16.17 -1.34
C MET B 239 22.22 -15.20 -2.48
N ALA B 240 21.30 -15.54 -3.38
CA ALA B 240 20.92 -14.59 -4.42
C ALA B 240 20.04 -13.49 -3.86
N LEU B 241 19.11 -13.83 -2.97
CA LEU B 241 18.12 -12.87 -2.52
C LEU B 241 18.69 -11.85 -1.55
N VAL B 242 19.81 -12.13 -0.89
CA VAL B 242 20.40 -11.14 0.00
C VAL B 242 21.14 -10.06 -0.76
N PHE B 243 21.49 -10.31 -2.03
CA PHE B 243 22.18 -9.29 -2.82
C PHE B 243 21.21 -8.29 -3.43
N ILE B 244 20.01 -8.74 -3.81
CA ILE B 244 19.09 -7.86 -4.52
C ILE B 244 18.51 -6.82 -3.57
N LYS B 245 18.34 -7.17 -2.30
CA LYS B 245 17.87 -6.19 -1.33
C LYS B 245 18.97 -5.19 -0.98
N TYR B 246 20.16 -5.69 -0.64
CA TYR B 246 21.17 -4.86 0.02
C TYR B 246 21.91 -3.94 -0.93
N LEU B 247 22.07 -4.35 -2.19
CA LEU B 247 22.86 -3.54 -3.11
C LEU B 247 22.00 -2.40 -3.68
N PRO B 248 22.59 -1.23 -3.92
CA PRO B 248 21.80 -0.08 -4.38
C PRO B 248 21.33 -0.16 -5.83
N GLU B 249 20.77 0.96 -6.32
CA GLU B 249 19.96 1.11 -7.52
C GLU B 249 20.53 0.45 -8.79
N TRP B 250 21.67 0.93 -9.29
CA TRP B 250 22.29 0.32 -10.46
C TRP B 250 23.77 0.07 -10.25
N SER B 251 24.18 -0.16 -9.00
CA SER B 251 25.53 -0.62 -8.74
C SER B 251 25.69 -2.08 -9.17
N ALA B 252 24.59 -2.83 -9.16
CA ALA B 252 24.62 -4.25 -9.54
C ALA B 252 25.02 -4.45 -10.99
N TRP B 253 24.75 -3.46 -11.84
CA TRP B 253 25.21 -3.50 -13.22
C TRP B 253 26.71 -3.23 -13.35
N VAL B 254 27.36 -2.92 -12.21
CA VAL B 254 28.83 -2.65 -12.21
C VAL B 254 29.56 -3.89 -11.67
N ILE B 255 29.12 -4.38 -10.50
CA ILE B 255 29.73 -5.56 -9.82
C ILE B 255 29.87 -6.71 -10.82
N LEU B 256 28.75 -7.19 -11.36
CA LEU B 256 28.74 -8.32 -12.33
C LEU B 256 29.78 -8.06 -13.44
N GLY B 257 29.67 -6.91 -14.11
CA GLY B 257 30.61 -6.56 -15.18
C GLY B 257 32.06 -6.67 -14.74
N ALA B 258 32.43 -5.99 -13.66
CA ALA B 258 33.82 -6.02 -13.14
C ALA B 258 34.25 -7.47 -12.92
N ILE B 259 33.41 -8.27 -12.26
CA ILE B 259 33.72 -9.70 -11.96
C ILE B 259 34.03 -10.44 -13.27
N SER B 260 33.13 -10.35 -14.25
CA SER B 260 33.34 -11.05 -15.56
C SER B 260 34.63 -10.57 -16.23
N VAL B 261 34.91 -9.27 -16.16
CA VAL B 261 36.12 -8.67 -16.80
C VAL B 261 37.39 -9.22 -16.12
N TYR B 262 37.35 -9.39 -14.80
CA TYR B 262 38.52 -9.90 -14.04
C TYR B 262 38.64 -11.42 -14.21
N ASP B 263 37.53 -12.07 -14.58
CA ASP B 263 37.52 -13.55 -14.78
C ASP B 263 37.68 -13.86 -16.26
N GLY B 365 28.53 -21.94 -7.05
CA GLY B 365 29.35 -20.76 -7.29
C GLY B 365 28.85 -19.92 -8.44
N ASP B 366 28.77 -20.53 -9.63
CA ASP B 366 28.25 -19.84 -10.80
C ASP B 366 26.76 -19.56 -10.69
N PHE B 367 26.04 -20.35 -9.88
CA PHE B 367 24.56 -20.19 -9.77
C PHE B 367 24.19 -18.80 -9.23
N ILE B 368 24.79 -18.41 -8.09
CA ILE B 368 24.52 -17.12 -7.40
C ILE B 368 24.49 -15.97 -8.42
N PHE B 369 25.57 -15.81 -9.19
CA PHE B 369 25.67 -14.71 -10.20
C PHE B 369 24.42 -14.67 -11.08
N TYR B 370 24.16 -15.76 -11.82
CA TYR B 370 22.98 -15.83 -12.72
C TYR B 370 21.71 -15.42 -11.97
N SER B 371 21.48 -16.06 -10.82
CA SER B 371 20.26 -15.77 -10.00
C SER B 371 20.13 -14.26 -9.76
N VAL B 372 21.15 -13.63 -9.17
CA VAL B 372 21.13 -12.17 -8.87
C VAL B 372 20.83 -11.40 -10.15
N LEU B 373 21.59 -11.68 -11.22
CA LEU B 373 21.43 -10.99 -12.53
C LEU B 373 19.95 -10.99 -12.94
N VAL B 374 19.29 -12.15 -12.92
CA VAL B 374 17.86 -12.23 -13.35
C VAL B 374 16.99 -11.36 -12.43
N GLY B 375 16.85 -11.75 -11.17
CA GLY B 375 16.05 -11.08 -10.16
C GLY B 375 16.14 -9.57 -10.22
N LYS B 376 17.24 -9.04 -10.72
CA LYS B 376 17.31 -7.62 -11.00
C LYS B 376 16.41 -7.27 -12.19
N ALA B 377 16.32 -8.15 -13.17
CA ALA B 377 15.37 -7.96 -14.26
C ALA B 377 13.95 -8.35 -13.88
N ALA B 378 13.77 -9.07 -12.78
CA ALA B 378 12.45 -9.51 -12.35
C ALA B 378 11.74 -8.52 -11.47
N ALA B 379 12.35 -7.40 -11.17
CA ALA B 379 11.71 -6.39 -10.34
C ALA B 379 11.72 -5.01 -10.95
N THR B 380 12.79 -4.64 -11.65
CA THR B 380 12.95 -3.29 -12.14
C THR B 380 12.08 -3.02 -13.35
N GLY B 381 11.70 -1.76 -13.52
CA GLY B 381 10.72 -1.39 -14.51
C GLY B 381 9.31 -1.51 -13.96
N SER B 382 8.38 -1.68 -14.87
CA SER B 382 7.00 -1.98 -14.52
C SER B 382 6.85 -3.50 -14.34
N GLY B 383 5.63 -3.99 -14.29
CA GLY B 383 5.45 -5.43 -14.35
C GLY B 383 5.46 -5.86 -15.80
N ASP B 384 6.62 -6.33 -16.25
CA ASP B 384 6.81 -6.75 -17.64
C ASP B 384 7.62 -8.03 -17.64
N TRP B 385 6.98 -9.13 -18.02
CA TRP B 385 7.64 -10.43 -18.06
C TRP B 385 8.49 -10.62 -19.30
N ASN B 386 8.49 -9.64 -20.21
CA ASN B 386 9.31 -9.77 -21.41
C ASN B 386 10.79 -9.66 -21.09
N THR B 387 11.16 -8.74 -20.20
CA THR B 387 12.55 -8.58 -19.82
C THR B 387 13.04 -9.75 -18.97
N THR B 388 12.16 -10.31 -18.15
CA THR B 388 12.55 -11.41 -17.27
C THR B 388 12.81 -12.68 -18.08
N LEU B 389 12.01 -12.92 -19.12
CA LEU B 389 12.15 -14.13 -19.90
C LEU B 389 13.07 -13.97 -21.11
N ALA B 390 13.38 -12.73 -21.51
CA ALA B 390 14.46 -12.56 -22.47
C ALA B 390 15.81 -12.85 -21.81
N CYS B 391 16.02 -12.33 -20.61
CA CYS B 391 17.23 -12.64 -19.86
C CYS B 391 17.26 -14.06 -19.35
N PHE B 392 16.13 -14.78 -19.37
CA PHE B 392 16.17 -16.20 -19.07
C PHE B 392 16.84 -16.99 -20.20
N VAL B 393 16.44 -16.71 -21.44
CA VAL B 393 16.96 -17.45 -22.58
C VAL B 393 18.37 -17.00 -22.91
N ALA B 394 18.70 -15.73 -22.68
CA ALA B 394 20.02 -15.19 -23.00
C ALA B 394 21.12 -15.73 -22.11
N ILE B 395 20.78 -16.39 -21.00
CA ILE B 395 21.78 -17.03 -20.17
C ILE B 395 22.11 -18.42 -20.70
N LEU B 396 21.11 -19.15 -21.17
CA LEU B 396 21.34 -20.53 -21.58
C LEU B 396 22.15 -20.63 -22.87
N ILE B 397 22.06 -19.62 -23.74
CA ILE B 397 22.88 -19.61 -24.93
C ILE B 397 24.33 -19.30 -24.58
N GLY B 398 24.56 -18.42 -23.62
CA GLY B 398 25.89 -18.26 -23.07
C GLY B 398 26.37 -19.51 -22.35
N LEU B 399 25.43 -20.28 -21.81
CA LEU B 399 25.79 -21.57 -21.21
C LEU B 399 26.11 -22.60 -22.29
N CYS B 400 25.35 -22.61 -23.38
CA CYS B 400 25.58 -23.59 -24.44
C CYS B 400 26.84 -23.27 -25.23
N LEU B 401 27.08 -21.99 -25.52
CA LEU B 401 28.27 -21.60 -26.27
C LEU B 401 29.54 -21.81 -25.46
N THR B 402 29.45 -21.82 -24.12
CA THR B 402 30.58 -22.20 -23.30
C THR B 402 30.98 -23.65 -23.52
N LEU B 403 30.03 -24.56 -23.49
CA LEU B 403 30.35 -25.96 -23.68
C LEU B 403 30.64 -26.29 -25.14
N LEU B 404 30.14 -25.48 -26.08
CA LEU B 404 30.59 -25.60 -27.46
C LEU B 404 32.04 -25.13 -27.58
N LEU B 405 32.42 -24.13 -26.79
CA LEU B 405 33.80 -23.68 -26.76
C LEU B 405 34.69 -24.67 -26.00
N LEU B 406 34.13 -25.34 -24.99
CA LEU B 406 34.90 -26.28 -24.19
C LEU B 406 35.20 -27.56 -24.96
N ALA B 407 34.32 -27.94 -25.89
CA ALA B 407 34.54 -29.12 -26.73
C ALA B 407 35.61 -28.91 -27.78
N VAL B 408 36.04 -27.66 -28.00
CA VAL B 408 37.22 -27.38 -28.81
C VAL B 408 38.38 -26.85 -27.99
N PHE B 409 38.17 -25.89 -27.07
CA PHE B 409 39.19 -25.49 -26.13
C PHE B 409 39.10 -26.23 -24.79
N LYS B 410 39.76 -27.38 -24.70
CA LYS B 410 39.55 -28.38 -23.65
C LYS B 410 39.97 -27.97 -22.25
N LYS B 411 41.05 -27.19 -22.14
CA LYS B 411 41.84 -27.00 -20.91
C LYS B 411 40.96 -26.35 -19.82
N ALA B 412 40.52 -25.11 -19.98
CA ALA B 412 39.74 -24.42 -18.97
C ALA B 412 38.92 -23.30 -19.61
N LEU B 413 37.79 -22.98 -18.98
CA LEU B 413 36.88 -21.90 -19.47
C LEU B 413 36.30 -21.13 -18.29
N PRO B 414 36.12 -19.79 -18.39
CA PRO B 414 35.57 -18.98 -17.29
C PRO B 414 34.06 -19.20 -17.15
N ALA B 415 33.42 -19.65 -18.23
CA ALA B 415 31.97 -19.97 -18.33
C ALA B 415 31.09 -18.74 -18.07
N LEU B 416 31.40 -17.93 -17.06
CA LEU B 416 30.55 -16.77 -16.78
C LEU B 416 30.33 -15.85 -17.97
N PRO B 417 31.37 -15.21 -18.58
CA PRO B 417 31.12 -13.97 -19.34
C PRO B 417 30.30 -14.12 -20.61
N ILE B 418 30.16 -15.34 -21.14
CA ILE B 418 29.36 -15.51 -22.34
C ILE B 418 27.88 -15.40 -21.99
N SER B 419 27.48 -15.93 -20.84
CA SER B 419 26.13 -15.70 -20.34
C SER B 419 25.93 -14.28 -19.85
N ILE B 420 27.01 -13.60 -19.50
CA ILE B 420 26.90 -12.25 -18.95
C ILE B 420 26.84 -11.23 -20.07
N THR B 421 27.65 -11.41 -21.13
CA THR B 421 27.65 -10.48 -22.25
C THR B 421 26.32 -10.49 -22.98
N PHE B 422 25.74 -11.67 -23.18
CA PHE B 422 24.41 -11.72 -23.75
C PHE B 422 23.34 -11.35 -22.73
N GLY B 423 23.63 -11.46 -21.44
CA GLY B 423 22.68 -11.12 -20.42
C GLY B 423 22.62 -9.64 -20.12
N LEU B 424 23.79 -8.99 -20.05
CA LEU B 424 23.81 -7.56 -19.80
C LEU B 424 23.24 -6.78 -20.96
N ILE B 425 23.50 -7.22 -22.19
CA ILE B 425 22.98 -6.53 -23.35
C ILE B 425 21.47 -6.72 -23.45
N PHE B 426 21.00 -7.94 -23.31
CA PHE B 426 19.59 -8.18 -23.55
C PHE B 426 18.68 -7.78 -22.41
N TYR B 427 19.22 -7.30 -21.29
CA TYR B 427 18.38 -6.51 -20.39
C TYR B 427 18.14 -5.13 -20.99
N PHE B 428 19.21 -4.43 -21.31
CA PHE B 428 19.13 -3.07 -21.83
C PHE B 428 18.76 -3.02 -23.30
N SER B 429 18.45 -4.16 -23.90
CA SER B 429 17.96 -4.21 -25.27
C SER B 429 16.47 -4.46 -25.35
N THR B 430 15.81 -4.84 -24.25
CA THR B 430 14.38 -5.03 -24.26
C THR B 430 13.63 -4.24 -23.19
N ASP B 431 14.32 -3.75 -22.15
CA ASP B 431 13.63 -3.02 -21.11
C ASP B 431 13.19 -1.65 -21.62
N ASN B 432 14.01 -1.01 -22.43
CA ASN B 432 13.73 0.31 -22.93
C ASN B 432 13.55 0.34 -24.44
N LEU B 433 13.86 -0.74 -25.14
CA LEU B 433 13.85 -0.71 -26.58
C LEU B 433 12.77 -1.59 -27.20
N VAL B 434 12.40 -2.70 -26.58
CA VAL B 434 11.39 -3.60 -27.14
C VAL B 434 10.07 -3.39 -26.43
N ARG B 435 10.13 -3.15 -25.12
CA ARG B 435 9.00 -2.76 -24.28
C ARG B 435 8.18 -1.59 -24.85
N PRO B 436 8.76 -0.58 -25.53
CA PRO B 436 7.88 0.30 -26.31
C PRO B 436 7.21 -0.40 -27.48
N PHE B 437 7.97 -1.17 -28.25
CA PHE B 437 7.45 -1.79 -29.46
C PHE B 437 6.44 -2.89 -29.15
N MET B 438 6.49 -3.48 -27.96
CA MET B 438 5.44 -4.40 -27.56
C MET B 438 4.16 -3.67 -27.14
N ASP B 439 4.30 -2.63 -26.34
CA ASP B 439 3.12 -2.03 -25.72
C ASP B 439 2.27 -1.25 -26.70
N THR B 440 2.83 -0.86 -27.84
CA THR B 440 2.00 -0.27 -28.89
C THR B 440 1.25 -1.35 -29.65
N LEU B 441 1.87 -2.51 -29.83
CA LEU B 441 1.18 -3.66 -30.39
C LEU B 441 0.13 -4.19 -29.43
N ALA B 442 0.43 -4.17 -28.14
CA ALA B 442 -0.55 -4.57 -27.14
C ALA B 442 -1.67 -3.55 -26.98
N SER B 443 -1.43 -2.30 -27.39
CA SER B 443 -2.47 -1.29 -27.30
C SER B 443 -3.58 -1.56 -28.30
N HIS B 444 -3.22 -1.67 -29.57
CA HIS B 444 -4.18 -1.97 -30.60
C HIS B 444 -4.49 -3.46 -30.71
N GLN B 445 -3.96 -4.29 -29.80
CA GLN B 445 -4.13 -5.74 -29.74
C GLN B 445 -3.65 -6.38 -31.05
N LEU B 446 -2.34 -6.29 -31.25
CA LEU B 446 -1.75 -6.75 -32.50
C LEU B 446 -0.85 -7.95 -32.23
N TYR B 447 -0.52 -8.65 -33.31
CA TYR B 447 0.29 -9.85 -33.17
C TYR B 447 1.28 -9.95 -34.32
N ILE B 448 2.45 -10.47 -34.00
CA ILE B 448 3.50 -10.72 -34.98
C ILE B 448 3.85 -12.19 -34.96
N GLY C 2 -10.50 -13.38 -11.71
CA GLY C 2 -10.18 -14.37 -10.71
C GLY C 2 -9.18 -15.39 -11.22
N ALA C 3 -8.82 -16.35 -10.36
CA ALA C 3 -7.89 -17.39 -10.76
C ALA C 3 -8.51 -18.38 -11.74
N ALA C 4 -9.83 -18.49 -11.75
CA ALA C 4 -10.52 -19.36 -12.70
C ALA C 4 -10.29 -18.89 -14.13
N VAL C 5 -10.38 -17.59 -14.37
CA VAL C 5 -10.14 -17.04 -15.69
C VAL C 5 -8.66 -17.18 -16.06
N PHE C 6 -7.77 -17.04 -15.08
CA PHE C 6 -6.33 -17.14 -15.35
C PHE C 6 -5.95 -18.55 -15.76
N PHE C 7 -6.35 -19.56 -14.99
CA PHE C 7 -6.03 -20.92 -15.38
C PHE C 7 -6.85 -21.40 -16.55
N GLY C 8 -7.99 -20.79 -16.84
CA GLY C 8 -8.71 -21.12 -18.05
C GLY C 8 -7.98 -20.60 -19.27
N CYS C 9 -7.58 -19.33 -19.25
CA CYS C 9 -6.96 -18.74 -20.42
C CYS C 9 -5.50 -19.14 -20.59
N THR C 10 -4.85 -19.59 -19.53
CA THR C 10 -3.49 -20.12 -19.67
C THR C 10 -3.51 -21.44 -20.40
N PHE C 11 -4.47 -22.30 -20.08
CA PHE C 11 -4.55 -23.61 -20.72
C PHE C 11 -5.06 -23.51 -22.14
N VAL C 12 -5.69 -22.39 -22.52
CA VAL C 12 -6.04 -22.20 -23.91
C VAL C 12 -4.81 -21.78 -24.71
N ALA C 13 -3.97 -20.93 -24.13
CA ALA C 13 -2.79 -20.46 -24.83
C ALA C 13 -1.70 -21.53 -24.82
N PHE C 14 -1.27 -21.95 -23.64
CA PHE C 14 -0.19 -22.92 -23.51
C PHE C 14 -0.73 -24.32 -23.32
N GLY C 15 -1.82 -24.65 -23.99
CA GLY C 15 -2.31 -26.00 -24.04
C GLY C 15 -1.54 -26.87 -25.01
N PRO C 16 -1.60 -26.54 -26.31
CA PRO C 16 -0.81 -27.32 -27.27
C PRO C 16 0.68 -27.19 -27.11
N ALA C 17 1.19 -26.01 -26.75
CA ALA C 17 2.64 -25.81 -26.65
C ALA C 17 3.23 -26.61 -25.50
N PHE C 18 2.57 -26.61 -24.35
CA PHE C 18 3.01 -27.45 -23.24
C PHE C 18 2.84 -28.92 -23.55
N ALA C 19 1.84 -29.27 -24.36
CA ALA C 19 1.67 -30.67 -24.75
C ALA C 19 2.82 -31.15 -25.61
N LEU C 20 3.20 -30.37 -26.63
CA LEU C 20 4.30 -30.76 -27.50
C LEU C 20 5.62 -30.72 -26.76
N PHE C 21 5.83 -29.72 -25.90
CA PHE C 21 7.05 -29.65 -25.12
C PHE C 21 7.14 -30.78 -24.11
N LEU C 22 6.03 -31.20 -23.54
CA LEU C 22 6.09 -32.22 -22.51
C LEU C 22 6.24 -33.60 -23.11
N ILE C 23 5.39 -33.95 -24.08
CA ILE C 23 5.45 -35.27 -24.67
C ILE C 23 6.67 -35.40 -25.58
N THR C 24 6.80 -34.49 -26.54
CA THR C 24 7.76 -34.71 -27.61
C THR C 24 9.17 -34.34 -27.20
N VAL C 25 9.39 -33.08 -26.83
CA VAL C 25 10.75 -32.56 -26.78
C VAL C 25 11.45 -32.90 -25.45
N ALA C 26 10.71 -32.98 -24.35
CA ALA C 26 11.34 -33.15 -23.04
C ALA C 26 11.97 -34.53 -22.83
N GLY C 27 11.61 -35.51 -23.65
CA GLY C 27 12.23 -36.82 -23.54
C GLY C 27 13.58 -36.88 -24.22
N ASP C 28 13.75 -36.09 -25.27
CA ASP C 28 14.97 -36.11 -26.06
C ASP C 28 15.87 -34.97 -25.61
N PRO C 29 16.98 -35.27 -24.93
CA PRO C 29 17.80 -34.19 -24.34
C PRO C 29 18.60 -33.39 -25.35
N LEU C 30 18.68 -33.83 -26.60
CA LEU C 30 19.35 -33.03 -27.62
C LEU C 30 18.49 -31.87 -28.08
N ARG C 31 17.17 -32.06 -28.11
CA ARG C 31 16.28 -31.10 -28.77
C ARG C 31 16.11 -29.82 -27.97
N VAL C 32 16.40 -29.84 -26.67
CA VAL C 32 16.23 -28.66 -25.83
C VAL C 32 17.23 -27.57 -26.24
N ILE C 33 18.42 -27.97 -26.69
CA ILE C 33 19.40 -27.00 -27.19
C ILE C 33 18.90 -26.37 -28.48
N ILE C 34 18.25 -27.16 -29.34
CA ILE C 34 17.63 -26.65 -30.55
C ILE C 34 16.52 -25.66 -30.21
N LEU C 35 15.76 -25.97 -29.15
CA LEU C 35 14.66 -25.11 -28.71
C LEU C 35 15.18 -23.76 -28.22
N VAL C 36 16.22 -23.78 -27.39
CA VAL C 36 16.74 -22.54 -26.84
C VAL C 36 17.47 -21.72 -27.90
N ALA C 37 18.12 -22.38 -28.87
CA ALA C 37 18.76 -21.64 -29.95
C ALA C 37 17.75 -20.99 -30.87
N GLY C 38 16.63 -21.68 -31.15
CA GLY C 38 15.59 -21.07 -31.96
C GLY C 38 14.94 -19.88 -31.30
N ALA C 39 14.63 -20.00 -30.00
CA ALA C 39 14.09 -18.87 -29.26
C ALA C 39 15.08 -17.71 -29.18
N PHE C 40 16.37 -18.02 -29.13
CA PHE C 40 17.39 -16.99 -29.13
C PHE C 40 17.41 -16.22 -30.43
N PHE C 41 17.34 -16.92 -31.56
CA PHE C 41 17.36 -16.19 -32.83
C PHE C 41 16.07 -15.41 -33.04
N TRP C 42 14.96 -15.88 -32.48
CA TRP C 42 13.74 -15.08 -32.52
C TRP C 42 13.89 -13.80 -31.71
N LEU C 43 14.55 -13.87 -30.57
CA LEU C 43 14.77 -12.67 -29.77
C LEU C 43 15.66 -11.67 -30.50
N VAL C 44 16.68 -12.16 -31.20
CA VAL C 44 17.54 -11.28 -31.96
C VAL C 44 16.77 -10.63 -33.11
N SER C 45 15.83 -11.38 -33.71
CA SER C 45 14.96 -10.83 -34.74
C SER C 45 14.08 -9.71 -34.21
N LEU C 46 13.48 -9.94 -33.03
CA LEU C 46 12.60 -8.93 -32.45
C LEU C 46 13.36 -7.68 -32.03
N LEU C 47 14.58 -7.86 -31.50
CA LEU C 47 15.43 -6.72 -31.18
C LEU C 47 15.78 -5.91 -32.42
N LEU C 48 16.16 -6.60 -33.50
CA LEU C 48 16.54 -5.89 -34.72
C LEU C 48 15.37 -5.15 -35.34
N ALA C 49 14.15 -5.66 -35.18
CA ALA C 49 13.00 -4.90 -35.66
C ALA C 49 12.66 -3.73 -34.75
N SER C 50 12.81 -3.91 -33.44
CA SER C 50 12.45 -2.84 -32.51
C SER C 50 13.43 -1.69 -32.58
N VAL C 51 14.67 -1.96 -32.99
CA VAL C 51 15.62 -0.89 -33.29
C VAL C 51 15.09 0.01 -34.40
N VAL C 52 14.60 -0.60 -35.48
CA VAL C 52 14.09 0.15 -36.63
C VAL C 52 12.86 0.95 -36.25
N TRP C 53 11.97 0.35 -35.45
CA TRP C 53 10.78 1.09 -35.05
C TRP C 53 11.11 2.22 -34.09
N PHE C 54 12.08 2.02 -33.21
CA PHE C 54 12.58 3.08 -32.33
C PHE C 54 13.15 4.24 -33.14
N ILE C 55 13.92 3.92 -34.20
CA ILE C 55 14.45 4.91 -35.12
C ILE C 55 13.34 5.73 -35.75
N LEU C 56 12.33 5.05 -36.30
CA LEU C 56 11.28 5.78 -37.02
C LEU C 56 10.41 6.59 -36.07
N VAL C 57 10.14 6.08 -34.87
CA VAL C 57 9.29 6.82 -33.94
C VAL C 57 10.03 8.00 -33.34
N HIS C 58 11.37 7.99 -33.29
CA HIS C 58 12.07 9.17 -32.79
C HIS C 58 12.62 10.06 -33.89
N VAL C 59 12.56 9.64 -35.15
CA VAL C 59 12.85 10.54 -36.26
C VAL C 59 11.61 11.31 -36.69
N THR C 60 10.47 10.65 -36.82
CA THR C 60 9.28 11.32 -37.32
C THR C 60 8.61 12.23 -36.29
N ASP C 61 9.08 12.24 -35.05
CA ASP C 61 8.77 13.24 -34.02
C ASP C 61 7.30 13.28 -33.60
N ARG C 62 6.62 12.14 -33.65
CA ARG C 62 5.47 11.81 -32.81
C ARG C 62 4.23 12.68 -33.03
N SER C 63 4.20 13.54 -34.05
CA SER C 63 3.17 14.58 -34.06
C SER C 63 1.84 14.05 -34.60
N ASP C 64 1.81 13.64 -35.87
CA ASP C 64 0.56 13.18 -36.47
C ASP C 64 0.34 11.71 -36.14
N ALA C 65 -0.84 11.41 -35.58
CA ALA C 65 -1.10 10.06 -35.11
C ALA C 65 -1.38 9.08 -36.24
N ARG C 66 -1.88 9.56 -37.38
CA ARG C 66 -2.12 8.67 -38.51
C ARG C 66 -0.81 8.18 -39.12
N LEU C 67 0.18 9.05 -39.21
CA LEU C 67 1.48 8.64 -39.72
C LEU C 67 2.17 7.70 -38.74
N GLN C 68 1.93 7.87 -37.44
CA GLN C 68 2.46 6.91 -36.48
C GLN C 68 1.79 5.55 -36.63
N TYR C 69 0.51 5.53 -37.01
CA TYR C 69 -0.16 4.27 -37.26
C TYR C 69 0.37 3.58 -38.51
N GLY C 70 0.64 4.37 -39.55
CA GLY C 70 1.28 3.80 -40.74
C GLY C 70 2.69 3.30 -40.46
N LEU C 71 3.41 3.99 -39.58
CA LEU C 71 4.71 3.49 -39.16
C LEU C 71 4.59 2.25 -38.30
N LEU C 72 3.50 2.11 -37.55
CA LEU C 72 3.30 0.89 -36.79
C LEU C 72 3.05 -0.30 -37.70
N ILE C 73 2.28 -0.06 -38.77
CA ILE C 73 2.03 -1.09 -39.78
C ILE C 73 3.34 -1.50 -40.44
N PHE C 74 4.15 -0.51 -40.82
CA PHE C 74 5.43 -0.80 -41.47
C PHE C 74 6.41 -1.48 -40.52
N GLY C 75 6.35 -1.16 -39.23
CA GLY C 75 7.21 -1.83 -38.27
C GLY C 75 6.80 -3.28 -38.03
N ALA C 76 5.50 -3.55 -38.02
CA ALA C 76 5.05 -4.93 -37.92
C ALA C 76 5.42 -5.72 -39.16
N ALA C 77 5.35 -5.08 -40.34
CA ALA C 77 5.74 -5.75 -41.57
C ALA C 77 7.23 -6.08 -41.59
N VAL C 78 8.07 -5.14 -41.14
CA VAL C 78 9.50 -5.44 -41.14
C VAL C 78 9.86 -6.42 -40.03
N SER C 79 9.05 -6.50 -38.96
CA SER C 79 9.29 -7.54 -37.96
C SER C 79 8.99 -8.92 -38.50
N VAL C 80 7.91 -9.05 -39.27
CA VAL C 80 7.59 -10.29 -39.97
C VAL C 80 8.72 -10.68 -40.92
N LEU C 81 9.23 -9.71 -41.69
CA LEU C 81 10.32 -10.00 -42.62
C LEU C 81 11.59 -10.42 -41.90
N LEU C 82 11.87 -9.83 -40.74
CA LEU C 82 13.06 -10.23 -40.01
C LEU C 82 12.91 -11.61 -39.36
N GLN C 83 11.69 -11.98 -38.95
CA GLN C 83 11.48 -13.34 -38.46
C GLN C 83 11.71 -14.36 -39.57
N GLU C 84 11.23 -14.05 -40.77
CA GLU C 84 11.41 -14.99 -41.86
C GLU C 84 12.81 -14.92 -42.49
N VAL C 85 13.63 -13.95 -42.11
CA VAL C 85 15.05 -14.01 -42.47
C VAL C 85 15.81 -14.85 -41.45
N PHE C 86 15.57 -14.64 -40.17
CA PHE C 86 16.33 -15.42 -39.20
C PHE C 86 15.87 -16.86 -39.09
N ARG C 87 14.70 -17.21 -39.61
CA ARG C 87 14.39 -18.63 -39.76
C ARG C 87 15.31 -19.29 -40.78
N PHE C 88 15.59 -18.59 -41.88
CA PHE C 88 16.56 -19.07 -42.86
C PHE C 88 17.96 -19.12 -42.26
N ALA C 89 18.30 -18.14 -41.43
CA ALA C 89 19.60 -18.14 -40.76
C ALA C 89 19.74 -19.33 -39.82
N TYR C 90 18.68 -19.65 -39.10
CA TYR C 90 18.74 -20.80 -38.20
C TYR C 90 18.73 -22.10 -38.97
N TYR C 91 18.11 -22.12 -40.15
CA TYR C 91 18.23 -23.27 -41.04
C TYR C 91 19.67 -23.51 -41.45
N LYS C 92 20.37 -22.44 -41.83
CA LYS C 92 21.76 -22.59 -42.24
C LYS C 92 22.64 -22.97 -41.07
N LEU C 93 22.31 -22.52 -39.86
CA LEU C 93 23.11 -22.95 -38.71
C LEU C 93 22.84 -24.41 -38.36
N LEU C 94 21.61 -24.90 -38.57
CA LEU C 94 21.36 -26.32 -38.35
C LEU C 94 22.02 -27.17 -39.43
N LYS C 95 22.16 -26.64 -40.64
CA LYS C 95 22.88 -27.37 -41.68
C LYS C 95 24.38 -27.39 -41.40
N LYS C 96 24.93 -26.30 -40.89
CA LYS C 96 26.35 -26.26 -40.54
C LYS C 96 26.66 -27.13 -39.34
N ALA C 97 25.81 -27.12 -38.32
CA ALA C 97 26.01 -27.97 -37.16
C ALA C 97 25.50 -29.38 -37.37
N ASP C 98 24.89 -29.67 -38.53
CA ASP C 98 24.55 -31.04 -38.86
C ASP C 98 25.82 -31.84 -39.16
N GLU C 99 26.62 -31.38 -40.12
CA GLU C 99 27.78 -32.13 -40.53
C GLU C 99 28.93 -32.02 -39.53
N GLY C 100 29.09 -30.86 -38.91
CA GLY C 100 30.20 -30.63 -38.00
C GLY C 100 30.11 -31.37 -36.69
N LEU C 101 28.93 -31.90 -36.35
CA LEU C 101 28.75 -32.73 -35.18
C LEU C 101 28.36 -34.16 -35.55
N ALA C 102 27.32 -34.33 -36.35
CA ALA C 102 26.90 -35.66 -36.77
C ALA C 102 27.64 -36.08 -38.02
N SER C 103 28.01 -37.37 -38.05
CA SER C 103 28.70 -38.12 -39.10
C SER C 103 30.17 -37.71 -39.29
N LEU C 104 30.67 -36.71 -38.57
CA LEU C 104 32.09 -36.39 -38.59
C LEU C 104 32.66 -36.47 -37.19
N SER C 105 31.81 -36.27 -36.19
CA SER C 105 32.14 -36.62 -34.81
C SER C 105 31.21 -37.70 -34.27
N GLU C 106 30.60 -38.47 -35.16
CA GLU C 106 29.59 -39.44 -34.78
C GLU C 106 29.63 -40.60 -35.77
N ASP C 107 29.34 -41.79 -35.26
CA ASP C 107 29.29 -43.02 -36.05
C ASP C 107 27.83 -43.49 -36.10
N GLY C 108 27.15 -43.20 -37.20
CA GLY C 108 25.75 -43.56 -37.34
C GLY C 108 24.95 -42.55 -38.13
N ARG C 109 25.55 -41.36 -38.34
CA ARG C 109 25.18 -40.34 -39.31
C ARG C 109 23.89 -39.59 -39.00
N SER C 110 23.13 -40.02 -37.99
CA SER C 110 21.87 -39.37 -37.65
C SER C 110 21.44 -39.63 -36.22
N PRO C 111 21.87 -38.81 -35.26
CA PRO C 111 21.18 -38.82 -33.96
C PRO C 111 19.84 -38.12 -34.03
N ILE C 112 19.67 -37.20 -34.97
CA ILE C 112 18.40 -36.53 -35.24
C ILE C 112 18.37 -36.15 -36.71
N SER C 113 17.24 -36.41 -37.36
CA SER C 113 17.13 -36.08 -38.76
C SER C 113 16.82 -34.59 -38.92
N ILE C 114 16.69 -34.16 -40.17
CA ILE C 114 16.41 -32.75 -40.42
C ILE C 114 14.94 -32.43 -40.14
N ARG C 115 14.05 -33.43 -40.25
CA ARG C 115 12.63 -33.22 -40.06
C ARG C 115 12.30 -32.85 -38.61
N GLN C 116 12.90 -33.58 -37.66
CA GLN C 116 12.69 -33.28 -36.26
C GLN C 116 13.33 -31.95 -35.89
N MET C 117 14.41 -31.56 -36.56
CA MET C 117 14.99 -30.23 -36.31
C MET C 117 14.08 -29.13 -36.80
N ALA C 118 13.41 -29.34 -37.94
CA ALA C 118 12.41 -28.39 -38.42
C ALA C 118 11.27 -28.24 -37.44
N TYR C 119 10.78 -29.37 -36.94
CA TYR C 119 9.68 -29.41 -35.98
C TYR C 119 10.04 -28.65 -34.70
N VAL C 120 11.21 -28.93 -34.14
CA VAL C 120 11.58 -28.31 -32.88
C VAL C 120 11.91 -26.82 -33.07
N SER C 121 12.45 -26.44 -34.23
CA SER C 121 12.69 -25.03 -34.50
C SER C 121 11.39 -24.24 -34.61
N GLY C 122 10.40 -24.81 -35.31
CA GLY C 122 9.11 -24.15 -35.38
C GLY C 122 8.41 -24.06 -34.04
N LEU C 123 8.54 -25.11 -33.22
CA LEU C 123 7.98 -25.07 -31.88
C LEU C 123 8.69 -24.05 -31.00
N SER C 124 9.99 -23.81 -31.24
CA SER C 124 10.73 -22.83 -30.46
C SER C 124 10.27 -21.41 -30.77
N PHE C 125 10.15 -21.09 -32.07
CA PHE C 125 9.55 -19.81 -32.48
C PHE C 125 8.15 -19.64 -31.92
N GLY C 126 7.34 -20.71 -31.93
CA GLY C 126 5.99 -20.64 -31.41
C GLY C 126 5.94 -20.35 -29.92
N ILE C 127 6.79 -21.04 -29.14
CA ILE C 127 6.79 -20.86 -27.69
C ILE C 127 7.23 -19.45 -27.32
N ILE C 128 8.30 -18.95 -27.94
CA ILE C 128 8.76 -17.64 -27.50
C ILE C 128 7.84 -16.52 -28.00
N SER C 129 7.20 -16.70 -29.16
CA SER C 129 6.28 -15.67 -29.62
C SER C 129 4.99 -15.67 -28.81
N GLY C 130 4.50 -16.86 -28.43
CA GLY C 130 3.32 -16.92 -27.61
C GLY C 130 3.54 -16.40 -26.20
N VAL C 131 4.74 -16.64 -25.66
CA VAL C 131 5.09 -16.09 -24.36
C VAL C 131 5.15 -14.57 -24.41
N PHE C 132 5.75 -14.01 -25.47
CA PHE C 132 5.72 -12.54 -25.52
C PHE C 132 4.37 -11.98 -25.88
N SER C 133 3.45 -12.78 -26.38
CA SER C 133 2.15 -12.25 -26.73
C SER C 133 1.13 -12.30 -25.61
N VAL C 134 1.14 -13.31 -24.74
CA VAL C 134 0.00 -13.52 -23.86
C VAL C 134 0.31 -13.29 -22.38
N ILE C 135 1.57 -13.27 -21.96
CA ILE C 135 1.89 -13.32 -20.53
C ILE C 135 1.51 -12.02 -19.84
N ASN C 136 1.71 -10.88 -20.50
CA ASN C 136 1.27 -9.62 -19.93
C ASN C 136 -0.25 -9.53 -19.85
N ILE C 137 -0.96 -10.17 -20.78
CA ILE C 137 -2.41 -10.22 -20.68
C ILE C 137 -2.83 -11.19 -19.58
N LEU C 138 -2.09 -12.26 -19.37
CA LEU C 138 -2.44 -13.20 -18.30
C LEU C 138 -2.21 -12.64 -16.92
N ALA C 139 -1.31 -11.67 -16.76
CA ALA C 139 -1.08 -11.09 -15.45
C ALA C 139 -2.24 -10.24 -14.98
N ASP C 140 -3.09 -9.78 -15.91
CA ASP C 140 -4.27 -9.01 -15.59
C ASP C 140 -5.50 -9.87 -15.43
N ALA C 141 -5.44 -11.14 -15.81
CA ALA C 141 -6.55 -12.04 -15.59
C ALA C 141 -6.71 -12.43 -14.13
N LEU C 142 -5.67 -12.21 -13.32
CA LEU C 142 -5.76 -12.47 -11.89
C LEU C 142 -6.60 -11.43 -11.16
N GLY C 143 -6.96 -10.34 -11.81
CA GLY C 143 -7.74 -9.29 -11.18
C GLY C 143 -9.17 -9.70 -10.96
N PRO C 144 -9.92 -8.85 -10.24
CA PRO C 144 -11.35 -9.11 -10.03
C PRO C 144 -12.23 -8.59 -11.14
N GLY C 145 -11.66 -7.87 -12.10
CA GLY C 145 -12.45 -7.13 -13.05
C GLY C 145 -12.06 -7.46 -14.48
N VAL C 146 -13.02 -7.30 -15.38
CA VAL C 146 -12.85 -7.68 -16.78
C VAL C 146 -12.82 -6.43 -17.63
N VAL C 147 -12.43 -6.61 -18.90
CA VAL C 147 -12.32 -5.50 -19.83
C VAL C 147 -13.72 -5.05 -20.22
N GLY C 148 -13.91 -3.74 -20.40
CA GLY C 148 -15.17 -3.26 -20.92
C GLY C 148 -15.79 -2.05 -20.27
N ILE C 149 -15.03 -1.36 -19.43
CA ILE C 149 -15.54 -0.15 -18.79
C ILE C 149 -15.57 1.02 -19.79
N HIS C 150 -14.61 1.10 -20.70
CA HIS C 150 -14.59 2.18 -21.67
C HIS C 150 -15.16 1.76 -23.02
N GLY C 151 -16.10 0.82 -23.01
CA GLY C 151 -16.73 0.40 -24.24
C GLY C 151 -15.84 -0.50 -25.08
N ASP C 152 -15.26 -1.50 -24.43
CA ASP C 152 -14.50 -2.53 -25.10
C ASP C 152 -15.25 -3.84 -24.99
N SER C 153 -14.65 -4.88 -25.43
CA SER C 153 -15.40 -6.12 -25.33
C SER C 153 -15.02 -6.87 -24.07
N PRO C 154 -15.96 -7.58 -23.45
CA PRO C 154 -15.59 -8.40 -22.29
C PRO C 154 -14.81 -9.65 -22.64
N TYR C 155 -14.78 -10.05 -23.91
CA TYR C 155 -14.14 -11.28 -24.33
C TYR C 155 -12.69 -11.07 -24.75
N TYR C 156 -12.01 -10.09 -24.14
CA TYR C 156 -10.67 -9.75 -24.56
C TYR C 156 -9.68 -10.85 -24.22
N PHE C 157 -9.80 -11.40 -23.01
CA PHE C 157 -8.85 -12.39 -22.50
C PHE C 157 -8.91 -13.68 -23.29
N LEU C 158 -10.13 -14.19 -23.52
CA LEU C 158 -10.29 -15.46 -24.19
C LEU C 158 -9.89 -15.38 -25.65
N THR C 159 -10.20 -14.26 -26.29
CA THR C 159 -9.83 -14.10 -27.69
C THR C 159 -8.32 -13.95 -27.84
N SER C 160 -7.67 -13.24 -26.93
CA SER C 160 -6.21 -13.17 -26.98
C SER C 160 -5.57 -14.53 -26.70
N ALA C 161 -6.21 -15.36 -25.87
CA ALA C 161 -5.69 -16.71 -25.62
C ALA C 161 -5.77 -17.57 -26.88
N PHE C 162 -6.90 -17.53 -27.59
CA PHE C 162 -7.01 -18.29 -28.82
C PHE C 162 -6.07 -17.76 -29.91
N LEU C 163 -5.85 -16.45 -29.96
CA LEU C 163 -4.89 -15.91 -30.92
C LEU C 163 -3.47 -16.37 -30.62
N THR C 164 -3.10 -16.41 -29.34
CA THR C 164 -1.78 -16.90 -28.97
C THR C 164 -1.59 -18.36 -29.34
N ALA C 165 -2.62 -19.19 -29.11
CA ALA C 165 -2.52 -20.61 -29.46
C ALA C 165 -2.40 -20.81 -30.97
N ALA C 166 -3.14 -20.02 -31.74
CA ALA C 166 -3.06 -20.09 -33.19
C ALA C 166 -1.68 -19.68 -33.68
N ILE C 167 -1.08 -18.66 -33.07
CA ILE C 167 0.26 -18.23 -33.49
C ILE C 167 1.31 -19.29 -33.17
N ILE C 168 1.16 -19.99 -32.04
CA ILE C 168 2.09 -21.07 -31.68
C ILE C 168 2.03 -22.19 -32.71
N LEU C 169 0.81 -22.67 -33.02
CA LEU C 169 0.68 -23.76 -33.98
C LEU C 169 1.11 -23.35 -35.38
N LEU C 170 0.89 -22.09 -35.74
CA LEU C 170 1.33 -21.63 -37.05
C LEU C 170 2.83 -21.57 -37.16
N HIS C 171 3.53 -21.11 -36.13
CA HIS C 171 5.00 -21.13 -36.19
C HIS C 171 5.53 -22.55 -36.27
N THR C 172 4.90 -23.48 -35.54
CA THR C 172 5.32 -24.88 -35.60
C THR C 172 5.17 -25.45 -37.01
N PHE C 173 4.08 -25.14 -37.69
CA PHE C 173 3.91 -25.70 -39.02
C PHE C 173 4.74 -24.97 -40.06
N TRP C 174 4.94 -23.66 -39.84
CA TRP C 174 5.74 -22.84 -40.74
C TRP C 174 7.19 -23.28 -40.77
N GLY C 175 7.75 -23.68 -39.62
CA GLY C 175 9.14 -24.13 -39.60
C GLY C 175 9.37 -25.37 -40.45
N VAL C 176 8.46 -26.34 -40.35
CA VAL C 176 8.55 -27.57 -41.12
C VAL C 176 8.45 -27.29 -42.60
N VAL C 177 7.44 -26.53 -43.00
CA VAL C 177 7.24 -26.30 -44.44
C VAL C 177 8.33 -25.38 -44.98
N PHE C 178 8.86 -24.50 -44.14
CA PHE C 178 9.97 -23.64 -44.53
C PHE C 178 11.23 -24.44 -44.81
N PHE C 179 11.55 -25.40 -43.95
CA PHE C 179 12.80 -26.13 -44.19
C PHE C 179 12.64 -27.10 -45.35
N ASP C 180 11.45 -27.67 -45.54
CA ASP C 180 11.28 -28.54 -46.70
C ASP C 180 11.23 -27.75 -48.00
N ALA C 181 10.84 -26.47 -47.93
CA ALA C 181 10.98 -25.64 -49.12
C ALA C 181 12.43 -25.27 -49.37
N CYS C 182 13.21 -25.08 -48.29
CA CYS C 182 14.62 -24.71 -48.45
C CYS C 182 15.46 -25.85 -49.02
N GLU C 183 15.16 -27.10 -48.65
CA GLU C 183 15.93 -28.22 -49.18
C GLU C 183 15.70 -28.41 -50.66
N ARG C 184 14.45 -28.64 -51.06
CA ARG C 184 14.12 -28.97 -52.44
C ARG C 184 14.22 -27.76 -53.37
N ARG C 185 14.52 -26.58 -52.84
CA ARG C 185 14.69 -25.33 -53.60
C ARG C 185 13.44 -24.95 -54.38
N ARG C 186 12.28 -25.29 -53.84
CA ARG C 186 11.00 -24.80 -54.35
C ARG C 186 10.79 -23.44 -53.74
N TYR C 187 11.31 -22.41 -54.41
CA TYR C 187 11.28 -21.07 -53.84
C TYR C 187 9.91 -20.42 -53.88
N TRP C 188 8.95 -21.01 -54.60
CA TRP C 188 7.60 -20.46 -54.56
C TRP C 188 6.94 -20.74 -53.21
N ALA C 189 7.19 -21.91 -52.63
CA ALA C 189 6.62 -22.20 -51.31
C ALA C 189 7.31 -21.38 -50.23
N LEU C 190 8.56 -21.01 -50.47
CA LEU C 190 9.28 -20.08 -49.62
C LEU C 190 8.57 -18.73 -49.56
N GLY C 191 7.95 -18.32 -50.67
CA GLY C 191 7.17 -17.10 -50.66
C GLY C 191 5.80 -17.28 -50.06
N LEU C 192 5.24 -18.49 -50.15
CA LEU C 192 3.90 -18.68 -49.60
C LEU C 192 3.91 -18.75 -48.09
N VAL C 193 4.99 -19.27 -47.49
CA VAL C 193 5.08 -19.28 -46.03
C VAL C 193 5.16 -17.86 -45.49
N VAL C 194 6.01 -17.02 -46.09
CA VAL C 194 6.15 -15.66 -45.59
C VAL C 194 4.91 -14.82 -45.95
N GLY C 195 4.23 -15.12 -47.06
CA GLY C 195 3.00 -14.42 -47.35
C GLY C 195 1.88 -14.78 -46.40
N SER C 196 1.78 -16.06 -46.02
CA SER C 196 0.80 -16.44 -45.03
C SER C 196 1.13 -15.88 -43.66
N HIS C 197 2.43 -15.71 -43.36
CA HIS C 197 2.81 -15.04 -42.11
C HIS C 197 2.36 -13.59 -42.12
N LEU C 198 2.57 -12.91 -43.26
CA LEU C 198 2.10 -11.54 -43.43
C LEU C 198 0.60 -11.43 -43.27
N LEU C 199 -0.14 -12.39 -43.82
CA LEU C 199 -1.59 -12.33 -43.73
C LEU C 199 -2.07 -12.60 -42.30
N THR C 200 -1.47 -13.57 -41.62
CA THR C 200 -1.89 -13.86 -40.26
C THR C 200 -1.47 -12.80 -39.26
N SER C 201 -0.44 -12.02 -39.55
CA SER C 201 -0.13 -10.89 -38.70
C SER C 201 -0.74 -9.59 -39.20
N GLY C 202 -1.40 -9.62 -40.36
CA GLY C 202 -2.09 -8.45 -40.86
C GLY C 202 -3.58 -8.48 -40.57
N LEU C 203 -4.14 -9.67 -40.42
CA LEU C 203 -5.54 -9.75 -40.02
C LEU C 203 -5.75 -9.36 -38.57
N THR C 204 -4.68 -9.31 -37.78
CA THR C 204 -4.79 -8.79 -36.43
C THR C 204 -4.89 -7.27 -36.38
N PHE C 205 -4.95 -6.58 -37.52
CA PHE C 205 -5.28 -5.15 -37.53
C PHE C 205 -6.77 -4.92 -37.52
N LEU C 206 -7.56 -5.91 -37.93
CA LEU C 206 -9.03 -5.86 -37.88
C LEU C 206 -9.57 -6.26 -36.53
N ASN C 207 -8.77 -6.16 -35.48
CA ASN C 207 -8.89 -7.08 -34.37
C ASN C 207 -10.08 -6.88 -33.43
N PRO C 208 -10.54 -5.66 -33.09
CA PRO C 208 -11.78 -5.59 -32.27
C PRO C 208 -13.03 -6.14 -32.96
N TRP C 209 -12.98 -6.41 -34.27
CA TRP C 209 -14.09 -7.05 -34.97
C TRP C 209 -13.85 -8.56 -34.92
N TYR C 210 -14.14 -9.15 -33.75
CA TYR C 210 -13.82 -10.53 -33.38
C TYR C 210 -14.51 -11.57 -34.25
N GLU C 211 -15.55 -11.20 -34.99
CA GLU C 211 -16.31 -12.17 -35.77
C GLU C 211 -15.48 -12.70 -36.93
N ALA C 212 -15.04 -11.81 -37.80
CA ALA C 212 -14.29 -12.17 -39.00
C ALA C 212 -12.88 -11.61 -38.96
N SER C 213 -12.22 -11.75 -37.81
CA SER C 213 -10.80 -11.52 -37.69
C SER C 213 -10.13 -12.63 -36.89
N LEU C 214 -10.87 -13.64 -36.50
CA LEU C 214 -10.34 -14.81 -35.80
C LEU C 214 -10.69 -16.10 -36.51
N LEU C 215 -11.87 -16.17 -37.12
CA LEU C 215 -12.18 -17.28 -38.02
C LEU C 215 -11.24 -17.40 -39.22
N PRO C 216 -10.82 -16.34 -39.93
CA PRO C 216 -9.87 -16.57 -41.02
C PRO C 216 -8.50 -17.00 -40.54
N ILE C 217 -8.10 -16.63 -39.32
CA ILE C 217 -6.81 -17.07 -38.82
C ILE C 217 -6.82 -18.57 -38.57
N TYR C 218 -7.91 -19.10 -38.03
CA TYR C 218 -7.99 -20.55 -37.93
C TYR C 218 -8.26 -21.23 -39.26
N ALA C 219 -8.79 -20.51 -40.26
CA ALA C 219 -8.86 -21.10 -41.60
C ALA C 219 -7.47 -21.27 -42.19
N VAL C 220 -6.62 -20.26 -42.04
CA VAL C 220 -5.24 -20.36 -42.49
C VAL C 220 -4.49 -21.40 -41.66
N THR C 221 -4.85 -21.56 -40.39
CA THR C 221 -4.18 -22.56 -39.56
C THR C 221 -4.56 -23.98 -39.96
N VAL C 222 -5.82 -24.21 -40.31
CA VAL C 222 -6.23 -25.53 -40.79
C VAL C 222 -5.59 -25.84 -42.14
N SER C 223 -5.53 -24.84 -43.04
CA SER C 223 -4.86 -25.03 -44.32
C SER C 223 -3.37 -25.32 -44.14
N MET C 224 -2.73 -24.59 -43.23
CA MET C 224 -1.30 -24.77 -43.02
C MET C 224 -1.01 -26.08 -42.30
N GLY C 225 -1.92 -26.53 -41.45
CA GLY C 225 -1.76 -27.82 -40.80
C GLY C 225 -1.92 -28.97 -41.76
N LEU C 226 -2.90 -28.89 -42.67
CA LEU C 226 -3.07 -29.93 -43.67
C LEU C 226 -1.88 -29.97 -44.63
N TRP C 227 -1.38 -28.80 -45.04
CA TRP C 227 -0.26 -28.81 -45.96
C TRP C 227 1.05 -29.18 -45.28
N ALA C 228 1.19 -28.90 -43.98
CA ALA C 228 2.35 -29.39 -43.27
C ALA C 228 2.26 -30.87 -43.00
N PHE C 229 1.05 -31.41 -42.89
CA PHE C 229 0.91 -32.85 -42.69
C PHE C 229 1.23 -33.60 -43.98
N ILE C 230 0.70 -33.13 -45.11
CA ILE C 230 0.99 -33.78 -46.38
C ILE C 230 2.45 -33.57 -46.77
N THR C 231 3.02 -32.43 -46.40
CA THR C 231 4.42 -32.15 -46.69
C THR C 231 5.35 -33.05 -45.88
N ALA C 232 4.94 -33.44 -44.67
CA ALA C 232 5.82 -34.23 -43.82
C ALA C 232 5.92 -35.68 -44.27
N GLY C 233 4.93 -36.18 -44.99
CA GLY C 233 5.02 -37.53 -45.50
C GLY C 233 3.72 -38.32 -45.46
N GLY C 234 2.82 -37.97 -44.56
CA GLY C 234 1.57 -38.68 -44.46
C GLY C 234 0.60 -38.36 -45.58
N SER C 235 -0.47 -39.14 -45.64
CA SER C 235 -1.53 -38.96 -46.60
C SER C 235 -2.80 -39.57 -46.02
N LEU C 236 -3.89 -39.52 -46.81
CA LEU C 236 -5.14 -40.14 -46.36
C LEU C 236 -5.02 -41.66 -46.32
N ARG C 237 -4.26 -42.23 -47.24
CA ARG C 237 -3.98 -43.67 -47.19
C ARG C 237 -3.11 -44.02 -46.00
N SER C 238 -2.22 -43.10 -45.60
CA SER C 238 -1.42 -43.31 -44.41
C SER C 238 -2.24 -43.26 -43.13
N ILE C 239 -3.37 -42.55 -43.15
CA ILE C 239 -4.25 -42.50 -41.99
C ILE C 239 -5.21 -43.68 -41.97
N GLN C 240 -5.80 -44.01 -43.11
CA GLN C 240 -6.79 -45.08 -43.18
C GLN C 240 -6.20 -46.48 -43.02
N ARG C 241 -4.88 -46.60 -43.02
CA ARG C 241 -4.20 -47.87 -42.78
C ARG C 241 -3.25 -47.76 -41.61
N SER C 242 -3.67 -47.07 -40.56
CA SER C 242 -2.87 -46.94 -39.35
C SER C 242 -3.71 -47.11 -38.10
N LEU C 243 -4.68 -48.02 -38.15
CA LEU C 243 -5.59 -48.29 -37.04
C LEU C 243 -5.58 -49.77 -36.71
N LEU C 244 -4.38 -50.34 -36.60
CA LEU C 244 -4.23 -51.74 -36.24
C LEU C 244 -4.22 -51.94 -34.72
N VAL D 6 28.07 -49.70 -3.62
CA VAL D 6 28.35 -49.53 -2.19
C VAL D 6 27.96 -50.81 -1.46
N SER D 7 28.88 -51.34 -0.66
CA SER D 7 28.71 -52.64 -0.03
C SER D 7 27.71 -52.58 1.12
N ASN D 8 27.45 -53.76 1.71
CA ASN D 8 26.49 -53.84 2.79
C ASN D 8 27.09 -53.35 4.11
N GLU D 9 28.42 -53.38 4.23
CA GLU D 9 29.05 -52.89 5.45
C GLU D 9 28.93 -51.38 5.53
N GLU D 10 29.14 -50.69 4.41
CA GLU D 10 28.99 -49.24 4.41
C GLU D 10 27.52 -48.84 4.48
N LYS D 11 26.62 -49.70 4.01
CA LYS D 11 25.20 -49.39 4.12
C LYS D 11 24.71 -49.59 5.55
N LEU D 12 25.27 -50.56 6.26
CA LEU D 12 24.93 -50.74 7.67
C LEU D 12 25.55 -49.65 8.52
N ASN D 13 26.75 -49.19 8.15
CA ASN D 13 27.37 -48.06 8.84
C ASN D 13 26.63 -46.76 8.48
N LEU D 14 25.94 -46.76 7.34
CA LEU D 14 25.08 -45.64 7.00
C LEU D 14 23.85 -45.62 7.89
N CYS D 15 23.05 -46.69 7.84
CA CYS D 15 21.68 -46.63 8.30
C CYS D 15 21.57 -47.02 9.77
N ARG D 16 22.64 -46.85 10.53
CA ARG D 16 22.50 -46.96 11.97
C ARG D 16 22.81 -45.61 12.57
N LYS D 17 23.87 -44.97 12.10
CA LYS D 17 24.15 -43.59 12.51
C LYS D 17 23.14 -42.64 11.90
N TYR D 18 22.59 -43.02 10.74
CA TYR D 18 21.63 -42.20 10.02
C TYR D 18 20.27 -42.25 10.67
N TYR D 19 19.96 -43.39 11.30
CA TYR D 19 18.81 -43.48 12.18
C TYR D 19 19.07 -42.83 13.52
N LEU D 20 20.29 -42.97 14.04
CA LEU D 20 20.68 -42.43 15.33
C LEU D 20 20.65 -40.90 15.35
N GLY D 21 20.82 -40.26 14.21
CA GLY D 21 20.67 -38.83 14.13
C GLY D 21 19.26 -38.30 14.34
N GLY D 22 18.23 -39.12 14.13
CA GLY D 22 16.87 -38.64 14.24
C GLY D 22 16.38 -38.42 15.66
N PHE D 23 17.15 -38.87 16.65
CA PHE D 23 16.83 -38.63 18.05
C PHE D 23 17.25 -37.25 18.52
N ALA D 24 17.82 -36.43 17.64
CA ALA D 24 18.10 -35.03 17.93
C ALA D 24 17.06 -34.11 17.30
N PHE D 25 15.79 -34.54 17.33
CA PHE D 25 14.64 -33.82 16.77
C PHE D 25 14.80 -33.58 15.28
N LEU D 26 15.02 -34.66 14.54
CA LEU D 26 15.14 -34.51 13.10
C LEU D 26 14.25 -35.50 12.37
N PRO D 27 12.93 -35.28 12.31
CA PRO D 27 12.07 -36.25 11.63
C PRO D 27 12.17 -36.23 10.12
N PHE D 28 12.71 -35.16 9.53
CA PHE D 28 12.91 -35.17 8.08
C PHE D 28 14.03 -36.12 7.69
N LEU D 29 14.99 -36.32 8.59
CA LEU D 29 16.00 -37.35 8.41
C LEU D 29 15.38 -38.73 8.33
N TRP D 30 14.43 -39.03 9.22
CA TRP D 30 13.71 -40.29 9.14
C TRP D 30 12.80 -40.35 7.92
N LEU D 31 12.31 -39.21 7.44
CA LEU D 31 11.47 -39.19 6.25
C LEU D 31 12.25 -39.60 5.02
N VAL D 32 13.43 -39.00 4.83
CA VAL D 32 14.23 -39.38 3.67
C VAL D 32 14.88 -40.76 3.89
N ASN D 33 15.01 -41.19 5.14
CA ASN D 33 15.36 -42.58 5.45
C ASN D 33 14.32 -43.57 4.93
N ILE D 34 13.05 -43.41 5.32
CA ILE D 34 12.01 -44.31 4.85
C ILE D 34 11.66 -44.08 3.39
N PHE D 35 12.06 -42.96 2.80
CA PHE D 35 11.85 -42.67 1.40
C PHE D 35 13.00 -43.20 0.54
N TRP D 36 14.13 -43.49 1.15
CA TRP D 36 15.32 -43.78 0.38
C TRP D 36 15.70 -45.25 0.37
N PHE D 37 15.59 -45.94 1.50
CA PHE D 37 15.90 -47.36 1.50
C PHE D 37 14.63 -48.20 1.40
N PHE D 38 13.83 -47.99 0.36
CA PHE D 38 12.61 -48.75 0.18
C PHE D 38 12.74 -49.79 -0.93
N ARG D 39 13.10 -49.38 -2.14
CA ARG D 39 13.32 -50.32 -3.23
C ARG D 39 14.65 -51.06 -3.10
N GLU D 40 15.47 -50.71 -2.12
CA GLU D 40 16.72 -51.40 -1.86
C GLU D 40 16.68 -52.19 -0.55
N ALA D 41 15.52 -52.23 0.11
CA ALA D 41 15.35 -53.05 1.30
C ALA D 41 14.01 -53.78 1.36
N PHE D 42 13.13 -53.60 0.38
CA PHE D 42 11.81 -54.21 0.42
C PHE D 42 11.41 -54.67 -0.99
N LEU D 43 12.34 -54.61 -1.94
CA LEU D 43 12.06 -55.05 -3.30
C LEU D 43 12.83 -56.31 -3.68
N VAL D 44 14.15 -56.30 -3.58
CA VAL D 44 14.98 -57.41 -4.06
C VAL D 44 15.49 -58.20 -2.87
N PRO D 45 15.27 -59.53 -2.84
CA PRO D 45 15.72 -60.37 -1.70
C PRO D 45 17.11 -60.96 -1.92
N ALA D 46 18.08 -60.12 -2.24
CA ALA D 46 19.41 -60.60 -2.62
C ALA D 46 20.46 -60.27 -1.57
N TYR D 47 20.09 -60.32 -0.29
CA TYR D 47 21.06 -59.97 0.75
C TYR D 47 20.82 -60.82 1.99
N THR D 48 21.91 -61.37 2.53
CA THR D 48 21.91 -61.94 3.87
C THR D 48 22.00 -60.85 4.93
N GLU D 49 22.65 -59.73 4.60
CA GLU D 49 22.83 -58.61 5.51
C GLU D 49 21.72 -57.57 5.35
N GLN D 50 20.51 -58.03 5.01
CA GLN D 50 19.35 -57.17 4.86
C GLN D 50 18.53 -57.09 6.14
N SER D 51 18.70 -58.05 7.04
CA SER D 51 17.83 -58.16 8.21
C SER D 51 18.00 -57.02 9.19
N GLN D 52 19.19 -56.40 9.23
CA GLN D 52 19.32 -55.15 9.95
C GLN D 52 18.62 -54.02 9.22
N ILE D 53 18.75 -53.98 7.90
CA ILE D 53 18.17 -52.91 7.09
C ILE D 53 16.67 -53.10 6.94
N LYS D 54 16.20 -54.36 6.92
CA LYS D 54 14.78 -54.63 6.92
C LYS D 54 14.13 -54.21 8.25
N GLY D 55 14.87 -54.30 9.36
CA GLY D 55 14.32 -53.94 10.64
C GLY D 55 14.39 -52.47 10.96
N TYR D 56 15.38 -51.75 10.41
CA TYR D 56 15.57 -50.35 10.78
C TYR D 56 14.51 -49.46 10.15
N VAL D 57 14.09 -49.76 8.92
CA VAL D 57 13.02 -48.99 8.30
C VAL D 57 11.69 -49.30 8.96
N TRP D 58 11.55 -50.49 9.56
CA TRP D 58 10.40 -50.75 10.43
C TRP D 58 10.51 -49.96 11.71
N ARG D 59 11.74 -49.76 12.21
CA ARG D 59 11.95 -48.92 13.37
C ARG D 59 11.84 -47.44 13.01
N SER D 60 12.01 -47.08 11.75
CA SER D 60 11.96 -45.69 11.32
C SER D 60 10.59 -45.26 10.83
N ALA D 61 9.72 -46.19 10.45
CA ALA D 61 8.40 -45.82 9.95
C ALA D 61 7.49 -45.39 11.09
N VAL D 62 7.50 -46.14 12.19
CA VAL D 62 6.70 -45.76 13.35
C VAL D 62 7.30 -44.56 14.08
N GLY D 63 8.57 -44.27 13.86
CA GLY D 63 9.22 -43.12 14.48
C GLY D 63 8.83 -41.82 13.82
N PHE D 64 8.74 -41.81 12.48
CA PHE D 64 8.40 -40.57 11.78
C PHE D 64 6.93 -40.21 11.97
N LEU D 65 6.03 -41.17 11.75
CA LEU D 65 4.60 -40.88 11.84
C LEU D 65 4.16 -40.62 13.28
N PHE D 66 4.99 -41.00 14.25
CA PHE D 66 4.85 -40.49 15.62
C PHE D 66 4.87 -38.97 15.65
N TRP D 67 5.82 -38.35 14.93
CA TRP D 67 5.90 -36.90 14.91
C TRP D 67 4.78 -36.27 14.12
N VAL D 68 4.22 -36.99 13.14
CA VAL D 68 3.16 -36.41 12.32
C VAL D 68 1.89 -36.27 13.13
N ILE D 69 1.69 -37.12 14.14
CA ILE D 69 0.59 -36.94 15.08
C ILE D 69 0.83 -35.72 15.95
N VAL D 70 2.03 -35.63 16.51
CA VAL D 70 2.35 -34.61 17.51
C VAL D 70 2.38 -33.23 16.88
N LEU D 71 2.95 -33.13 15.68
CA LEU D 71 3.12 -31.82 15.07
C LEU D 71 1.80 -31.22 14.61
N THR D 72 0.94 -32.02 13.96
CA THR D 72 -0.34 -31.43 13.58
C THR D 72 -1.30 -31.31 14.75
N SER D 73 -1.14 -32.13 15.80
CA SER D 73 -1.94 -31.93 17.00
C SER D 73 -1.48 -30.75 17.82
N TRP D 74 -0.28 -30.24 17.57
CA TRP D 74 0.09 -28.95 18.13
C TRP D 74 -0.37 -27.80 17.25
N ILE D 75 -0.26 -27.97 15.94
CA ILE D 75 -0.62 -26.89 15.00
C ILE D 75 -2.10 -26.57 15.08
N THR D 76 -2.96 -27.60 15.13
CA THR D 76 -4.38 -27.35 15.22
C THR D 76 -4.78 -26.79 16.59
N ILE D 77 -4.17 -27.31 17.65
CA ILE D 77 -4.53 -26.86 18.99
C ILE D 77 -3.99 -25.47 19.25
N PHE D 78 -3.02 -25.00 18.46
CA PHE D 78 -2.58 -23.62 18.54
C PHE D 78 -3.44 -22.70 17.68
N GLN D 79 -3.69 -23.08 16.43
CA GLN D 79 -4.43 -22.21 15.52
C GLN D 79 -5.88 -22.05 15.93
N ILE D 80 -6.49 -23.08 16.53
CA ILE D 80 -7.85 -22.91 17.00
C ILE D 80 -7.87 -22.08 18.28
N TYR D 81 -6.99 -22.38 19.22
CA TYR D 81 -6.98 -21.71 20.51
C TYR D 81 -6.00 -20.55 20.55
N ARG D 82 -5.79 -19.87 19.44
CA ARG D 82 -4.94 -18.70 19.45
C ARG D 82 -5.63 -17.45 20.01
N PRO D 83 -6.82 -17.01 19.53
CA PRO D 83 -7.40 -15.81 20.13
C PRO D 83 -8.06 -16.08 21.47
N ARG D 84 -8.51 -17.31 21.72
CA ARG D 84 -9.12 -17.65 23.00
C ARG D 84 -8.11 -17.59 24.13
N TRP D 85 -6.83 -17.76 23.83
CA TRP D 85 -5.79 -17.51 24.82
C TRP D 85 -5.44 -16.03 24.81
N GLY D 86 -4.82 -15.58 25.90
CA GLY D 86 -4.52 -14.18 26.04
C GLY D 86 -3.25 -13.77 25.34
N ALA D 87 -2.39 -13.02 26.04
CA ALA D 87 -1.07 -12.73 25.52
C ALA D 87 -0.15 -13.95 25.55
N LEU D 88 -0.51 -14.98 26.32
CA LEU D 88 0.18 -16.26 26.27
C LEU D 88 0.16 -16.86 24.87
N GLY D 89 -0.96 -16.72 24.17
CA GLY D 89 -1.01 -17.05 22.76
C GLY D 89 -0.44 -16.00 21.84
N ASP D 90 0.37 -15.08 22.36
CA ASP D 90 0.97 -14.03 21.56
C ASP D 90 2.47 -13.86 21.80
N TYR D 91 2.96 -14.20 22.99
CA TYR D 91 4.41 -14.12 23.20
C TYR D 91 5.15 -15.18 22.39
N LEU D 92 4.55 -16.36 22.24
CA LEU D 92 5.17 -17.42 21.46
C LEU D 92 4.67 -17.48 20.03
N SER D 93 4.15 -16.39 19.50
CA SER D 93 3.76 -16.31 18.10
C SER D 93 4.90 -15.67 17.32
N PHE D 94 5.42 -16.38 16.32
CA PHE D 94 6.53 -15.85 15.56
C PHE D 94 6.07 -14.75 14.60
N THR D 95 5.19 -15.08 13.67
CA THR D 95 4.49 -14.08 12.90
C THR D 95 3.10 -13.91 13.46
N ILE D 96 2.55 -12.72 13.27
CA ILE D 96 1.21 -12.39 13.74
C ILE D 96 0.44 -11.81 12.56
N PRO D 97 -0.73 -12.32 12.24
CA PRO D 97 -1.51 -11.74 11.15
C PRO D 97 -2.09 -10.41 11.58
N LEU D 98 -2.23 -9.50 10.61
CA LEU D 98 -2.41 -8.10 10.97
C LEU D 98 -3.84 -7.77 11.40
N GLY D 99 -4.79 -7.86 10.47
CA GLY D 99 -6.11 -7.34 10.75
C GLY D 99 -6.94 -8.23 11.64
N THR D 100 -6.77 -9.53 11.52
CA THR D 100 -7.54 -10.45 12.33
C THR D 100 -6.93 -10.53 13.73
N PRO D 101 -7.77 -10.70 14.77
CA PRO D 101 -7.27 -10.88 16.14
C PRO D 101 -6.45 -12.14 16.32
C1 NAG E . -8.09 9.83 -11.27
C2 NAG E . -9.16 9.92 -12.36
C3 NAG E . -8.75 9.10 -13.58
C4 NAG E . -7.32 9.43 -14.03
C5 NAG E . -6.38 9.33 -12.83
C6 NAG E . -4.96 9.71 -13.15
C7 NAG E . -11.62 9.89 -12.28
C8 NAG E . -12.81 9.29 -11.63
N2 NAG E . -10.43 9.45 -11.84
O3 NAG E . -9.65 9.33 -14.64
O4 NAG E . -6.91 8.48 -15.02
O5 NAG E . -6.83 10.21 -11.80
O6 NAG E . -4.09 9.32 -12.09
O7 NAG E . -11.71 10.72 -13.17
C1 NAG E . -6.75 9.07 -16.32
C2 NAG E . -6.00 8.06 -17.17
C3 NAG E . -5.85 8.57 -18.61
C4 NAG E . -7.19 9.01 -19.18
C5 NAG E . -7.88 9.98 -18.23
C6 NAG E . -9.28 10.34 -18.67
C7 NAG E . -4.37 6.59 -16.01
C8 NAG E . -5.45 5.54 -15.97
N2 NAG E . -4.69 7.75 -16.60
O3 NAG E . -5.29 7.54 -19.42
O4 NAG E . -6.98 9.64 -20.44
O5 NAG E . -8.00 9.40 -16.93
O6 NAG E . -10.21 9.33 -18.30
O7 NAG E . -3.26 6.38 -15.55
C1 NAG F . -13.27 3.67 24.85
C2 NAG F . -13.90 3.80 26.21
C3 NAG F . -15.27 3.14 26.22
C4 NAG F . -16.15 3.67 25.09
C5 NAG F . -15.41 3.59 23.77
C6 NAG F . -16.14 4.27 22.64
C7 NAG F . -12.64 3.90 28.33
C8 NAG F . -13.14 5.30 28.49
N2 NAG F . -13.04 3.25 27.23
O3 NAG F . -15.86 3.40 27.49
O4 NAG F . -17.33 2.89 25.00
O5 NAG F . -14.12 4.24 23.86
O6 NAG F . -17.03 5.26 23.13
O7 NAG F . -11.91 3.37 29.16
C1 NAG F . -18.46 3.52 25.61
C2 NAG F . -19.71 2.84 25.05
C3 NAG F . -20.96 3.37 25.72
C4 NAG F . -20.83 3.31 27.24
C5 NAG F . -19.55 3.99 27.68
C6 NAG F . -19.29 3.88 29.16
C7 NAG F . -20.04 2.04 22.77
C8 NAG F . -20.11 2.39 21.32
N2 NAG F . -19.79 3.03 23.62
O3 NAG F . -22.07 2.60 25.30
O4 NAG F . -21.92 4.02 27.81
O5 NAG F . -18.43 3.38 27.01
O6 NAG F . -20.24 4.62 29.90
O7 NAG F . -20.22 0.89 23.16
C1 BMA F . -22.85 3.14 28.47
C2 BMA F . -23.90 4.08 29.03
C3 BMA F . -24.96 3.27 29.75
C4 BMA F . -25.55 2.18 28.84
C5 BMA F . -24.42 1.33 28.23
C6 BMA F . -24.89 0.32 27.20
O2 BMA F . -24.58 4.73 27.97
O3 BMA F . -26.00 4.12 30.24
O4 BMA F . -26.40 1.32 29.59
O5 BMA F . -23.46 2.21 27.59
O6 BMA F . -26.18 0.71 26.72
C1 BMA F . -26.04 4.01 31.68
C2 BMA F . -25.22 5.18 32.30
C3 BMA F . -25.35 5.15 33.83
C4 BMA F . -26.83 5.03 34.28
C5 BMA F . -27.48 3.84 33.59
C6 BMA F . -28.94 3.69 33.96
O2 BMA F . -25.73 6.43 31.87
O3 BMA F . -24.73 6.27 34.41
O4 BMA F . -26.89 4.85 35.69
O5 BMA F . -27.39 4.05 32.17
O6 BMA F . -29.01 3.56 35.38
C1 BMA F . -26.47 0.01 25.49
C2 BMA F . -27.73 -0.90 25.72
C3 BMA F . -29.06 -0.10 25.60
C4 BMA F . -28.97 1.24 24.81
C5 BMA F . -27.88 1.14 23.73
C6 BMA F . -27.79 2.39 22.88
O2 BMA F . -27.72 -1.45 27.02
O3 BMA F . -29.65 0.13 26.88
O4 BMA F . -30.21 1.55 24.22
O5 BMA F . -26.57 0.94 24.37
O6 BMA F . -29.10 2.86 22.63
C1 NAG G . -11.79 21.25 45.32
C2 NAG G . -11.07 20.28 46.26
C3 NAG G . -12.00 19.14 46.68
C4 NAG G . -13.28 19.72 47.29
C5 NAG G . -13.91 20.72 46.32
C6 NAG G . -15.08 21.45 46.93
C7 NAG G . -9.65 19.05 44.59
C8 NAG G . -8.24 18.66 44.28
N2 NAG G . -9.81 19.76 45.71
O3 NAG G . -11.33 18.31 47.62
O4 NAG G . -14.22 18.68 47.54
O5 NAG G . -12.96 21.73 45.96
O6 NAG G . -14.80 21.79 48.27
O7 NAG G . -10.58 18.72 43.85
C1 NAG G . -14.36 18.45 48.95
C2 NAG G . -15.62 17.61 49.19
C3 NAG G . -15.25 16.26 49.81
C4 NAG G . -14.43 16.44 51.08
C5 NAG G . -13.32 17.46 50.87
C6 NAG G . -11.97 16.94 51.28
C7 NAG G . -17.87 18.45 49.76
C8 NAG G . -18.36 17.83 48.48
N2 NAG G . -16.57 18.31 50.04
O3 NAG G . -14.50 15.51 48.86
O4 NAG G . -15.27 16.87 52.14
O5 NAG G . -13.22 17.77 49.47
O6 NAG G . -11.25 16.45 50.15
O7 NAG G . -18.63 19.05 50.51
C1 NAG H . 4.08 40.26 10.51
C2 NAG H . 5.32 41.17 10.69
C3 NAG H . 4.99 42.57 10.17
C4 NAG H . 4.43 42.53 8.75
C5 NAG H . 3.30 41.52 8.64
C6 NAG H . 2.84 41.31 7.22
C7 NAG H . 6.78 40.59 12.57
C8 NAG H . 7.06 40.80 14.02
N2 NAG H . 5.73 41.24 12.08
O3 NAG H . 6.16 43.37 10.21
O4 NAG H . 3.90 43.80 8.42
O5 NAG H . 3.72 40.24 9.14
O6 NAG H . 2.08 42.42 6.77
O7 NAG H . 7.47 39.86 11.87
C1 NAG H . 4.69 44.48 7.45
C2 NAG H . 3.91 45.72 7.04
C3 NAG H . 4.73 46.56 6.05
C4 NAG H . 6.09 46.88 6.64
C5 NAG H . 6.79 45.59 7.06
C6 NAG H . 8.10 45.85 7.77
C7 NAG H . 1.44 45.50 7.04
C8 NAG H . 1.45 46.11 8.41
N2 NAG H . 2.63 45.34 6.44
O3 NAG H . 4.02 47.75 5.75
O4 NAG H . 6.88 47.56 5.67
O5 NAG H . 5.96 44.87 7.98
O6 NAG H . 8.19 45.07 8.96
O7 NAG H . 0.40 45.16 6.49
C1 NAG I . 1.51 28.57 -3.02
C2 NAG I . 2.05 27.38 -3.80
C3 NAG I . 3.33 27.76 -4.53
C4 NAG I . 3.13 29.02 -5.37
C5 NAG I . 2.52 30.14 -4.52
C6 NAG I . 2.13 31.36 -5.32
C7 NAG I . 1.65 25.10 -2.98
C8 NAG I . 2.04 24.05 -1.99
N2 NAG I . 2.30 26.25 -2.91
O3 NAG I . 3.73 26.69 -5.37
O4 NAG I . 4.41 29.46 -5.82
O5 NAG I . 1.32 29.67 -3.90
O6 NAG I . 1.10 31.07 -6.25
O7 NAG I . 0.78 24.89 -3.83
C1 NAG I . 4.53 29.41 -7.27
C2 NAG I . 5.97 29.86 -7.63
C3 NAG I . 6.26 29.73 -9.14
C4 NAG I . 5.84 28.37 -9.66
C5 NAG I . 4.40 28.07 -9.26
C6 NAG I . 3.94 26.69 -9.70
C7 NAG I . 6.04 32.43 -7.17
C8 NAG I . 4.89 32.79 -8.10
N2 NAG I . 6.44 31.13 -7.04
O3 NAG I . 7.64 29.95 -9.39
O4 NAG I . 5.95 28.34 -11.07
O5 NAG I . 4.28 28.10 -7.83
O6 NAG I . 4.17 25.72 -8.69
O7 NAG I . 6.61 33.31 -6.54
C1 NAG J . 0.51 19.68 5.77
C2 NAG J . -0.22 19.96 4.47
C3 NAG J . 0.03 18.85 3.46
C4 NAG J . 1.53 18.60 3.28
C5 NAG J . 2.19 18.37 4.64
C6 NAG J . 3.69 18.29 4.54
C7 NAG J . -2.37 21.12 4.20
C8 NAG J . -3.83 21.12 4.52
N2 NAG J . -1.65 20.11 4.69
O3 NAG J . -0.55 19.23 2.22
O4 NAG J . 1.73 17.44 2.48
O5 NAG J . 1.89 19.47 5.50
O6 NAG J . 4.24 19.59 4.46
O7 NAG J . -1.85 21.99 3.52
C1 NAG J . 2.19 17.79 1.16
C2 NAG J . 3.03 16.65 0.60
C3 NAG J . 3.46 16.97 -0.83
C4 NAG J . 2.25 17.26 -1.70
C5 NAG J . 1.41 18.38 -1.08
C6 NAG J . 0.11 18.59 -1.82
C7 NAG J . 4.18 15.48 2.41
C8 NAG J . 5.47 15.35 3.18
N2 NAG J . 4.18 16.40 1.43
O3 NAG J . 4.18 15.86 -1.35
O4 NAG J . 2.66 17.65 -3.00
O5 NAG J . 1.06 18.05 0.27
O6 NAG J . -0.53 17.36 -2.11
O7 NAG J . 3.20 14.80 2.67
C1 NAG K . -10.42 26.80 50.02
C2 NAG K . -9.94 25.86 51.11
C3 NAG K . -8.73 26.45 51.82
C4 NAG K . -7.64 26.81 50.82
C5 NAG K . -8.20 27.73 49.74
C6 NAG K . -7.21 28.03 48.64
C7 NAG K . -11.70 24.44 52.04
C8 NAG K . -12.76 24.31 53.09
N2 NAG K . -10.99 25.57 52.06
O3 NAG K . -8.22 25.52 52.76
O4 NAG K . -6.57 27.48 51.49
O5 NAG K . -9.33 27.11 49.11
O6 NAG K . -7.20 27.00 47.66
O7 NAG K . -11.49 23.56 51.21
C1 NAG L . -24.54 37.14 8.42
C2 NAG L . -24.67 36.97 6.90
C3 NAG L . -26.14 36.81 6.48
C4 NAG L . -26.79 35.68 7.26
C5 NAG L . -26.60 35.90 8.77
C6 NAG L . -27.12 34.75 9.60
C7 NAG L . -24.31 39.36 6.17
C8 NAG L . -23.47 40.21 5.28
N2 NAG L . -24.01 38.04 6.14
O3 NAG L . -26.20 36.54 5.10
O4 NAG L . -28.18 35.63 6.97
O5 NAG L . -25.20 36.04 9.07
O6 NAG L . -26.06 34.07 10.24
O7 NAG L . -25.20 39.83 6.86
C1 NAG M . -1.21 54.53 35.53
C2 NAG M . -0.10 55.52 35.89
C3 NAG M . 1.09 54.77 36.51
C4 NAG M . 0.63 53.88 37.65
C5 NAG M . -0.49 52.97 37.19
C6 NAG M . -1.06 52.11 38.31
C7 NAG M . 0.86 57.50 34.80
C8 NAG M . 1.25 58.12 33.48
N2 NAG M . 0.32 56.28 34.72
O3 NAG M . 2.04 55.72 37.01
O4 NAG M . 1.72 53.08 38.11
O5 NAG M . -1.57 53.77 36.69
O6 NAG M . -0.11 51.91 39.34
O7 NAG M . 1.03 58.07 35.86
C1 NAG N . 17.49 31.89 35.15
C2 NAG N . 18.42 30.80 34.55
C3 NAG N . 19.90 31.09 34.84
C4 NAG N . 20.25 32.52 34.46
C5 NAG N . 19.27 33.51 35.09
C6 NAG N . 19.51 34.94 34.63
C7 NAG N . 17.91 28.60 35.85
C8 NAG N . 18.21 29.17 37.23
N2 NAG N . 18.03 29.39 34.76
O3 NAG N . 20.70 30.18 34.10
O4 NAG N . 21.57 32.83 34.88
O5 NAG N . 17.92 33.19 34.71
O6 NAG N . 19.18 35.86 35.65
O7 NAG N . 17.56 27.43 35.74
C1 NAG O . -16.36 18.98 -12.72
C2 NAG O . -15.16 19.93 -12.59
C3 NAG O . -15.50 21.28 -13.23
C4 NAG O . -15.97 21.11 -14.66
C5 NAG O . -17.16 20.17 -14.69
C6 NAG O . -17.64 19.86 -16.10
C7 NAG O . -13.87 19.30 -10.60
C8 NAG O . -13.58 19.62 -9.17
N2 NAG O . -14.76 20.09 -11.21
O3 NAG O . -14.35 22.11 -13.19
O4 NAG O . -16.34 22.36 -15.20
O5 NAG O . -16.80 18.91 -14.10
O6 NAG O . -16.53 19.61 -16.97
O7 NAG O . -13.34 18.36 -11.18
C1 NAG P . 21.68 46.60 12.92
C2 NAG P . 22.52 47.78 13.39
C3 NAG P . 23.67 48.06 12.41
C4 NAG P . 24.48 46.80 12.15
C5 NAG P . 23.56 45.69 11.65
C6 NAG P . 24.27 44.38 11.46
C7 NAG P . 21.20 49.31 14.75
C8 NAG P . 20.39 50.58 14.77
N2 NAG P . 21.72 48.97 13.58
O3 NAG P . 24.52 49.04 12.98
O4 NAG P . 25.48 47.05 11.18
O5 NAG P . 22.53 45.46 12.63
O6 NAG P . 24.35 43.64 12.67
O7 NAG P . 21.36 48.64 15.75
O12 PC1 Q . 3.43 -9.20 -12.80
P PC1 Q . 2.37 -9.55 -11.79
O14 PC1 Q . 0.93 -9.23 -12.04
O13 PC1 Q . 2.85 -8.91 -10.39
C11 PC1 Q . 3.35 -7.54 -10.38
C12 PC1 Q . 2.37 -6.54 -10.91
N PC1 Q . 1.35 -5.99 -9.94
C13 PC1 Q . 0.34 -7.02 -9.58
C14 PC1 Q . 2.02 -5.53 -8.70
C15 PC1 Q . 0.65 -4.83 -10.56
O11 PC1 Q . 2.48 -11.12 -11.50
C1 PC1 Q . 1.35 -11.81 -10.90
C2 PC1 Q . 1.69 -13.27 -10.74
O21 PC1 Q . 2.64 -13.43 -9.65
C21 PC1 Q . 2.15 -13.75 -8.43
O22 PC1 Q . 0.99 -13.63 -8.14
C22 PC1 Q . 3.21 -14.32 -7.53
C23 PC1 Q . 3.25 -15.82 -7.53
C24 PC1 Q . 3.63 -16.41 -8.88
C25 PC1 Q . 4.93 -15.87 -9.43
C26 PC1 Q . 5.27 -16.36 -10.82
C27 PC1 Q . 5.29 -17.86 -10.96
C28 PC1 Q . 5.87 -18.35 -12.25
C29 PC1 Q . 7.33 -18.01 -12.43
C2A PC1 Q . 7.92 -18.48 -13.74
C2B PC1 Q . 7.78 -19.96 -13.99
C3 PC1 Q . 2.33 -13.90 -11.97
O31 PC1 Q . 1.36 -13.94 -13.03
C31 PC1 Q . 1.69 -14.44 -14.22
O32 PC1 Q . 1.08 -14.18 -15.23
C32 PC1 Q . 2.85 -15.40 -14.19
C33 PC1 Q . 3.14 -15.99 -15.53
C34 PC1 Q . 4.44 -16.78 -15.57
C35 PC1 Q . 4.77 -17.33 -16.94
C36 PC1 Q . 6.08 -18.08 -17.02
C37 PC1 Q . 6.36 -18.68 -18.37
C38 PC1 Q . 7.64 -19.47 -18.46
C1 CLR R . -5.51 -6.47 -45.95
C2 CLR R . -4.97 -7.83 -46.42
C3 CLR R . -3.46 -7.84 -46.43
C4 CLR R . -2.93 -7.51 -45.05
C5 CLR R . -3.48 -6.19 -44.54
C6 CLR R . -2.65 -5.24 -44.13
C7 CLR R . -3.09 -3.96 -43.49
C8 CLR R . -4.58 -3.94 -43.15
C9 CLR R . -5.38 -4.55 -44.30
C10 CLR R . -5.00 -6.04 -44.56
C11 CLR R . -6.89 -4.37 -44.08
C12 CLR R . -7.29 -2.91 -43.76
C13 CLR R . -6.54 -2.37 -42.54
C14 CLR R . -5.05 -2.52 -42.89
C15 CLR R . -4.35 -1.69 -41.82
C16 CLR R . -5.21 -0.42 -41.81
C17 CLR R . -6.64 -0.84 -42.26
C18 CLR R . -6.92 -3.15 -41.28
C19 CLR R . -5.56 -6.98 -43.48
C20 CLR R . -7.74 -0.30 -41.32
C21 CLR R . -9.13 -0.26 -41.95
C22 CLR R . -7.37 1.08 -40.75
C23 CLR R . -8.11 1.49 -39.51
C24 CLR R . -7.82 2.91 -39.09
C25 CLR R . -8.52 3.38 -37.82
C26 CLR R . -7.99 2.65 -36.60
C27 CLR R . -8.40 4.88 -37.63
O1 CLR R . -2.99 -9.14 -46.84
C1 CLR S . -0.52 -31.42 -54.39
C2 CLR S . -0.01 -32.85 -54.60
C3 CLR S . 1.48 -32.89 -54.83
C4 CLR S . 2.19 -32.23 -53.67
C5 CLR S . 1.70 -30.82 -53.43
C6 CLR S . 2.55 -29.80 -53.37
C7 CLR S . 2.17 -28.39 -53.04
C8 CLR S . 0.76 -28.27 -52.49
C9 CLR S . -0.21 -29.15 -53.31
C10 CLR S . 0.19 -30.66 -53.24
C11 CLR S . -1.68 -28.91 -52.90
C12 CLR S . -2.07 -27.43 -52.89
C13 CLR S . -1.14 -26.60 -51.99
C14 CLR S . 0.27 -26.83 -52.55
C15 CLR S . 1.14 -25.72 -51.96
C16 CLR S . 0.16 -24.61 -51.58
C17 CLR S . -1.24 -25.05 -52.11
C18 CLR S . -1.29 -27.01 -50.52
C19 CLR S . -0.19 -31.30 -51.89
C20 CLR S . -2.41 -24.29 -51.46
C21 CLR S . -3.60 -24.09 -52.38
C22 CLR S . -1.97 -22.96 -50.83
C23 CLR S . -2.68 -22.59 -49.56
C24 CLR S . -2.03 -21.43 -48.84
C25 CLR S . -2.61 -21.11 -47.48
C26 CLR S . -4.09 -20.81 -47.55
C27 CLR S . -1.88 -19.95 -46.83
O1 CLR S . 1.92 -34.25 -54.96
C1 CLR T . -14.67 -16.44 -29.49
C2 CLR T . -13.57 -17.43 -29.85
C3 CLR T . -14.11 -18.65 -30.54
C4 CLR T . -14.88 -18.23 -31.79
C5 CLR T . -15.95 -17.21 -31.48
C6 CLR T . -17.20 -17.40 -31.88
C7 CLR T . -18.29 -16.39 -31.76
C8 CLR T . -17.77 -15.01 -31.34
C9 CLR T . -16.74 -15.17 -30.21
C10 CLR T . -15.50 -15.98 -30.70
C11 CLR T . -16.35 -13.82 -29.59
C12 CLR T . -17.55 -12.95 -29.21
C13 CLR T . -18.48 -12.70 -30.41
C14 CLR T . -18.91 -14.11 -30.88
C15 CLR T . -20.04 -13.82 -31.86
C16 CLR T . -20.84 -12.73 -31.11
C17 CLR T . -19.87 -12.05 -30.12
C18 CLR T . -17.76 -11.92 -31.51
C19 CLR T . -14.63 -15.13 -31.65
C20 CLR T . -20.01 -10.52 -30.10
C21 CLR T . -19.43 -9.85 -28.86
C22 CLR T . -21.47 -10.10 -30.29
C23 CLR T . -21.70 -8.64 -30.61
C24 CLR T . -23.13 -8.34 -30.97
C25 CLR T . -24.17 -8.63 -29.89
C26 CLR T . -25.59 -8.42 -30.42
C27 CLR T . -23.94 -7.78 -28.66
O1 CLR T . -13.04 -19.54 -30.91
#